data_3MOK
# 
_entry.id   3MOK 
# 
_audit_conform.dict_name       mmcif_pdbx.dic 
_audit_conform.dict_version    5.379 
_audit_conform.dict_location   http://mmcif.pdb.org/dictionaries/ascii/mmcif_pdbx.dic 
# 
loop_
_database_2.database_id 
_database_2.database_code 
_database_2.pdbx_database_accession 
_database_2.pdbx_DOI 
PDB   3MOK         pdb_00003mok 10.2210/pdb3mok/pdb 
RCSB  RCSB058804   ?            ?                   
WWPDB D_1000058804 ?            ?                   
# 
loop_
_pdbx_database_related.db_name 
_pdbx_database_related.db_id 
_pdbx_database_related.details 
_pdbx_database_related.content_type 
PDB 3MOL 'Structure of dimeric holo HasAp H32A Mutant'                          unspecified 
PDB 3MOM 'Structure of dimeric holo HasAp H32A Mutant complexed with imidazole' unspecified 
# 
_pdbx_database_status.entry_id                        3MOK 
_pdbx_database_status.status_code                     REL 
_pdbx_database_status.deposit_site                    RCSB 
_pdbx_database_status.process_site                    RCSB 
_pdbx_database_status.recvd_initial_deposition_date   2010-04-22 
_pdbx_database_status.status_code_sf                  REL 
_pdbx_database_status.status_code_mr                  ? 
_pdbx_database_status.SG_entry                        ? 
_pdbx_database_status.pdb_format_compatible           Y 
_pdbx_database_status.status_code_cs                  ? 
_pdbx_database_status.methods_development_category    ? 
_pdbx_database_status.status_code_nmr_data            ? 
# 
loop_
_audit_author.name 
_audit_author.pdbx_ordinal 
'Lovell, S.'        1  
'Battaile, K.P.'    2  
'Jepkorir, G.'      3  
'Rodriguez, J.C.'   4  
'Rui, H.'           5  
'Im, W.'            6  
'Alontaga, A.Y.'    7  
'Yukl, E.'          8  
'Moenne-Loccoz, P.' 9  
'Rivera, M.'        10 
# 
_citation.id                        primary 
_citation.title                     
'Structural, NMR Spectroscopic, and Computational Investigation of Hemin Loading in the Hemophore HasAp from Pseudomonas aeruginosa.' 
_citation.journal_abbrev            J.Am.Chem.Soc. 
_citation.journal_volume            132 
_citation.page_first                9857 
_citation.page_last                 9872 
_citation.year                      2010 
_citation.journal_id_ASTM           JACSAT 
_citation.country                   US 
_citation.journal_id_ISSN           0002-7863 
_citation.journal_id_CSD            0004 
_citation.book_publisher            ? 
_citation.pdbx_database_id_PubMed   20572666 
_citation.pdbx_database_id_DOI      10.1021/ja103498z 
# 
loop_
_citation_author.citation_id 
_citation_author.name 
_citation_author.ordinal 
_citation_author.identifier_ORCID 
primary 'Jepkorir, G.'    1 ? 
primary 'Rodriguez, J.C.' 2 ? 
primary 'Rui, H.'         3 ? 
primary 'Im, W.'          4 ? 
primary 'Lovell, S.'      5 ? 
primary 'Battaile, K.P.'  6 ? 
primary 'Alontaga, A.Y.'  7 ? 
primary 'Yukl, E.T.'      8 ? 
primary 'Rivera, M.'      9 ? 
# 
_cell.length_a           32.984 
_cell.length_b           65.247 
_cell.length_c           38.343 
_cell.angle_alpha        90.000 
_cell.angle_beta         110.480 
_cell.angle_gamma        90.000 
_cell.entry_id           3MOK 
_cell.pdbx_unique_axis   ? 
_cell.Z_PDB              2 
_cell.length_a_esd       ? 
_cell.length_b_esd       ? 
_cell.length_c_esd       ? 
_cell.angle_alpha_esd    ? 
_cell.angle_beta_esd     ? 
_cell.angle_gamma_esd    ? 
# 
_symmetry.space_group_name_H-M             'P 1 21 1' 
_symmetry.entry_id                         3MOK 
_symmetry.Int_Tables_number                4 
_symmetry.pdbx_full_space_group_name_H-M   ? 
_symmetry.cell_setting                     ? 
_symmetry.space_group_name_Hall            ? 
# 
loop_
_entity.id 
_entity.type 
_entity.src_method 
_entity.pdbx_description 
_entity.formula_weight 
_entity.pdbx_number_of_molecules 
_entity.pdbx_ec 
_entity.pdbx_mutation 
_entity.pdbx_fragment 
_entity.details 
1 polymer     man 'Heme acquisition protein HasAp' 18901.535 1   ? ? 'UNP Residues 1-184' ? 
2 non-polymer syn 'SODIUM ION'                     22.990    1   ? ? ?                    ? 
3 non-polymer syn 'PHOSPHATE ION'                  94.971    1   ? ? ?                    ? 
4 water       nat water                            18.015    158 ? ? ?                    ? 
# 
_entity_poly.entity_id                      1 
_entity_poly.type                           'polypeptide(L)' 
_entity_poly.nstd_linkage                   no 
_entity_poly.nstd_monomer                   no 
_entity_poly.pdbx_seq_one_letter_code       
;MSISISYSTTYSGWTVADYLADWSAYFGDVNHRPGQVVDGSNTGGFNPGPFDGSQYALKSTASDAAFIAGGDLHYTLFSN
PSHTLWGKLDSIALGDTLTGGASSGGYALDSQEVSFSNLGLDSPIAQGRDGTVHKVVYGLMSGDSSALQGQIDALLKAVD
PSLSINSTFDQLAAAGVAHATPAA
;
_entity_poly.pdbx_seq_one_letter_code_can   
;MSISISYSTTYSGWTVADYLADWSAYFGDVNHRPGQVVDGSNTGGFNPGPFDGSQYALKSTASDAAFIAGGDLHYTLFSN
PSHTLWGKLDSIALGDTLTGGASSGGYALDSQEVSFSNLGLDSPIAQGRDGTVHKVVYGLMSGDSSALQGQIDALLKAVD
PSLSINSTFDQLAAAGVAHATPAA
;
_entity_poly.pdbx_strand_id                 A 
_entity_poly.pdbx_target_identifier         ? 
# 
loop_
_entity_poly_seq.entity_id 
_entity_poly_seq.num 
_entity_poly_seq.mon_id 
_entity_poly_seq.hetero 
1 1   MET n 
1 2   SER n 
1 3   ILE n 
1 4   SER n 
1 5   ILE n 
1 6   SER n 
1 7   TYR n 
1 8   SER n 
1 9   THR n 
1 10  THR n 
1 11  TYR n 
1 12  SER n 
1 13  GLY n 
1 14  TRP n 
1 15  THR n 
1 16  VAL n 
1 17  ALA n 
1 18  ASP n 
1 19  TYR n 
1 20  LEU n 
1 21  ALA n 
1 22  ASP n 
1 23  TRP n 
1 24  SER n 
1 25  ALA n 
1 26  TYR n 
1 27  PHE n 
1 28  GLY n 
1 29  ASP n 
1 30  VAL n 
1 31  ASN n 
1 32  HIS n 
1 33  ARG n 
1 34  PRO n 
1 35  GLY n 
1 36  GLN n 
1 37  VAL n 
1 38  VAL n 
1 39  ASP n 
1 40  GLY n 
1 41  SER n 
1 42  ASN n 
1 43  THR n 
1 44  GLY n 
1 45  GLY n 
1 46  PHE n 
1 47  ASN n 
1 48  PRO n 
1 49  GLY n 
1 50  PRO n 
1 51  PHE n 
1 52  ASP n 
1 53  GLY n 
1 54  SER n 
1 55  GLN n 
1 56  TYR n 
1 57  ALA n 
1 58  LEU n 
1 59  LYS n 
1 60  SER n 
1 61  THR n 
1 62  ALA n 
1 63  SER n 
1 64  ASP n 
1 65  ALA n 
1 66  ALA n 
1 67  PHE n 
1 68  ILE n 
1 69  ALA n 
1 70  GLY n 
1 71  GLY n 
1 72  ASP n 
1 73  LEU n 
1 74  HIS n 
1 75  TYR n 
1 76  THR n 
1 77  LEU n 
1 78  PHE n 
1 79  SER n 
1 80  ASN n 
1 81  PRO n 
1 82  SER n 
1 83  HIS n 
1 84  THR n 
1 85  LEU n 
1 86  TRP n 
1 87  GLY n 
1 88  LYS n 
1 89  LEU n 
1 90  ASP n 
1 91  SER n 
1 92  ILE n 
1 93  ALA n 
1 94  LEU n 
1 95  GLY n 
1 96  ASP n 
1 97  THR n 
1 98  LEU n 
1 99  THR n 
1 100 GLY n 
1 101 GLY n 
1 102 ALA n 
1 103 SER n 
1 104 SER n 
1 105 GLY n 
1 106 GLY n 
1 107 TYR n 
1 108 ALA n 
1 109 LEU n 
1 110 ASP n 
1 111 SER n 
1 112 GLN n 
1 113 GLU n 
1 114 VAL n 
1 115 SER n 
1 116 PHE n 
1 117 SER n 
1 118 ASN n 
1 119 LEU n 
1 120 GLY n 
1 121 LEU n 
1 122 ASP n 
1 123 SER n 
1 124 PRO n 
1 125 ILE n 
1 126 ALA n 
1 127 GLN n 
1 128 GLY n 
1 129 ARG n 
1 130 ASP n 
1 131 GLY n 
1 132 THR n 
1 133 VAL n 
1 134 HIS n 
1 135 LYS n 
1 136 VAL n 
1 137 VAL n 
1 138 TYR n 
1 139 GLY n 
1 140 LEU n 
1 141 MET n 
1 142 SER n 
1 143 GLY n 
1 144 ASP n 
1 145 SER n 
1 146 SER n 
1 147 ALA n 
1 148 LEU n 
1 149 GLN n 
1 150 GLY n 
1 151 GLN n 
1 152 ILE n 
1 153 ASP n 
1 154 ALA n 
1 155 LEU n 
1 156 LEU n 
1 157 LYS n 
1 158 ALA n 
1 159 VAL n 
1 160 ASP n 
1 161 PRO n 
1 162 SER n 
1 163 LEU n 
1 164 SER n 
1 165 ILE n 
1 166 ASN n 
1 167 SER n 
1 168 THR n 
1 169 PHE n 
1 170 ASP n 
1 171 GLN n 
1 172 LEU n 
1 173 ALA n 
1 174 ALA n 
1 175 ALA n 
1 176 GLY n 
1 177 VAL n 
1 178 ALA n 
1 179 HIS n 
1 180 ALA n 
1 181 THR n 
1 182 PRO n 
1 183 ALA n 
1 184 ALA n 
# 
_entity_src_gen.entity_id                          1 
_entity_src_gen.pdbx_src_id                        1 
_entity_src_gen.pdbx_alt_source_flag               sample 
_entity_src_gen.pdbx_seq_type                      ? 
_entity_src_gen.pdbx_beg_seq_num                   ? 
_entity_src_gen.pdbx_end_seq_num                   ? 
_entity_src_gen.gene_src_common_name               ? 
_entity_src_gen.gene_src_genus                     ? 
_entity_src_gen.pdbx_gene_src_gene                 'hasAp, PA14_20020' 
_entity_src_gen.gene_src_species                   ? 
_entity_src_gen.gene_src_strain                    PAO1 
_entity_src_gen.gene_src_tissue                    ? 
_entity_src_gen.gene_src_tissue_fraction           ? 
_entity_src_gen.gene_src_details                   ? 
_entity_src_gen.pdbx_gene_src_fragment             ? 
_entity_src_gen.pdbx_gene_src_scientific_name      'Pseudomonas aeruginosa' 
_entity_src_gen.pdbx_gene_src_ncbi_taxonomy_id     208964 
_entity_src_gen.pdbx_gene_src_variant              ? 
_entity_src_gen.pdbx_gene_src_cell_line            ? 
_entity_src_gen.pdbx_gene_src_atcc                 ? 
_entity_src_gen.pdbx_gene_src_organ                ? 
_entity_src_gen.pdbx_gene_src_organelle            ? 
_entity_src_gen.pdbx_gene_src_cell                 ? 
_entity_src_gen.pdbx_gene_src_cellular_location    ? 
_entity_src_gen.host_org_common_name               ? 
_entity_src_gen.pdbx_host_org_scientific_name      'Escherichia coli' 
_entity_src_gen.pdbx_host_org_ncbi_taxonomy_id     469008 
_entity_src_gen.host_org_genus                     ? 
_entity_src_gen.pdbx_host_org_gene                 ? 
_entity_src_gen.pdbx_host_org_organ                ? 
_entity_src_gen.host_org_species                   ? 
_entity_src_gen.pdbx_host_org_tissue               ? 
_entity_src_gen.pdbx_host_org_tissue_fraction      ? 
_entity_src_gen.pdbx_host_org_strain               'BL21-GOLD (DE3)' 
_entity_src_gen.pdbx_host_org_variant              ? 
_entity_src_gen.pdbx_host_org_cell_line            ? 
_entity_src_gen.pdbx_host_org_atcc                 ? 
_entity_src_gen.pdbx_host_org_culture_collection   ? 
_entity_src_gen.pdbx_host_org_cell                 ? 
_entity_src_gen.pdbx_host_org_organelle            ? 
_entity_src_gen.pdbx_host_org_cellular_location    ? 
_entity_src_gen.pdbx_host_org_vector_type          plasmid 
_entity_src_gen.pdbx_host_org_vector               ? 
_entity_src_gen.host_org_details                   ? 
_entity_src_gen.expression_system_id               ? 
_entity_src_gen.plasmid_name                       pET11a 
_entity_src_gen.plasmid_details                    ? 
_entity_src_gen.pdbx_description                   ? 
# 
_struct_ref.id                         1 
_struct_ref.db_name                    UNP 
_struct_ref.db_code                    Q02QP5_PSEAB 
_struct_ref.pdbx_db_accession          Q02QP5 
_struct_ref.entity_id                  1 
_struct_ref.pdbx_seq_one_letter_code   
;MSISISYSTTYSGWTVADYLADWSAYFGDVNHRPGQVVDGSNTGGFNPGPFDGSQYALKSTASDAAFIAGGDLHYTLFSN
PSHTLWGKLDSIALGDTLTGGASSGGYALDSQEVSFSNLGLDSPIAQGRDGTVHKVVYGLMSGDSSALQGQIDALLKAVD
PSLSINSTFDQLAAAGVAHATPAA
;
_struct_ref.pdbx_align_begin           1 
_struct_ref.pdbx_db_isoform            ? 
# 
_struct_ref_seq.align_id                      1 
_struct_ref_seq.ref_id                        1 
_struct_ref_seq.pdbx_PDB_id_code              3MOK 
_struct_ref_seq.pdbx_strand_id                A 
_struct_ref_seq.seq_align_beg                 1 
_struct_ref_seq.pdbx_seq_align_beg_ins_code   ? 
_struct_ref_seq.seq_align_end                 184 
_struct_ref_seq.pdbx_seq_align_end_ins_code   ? 
_struct_ref_seq.pdbx_db_accession             Q02QP5 
_struct_ref_seq.db_align_beg                  1 
_struct_ref_seq.pdbx_db_align_beg_ins_code    ? 
_struct_ref_seq.db_align_end                  184 
_struct_ref_seq.pdbx_db_align_end_ins_code    ? 
_struct_ref_seq.pdbx_auth_seq_align_beg       1 
_struct_ref_seq.pdbx_auth_seq_align_end       184 
# 
loop_
_chem_comp.id 
_chem_comp.type 
_chem_comp.mon_nstd_flag 
_chem_comp.name 
_chem_comp.pdbx_synonyms 
_chem_comp.formula 
_chem_comp.formula_weight 
ALA 'L-peptide linking' y ALANINE         ? 'C3 H7 N O2'     89.093  
ARG 'L-peptide linking' y ARGININE        ? 'C6 H15 N4 O2 1' 175.209 
ASN 'L-peptide linking' y ASPARAGINE      ? 'C4 H8 N2 O3'    132.118 
ASP 'L-peptide linking' y 'ASPARTIC ACID' ? 'C4 H7 N O4'     133.103 
GLN 'L-peptide linking' y GLUTAMINE       ? 'C5 H10 N2 O3'   146.144 
GLU 'L-peptide linking' y 'GLUTAMIC ACID' ? 'C5 H9 N O4'     147.129 
GLY 'peptide linking'   y GLYCINE         ? 'C2 H5 N O2'     75.067  
HIS 'L-peptide linking' y HISTIDINE       ? 'C6 H10 N3 O2 1' 156.162 
HOH non-polymer         . WATER           ? 'H2 O'           18.015  
ILE 'L-peptide linking' y ISOLEUCINE      ? 'C6 H13 N O2'    131.173 
LEU 'L-peptide linking' y LEUCINE         ? 'C6 H13 N O2'    131.173 
LYS 'L-peptide linking' y LYSINE          ? 'C6 H15 N2 O2 1' 147.195 
MET 'L-peptide linking' y METHIONINE      ? 'C5 H11 N O2 S'  149.211 
NA  non-polymer         . 'SODIUM ION'    ? 'Na 1'           22.990  
PHE 'L-peptide linking' y PHENYLALANINE   ? 'C9 H11 N O2'    165.189 
PO4 non-polymer         . 'PHOSPHATE ION' ? 'O4 P -3'        94.971  
PRO 'L-peptide linking' y PROLINE         ? 'C5 H9 N O2'     115.130 
SER 'L-peptide linking' y SERINE          ? 'C3 H7 N O3'     105.093 
THR 'L-peptide linking' y THREONINE       ? 'C4 H9 N O3'     119.119 
TRP 'L-peptide linking' y TRYPTOPHAN      ? 'C11 H12 N2 O2'  204.225 
TYR 'L-peptide linking' y TYROSINE        ? 'C9 H11 N O3'    181.189 
VAL 'L-peptide linking' y VALINE          ? 'C5 H11 N O2'    117.146 
# 
_exptl.crystals_number   1 
_exptl.entry_id          3MOK 
_exptl.method            'X-RAY DIFFRACTION' 
# 
_exptl_crystal.id                    1 
_exptl_crystal.density_Matthews      2.04 
_exptl_crystal.density_meas          ? 
_exptl_crystal.density_percent_sol   39.85 
_exptl_crystal.description           ? 
_exptl_crystal.F_000                 ? 
_exptl_crystal.preparation           ? 
# 
_exptl_crystal_grow.crystal_id      1 
_exptl_crystal_grow.method          'VAPOR DIFFUSION, HANGING DROP' 
_exptl_crystal_grow.pH              4.2 
_exptl_crystal_grow.temp            293 
_exptl_crystal_grow.pdbx_details    
'1.6 M NaH2PO4/0.4 M K2HPO4, 100 mM phosphate-citrate, pH 4.2, vapor diffusion, hanging drop, temperature 293K' 
_exptl_crystal_grow.temp_details    ? 
_exptl_crystal_grow.pdbx_pH_range   ? 
# 
_diffrn.id                     1 
_diffrn.ambient_temp           100 
_diffrn.ambient_temp_details   ? 
_diffrn.crystal_id             1 
# 
_diffrn_detector.diffrn_id              1 
_diffrn_detector.detector               CCD 
_diffrn_detector.type                   'ADSC QUANTUM 210r' 
_diffrn_detector.pdbx_collection_date   2009-01-29 
_diffrn_detector.details                ? 
# 
_diffrn_radiation.diffrn_id                        1 
_diffrn_radiation.pdbx_diffrn_protocol             'SINGLE WAVELENGTH' 
_diffrn_radiation.monochromator                    ? 
_diffrn_radiation.wavelength_id                    1 
_diffrn_radiation.pdbx_monochromatic_or_laue_m_l   ? 
_diffrn_radiation.pdbx_scattering_type             x-ray 
# 
_diffrn_radiation_wavelength.id           1 
_diffrn_radiation_wavelength.wavelength   1.0000 
_diffrn_radiation_wavelength.wt           1.0 
# 
_diffrn_source.diffrn_id                   1 
_diffrn_source.source                      SYNCHROTRON 
_diffrn_source.type                        'APS BEAMLINE 17-BM' 
_diffrn_source.pdbx_wavelength_list        1.0000 
_diffrn_source.pdbx_wavelength             ? 
_diffrn_source.pdbx_synchrotron_site       APS 
_diffrn_source.pdbx_synchrotron_beamline   17-BM 
# 
_reflns.entry_id                     3MOK 
_reflns.d_resolution_high            1.550 
_reflns.d_resolution_low             50.000 
_reflns.number_obs                   21268 
_reflns.pdbx_Rmerge_I_obs            0.076 
_reflns.pdbx_netI_over_sigmaI        10.000 
_reflns.pdbx_chi_squared             1.567 
_reflns.pdbx_redundancy              3.700 
_reflns.percent_possible_obs         96.500 
_reflns.observed_criterion_sigma_F   ? 
_reflns.observed_criterion_sigma_I   ? 
_reflns.number_all                   ? 
_reflns.pdbx_Rsym_value              ? 
_reflns.B_iso_Wilson_estimate        ? 
_reflns.R_free_details               ? 
_reflns.limit_h_max                  ? 
_reflns.limit_h_min                  ? 
_reflns.limit_k_max                  ? 
_reflns.limit_k_min                  ? 
_reflns.limit_l_max                  ? 
_reflns.limit_l_min                  ? 
_reflns.observed_criterion_F_max     ? 
_reflns.observed_criterion_F_min     ? 
_reflns.pdbx_scaling_rejects         ? 
_reflns.pdbx_diffrn_id               1 
_reflns.pdbx_ordinal                 1 
# 
loop_
_reflns_shell.d_res_high 
_reflns_shell.d_res_low 
_reflns_shell.number_measured_obs 
_reflns_shell.number_measured_all 
_reflns_shell.number_unique_obs 
_reflns_shell.Rmerge_I_obs 
_reflns_shell.meanI_over_sigI_obs 
_reflns_shell.pdbx_Rsym_value 
_reflns_shell.pdbx_chi_squared 
_reflns_shell.pdbx_redundancy 
_reflns_shell.percent_possible_obs 
_reflns_shell.number_unique_all 
_reflns_shell.percent_possible_all 
_reflns_shell.pdbx_diffrn_id 
_reflns_shell.pdbx_ordinal 
1.55 1.61  ? ? ? 0.323 ? ? 0.844 2.10 ? 1574 72.40  ? 1  
1.61 1.67  ? ? ? 0.299 ? ? 0.874 2.80 ? 2057 93.20  ? 2  
1.67 1.75  ? ? ? 0.255 ? ? 0.930 3.80 ? 2201 100.00 ? 3  
1.75 1.84  ? ? ? 0.194 ? ? 1.045 3.90 ? 2191 100.00 ? 4  
1.84 1.95  ? ? ? 0.146 ? ? 1.181 3.90 ? 2183 100.00 ? 5  
1.95 2.10  ? ? ? 0.109 ? ? 1.492 4.00 ? 2206 100.00 ? 6  
2.10 2.32  ? ? ? 0.087 ? ? 1.643 4.00 ? 2197 100.00 ? 7  
2.32 2.65  ? ? ? 0.077 ? ? 1.757 4.00 ? 2205 100.00 ? 8  
2.65 3.34  ? ? ? 0.060 ? ? 2.041 4.00 ? 2219 100.00 ? 9  
3.34 50.00 ? ? ? 0.054 ? ? 3.048 3.80 ? 2235 99.00  ? 10 
# 
_refine.entry_id                                 3MOK 
_refine.ls_d_res_high                            1.550 
_refine.ls_d_res_low                             35.920 
_refine.pdbx_ls_sigma_F                          0.00 
_refine.pdbx_data_cutoff_high_absF               ? 
_refine.pdbx_data_cutoff_low_absF                ? 
_refine.ls_percent_reflns_obs                    96.140 
_refine.ls_number_reflns_obs                     21220 
_refine.ls_number_reflns_all                     ? 
_refine.pdbx_ls_cross_valid_method               THROUGHOUT 
_refine.pdbx_R_Free_selection_details            RANDOM 
_refine.details                                  'HYDROGENS HAVE BEEN ADDED IN THE RIDING POSITIONS U VALUES: REFINED INDIVIDUALLY' 
_refine.ls_R_factor_all                          ? 
_refine.ls_R_factor_obs                          0.154 
_refine.ls_R_factor_R_work                       0.152 
_refine.ls_wR_factor_R_work                      0.145 
_refine.ls_R_factor_R_free                       0.178 
_refine.ls_wR_factor_R_free                      0.169 
_refine.ls_percent_reflns_R_free                 5.200 
_refine.ls_number_reflns_R_free                  1095 
_refine.ls_R_factor_R_free_error                 ? 
_refine.B_iso_mean                               16.497 
_refine.solvent_model_param_bsol                 ? 
_refine.solvent_model_param_ksol                 ? 
_refine.pdbx_isotropic_thermal_model             ? 
_refine.aniso_B[1][1]                            0.460 
_refine.aniso_B[2][2]                            -0.340 
_refine.aniso_B[3][3]                            -0.280 
_refine.aniso_B[1][2]                            0.000 
_refine.aniso_B[1][3]                            -0.220 
_refine.aniso_B[2][3]                            0.000 
_refine.correlation_coeff_Fo_to_Fc               0.971 
_refine.correlation_coeff_Fo_to_Fc_free          0.964 
_refine.overall_SU_R_Cruickshank_DPI             ? 
_refine.overall_SU_R_free                        ? 
_refine.pdbx_overall_ESU_R                       0.080 
_refine.pdbx_overall_ESU_R_Free                  0.078 
_refine.overall_SU_ML                            0.050 
_refine.overall_SU_B                             1.371 
_refine.solvent_model_details                    'BABINET MODEL WITH MASK' 
_refine.pdbx_solvent_vdw_probe_radii             1.400 
_refine.pdbx_solvent_ion_probe_radii             0.800 
_refine.pdbx_solvent_shrinkage_radii             0.800 
_refine.ls_number_parameters                     ? 
_refine.ls_number_restraints                     ? 
_refine.pdbx_starting_model                      'PDB ENTRY 3ELL' 
_refine.pdbx_method_to_determine_struct          'MOLECULAR REPLACEMENT' 
_refine.pdbx_stereochemistry_target_values       'MAXIMUM LIKELIHOOD' 
_refine.pdbx_stereochem_target_val_spec_case     ? 
_refine.overall_FOM_work_R_set                   ? 
_refine.B_iso_max                                43.74 
_refine.B_iso_min                                8.49 
_refine.occupancy_max                            1.00 
_refine.occupancy_min                            0.00 
_refine.pdbx_ls_sigma_I                          ? 
_refine.ls_redundancy_reflns_obs                 ? 
_refine.ls_R_factor_R_free_error_details         ? 
_refine.pdbx_data_cutoff_high_rms_absF           ? 
_refine.overall_FOM_free_R_set                   ? 
_refine.pdbx_overall_phase_error                 ? 
_refine.pdbx_refine_id                           'X-RAY DIFFRACTION' 
_refine.pdbx_diffrn_id                           1 
_refine.pdbx_TLS_residual_ADP_flag               ? 
_refine.pdbx_overall_SU_R_free_Cruickshank_DPI   ? 
_refine.pdbx_overall_SU_R_Blow_DPI               ? 
_refine.pdbx_overall_SU_R_free_Blow_DPI          ? 
# 
_refine_hist.pdbx_refine_id                   'X-RAY DIFFRACTION' 
_refine_hist.cycle_id                         LAST 
_refine_hist.pdbx_number_atoms_protein        1321 
_refine_hist.pdbx_number_atoms_nucleic_acid   0 
_refine_hist.pdbx_number_atoms_ligand         6 
_refine_hist.number_atoms_solvent             158 
_refine_hist.number_atoms_total               1485 
_refine_hist.d_res_high                       1.550 
_refine_hist.d_res_low                        35.920 
# 
loop_
_refine_ls_restr.type 
_refine_ls_restr.number 
_refine_ls_restr.dev_ideal 
_refine_ls_restr.dev_ideal_target 
_refine_ls_restr.weight 
_refine_ls_restr.pdbx_refine_id 
_refine_ls_restr.pdbx_restraint_function 
r_bond_refined_d       1383 0.014  0.021  ? 'X-RAY DIFFRACTION' ? 
r_bond_other_d         859  0.002  0.020  ? 'X-RAY DIFFRACTION' ? 
r_angle_refined_deg    1898 1.434  1.941  ? 'X-RAY DIFFRACTION' ? 
r_angle_other_deg      2116 0.922  3.000  ? 'X-RAY DIFFRACTION' ? 
r_dihedral_angle_1_deg 192  5.546  5.000  ? 'X-RAY DIFFRACTION' ? 
r_dihedral_angle_2_deg 55   37.932 25.091 ? 'X-RAY DIFFRACTION' ? 
r_dihedral_angle_3_deg 188  10.706 15.000 ? 'X-RAY DIFFRACTION' ? 
r_dihedral_angle_4_deg 2    7.174  15.000 ? 'X-RAY DIFFRACTION' ? 
r_chiral_restr         212  0.090  0.200  ? 'X-RAY DIFFRACTION' ? 
r_gen_planes_refined   1619 0.007  0.021  ? 'X-RAY DIFFRACTION' ? 
r_gen_planes_other     280  0.001  0.020  ? 'X-RAY DIFFRACTION' ? 
r_mcbond_it            911  0.891  1.500  ? 'X-RAY DIFFRACTION' ? 
r_mcbond_other         385  0.250  1.500  ? 'X-RAY DIFFRACTION' ? 
r_mcangle_it           1450 1.624  2.000  ? 'X-RAY DIFFRACTION' ? 
r_scbond_it            472  2.754  3.000  ? 'X-RAY DIFFRACTION' ? 
r_scangle_it           442  4.366  4.500  ? 'X-RAY DIFFRACTION' ? 
# 
loop_
_refine_ls_shell.pdbx_total_number_of_bins_used 
_refine_ls_shell.d_res_low 
_refine_ls_shell.d_res_high 
_refine_ls_shell.number_reflns_all 
_refine_ls_shell.percent_reflns_obs 
_refine_ls_shell.number_reflns_R_work 
_refine_ls_shell.R_factor_R_work 
_refine_ls_shell.number_reflns_R_free 
_refine_ls_shell.R_factor_R_free 
_refine_ls_shell.number_reflns_obs 
_refine_ls_shell.R_factor_R_free_error 
_refine_ls_shell.percent_reflns_R_free 
_refine_ls_shell.redundancy_reflns_obs 
_refine_ls_shell.R_factor_all 
_refine_ls_shell.pdbx_refine_id 
20 1.592  1.550 1633 66.013  1028 0.211 50 0.247 . . . . . 'X-RAY DIFFRACTION' 
20 1.635  1.592 1571 87.333  1308 0.199 64 0.257 . . . . . 'X-RAY DIFFRACTION' 
20 1.682  1.635 1536 97.005  1412 0.184 78 0.206 . . . . . 'X-RAY DIFFRACTION' 
20 1.734  1.682 1486 99.933  1403 0.173 82 0.232 . . . . . 'X-RAY DIFFRACTION' 
20 1.791  1.734 1451 99.793  1371 0.160 77 0.193 . . . . . 'X-RAY DIFFRACTION' 
20 1.853  1.791 1410 99.929  1339 0.168 70 0.216 . . . . . 'X-RAY DIFFRACTION' 
20 1.923  1.853 1351 99.704  1278 0.165 69 0.229 . . . . . 'X-RAY DIFFRACTION' 
20 2.002  1.923 1285 99.767  1215 0.168 67 0.229 . . . . . 'X-RAY DIFFRACTION' 
20 2.090  2.002 1262 99.921  1200 0.149 61 0.184 . . . . . 'X-RAY DIFFRACTION' 
20 2.192  2.090 1212 99.670  1138 0.144 70 0.179 . . . . . 'X-RAY DIFFRACTION' 
20 2.310  2.192 1127 99.823  1071 0.143 54 0.165 . . . . . 'X-RAY DIFFRACTION' 
20 2.449  2.310 1079 99.629  1017 0.144 58 0.150 . . . . . 'X-RAY DIFFRACTION' 
20 2.618  2.449 1006 99.702  936  0.160 67 0.166 . . . . . 'X-RAY DIFFRACTION' 
20 2.826  2.618 950  100.000 900  0.150 50 0.157 . . . . . 'X-RAY DIFFRACTION' 
20 3.094  2.826 874  99.771  832  0.149 40 0.178 . . . . . 'X-RAY DIFFRACTION' 
20 3.456  3.094 805  100.000 771  0.142 34 0.172 . . . . . 'X-RAY DIFFRACTION' 
20 3.985  3.456 694  100.000 658  0.132 36 0.148 . . . . . 'X-RAY DIFFRACTION' 
20 4.865  3.985 603  99.171  575  0.126 23 0.125 . . . . . 'X-RAY DIFFRACTION' 
20 6.818  4.865 460  100.000 434  0.160 26 0.139 . . . . . 'X-RAY DIFFRACTION' 
20 35.920 6.818 276  93.478  239  0.160 19 0.209 . . . . . 'X-RAY DIFFRACTION' 
# 
_struct.entry_id                  3MOK 
_struct.title                     'Structure of Apo HasAp from Pseudomonas aeruginosa to 1.55A Resolution' 
_struct.pdbx_model_details        ? 
_struct.pdbx_CASP_flag            ? 
_struct.pdbx_model_type_details   ? 
# 
_struct_keywords.entry_id        3MOK 
_struct_keywords.text            'hemophore, heme transport, Apo protein, HEME BINDING PROTEIN, TRANSPORT PROTEIN' 
_struct_keywords.pdbx_keywords   'HEME BINDING PROTEIN, TRANSPORT PROTEIN' 
# 
loop_
_struct_asym.id 
_struct_asym.pdbx_blank_PDB_chainid_flag 
_struct_asym.pdbx_modified 
_struct_asym.entity_id 
_struct_asym.details 
A N N 1 ? 
B N N 2 ? 
C N N 3 ? 
D N N 4 ? 
# 
_struct_biol.id        1 
_struct_biol.details   ? 
# 
loop_
_struct_conf.conf_type_id 
_struct_conf.id 
_struct_conf.pdbx_PDB_helix_id 
_struct_conf.beg_label_comp_id 
_struct_conf.beg_label_asym_id 
_struct_conf.beg_label_seq_id 
_struct_conf.pdbx_beg_PDB_ins_code 
_struct_conf.end_label_comp_id 
_struct_conf.end_label_asym_id 
_struct_conf.end_label_seq_id 
_struct_conf.pdbx_end_PDB_ins_code 
_struct_conf.beg_auth_comp_id 
_struct_conf.beg_auth_asym_id 
_struct_conf.beg_auth_seq_id 
_struct_conf.end_auth_comp_id 
_struct_conf.end_auth_asym_id 
_struct_conf.end_auth_seq_id 
_struct_conf.pdbx_PDB_helix_class 
_struct_conf.details 
_struct_conf.pdbx_PDB_helix_length 
HELX_P HELX_P1 1 THR A 10  ? SER A 12  ? THR A 10  SER A 12  5 ? 3  
HELX_P HELX_P2 2 THR A 15  ? ASP A 29  ? THR A 15  ASP A 29  1 ? 15 
HELX_P HELX_P3 3 VAL A 30  ? ARG A 33  ? VAL A 30  ARG A 33  5 ? 4  
HELX_P HELX_P4 4 PRO A 124 ? ASP A 130 ? PRO A 124 ASP A 130 5 ? 7  
HELX_P HELX_P5 5 GLY A 131 ? SER A 142 ? GLY A 131 SER A 142 1 ? 12 
HELX_P HELX_P6 6 SER A 145 ? ASP A 160 ? SER A 145 ASP A 160 1 ? 16 
HELX_P HELX_P7 7 THR A 168 ? ALA A 175 ? THR A 168 ALA A 175 1 ? 8  
# 
_struct_conf_type.id          HELX_P 
_struct_conf_type.criteria    ? 
_struct_conf_type.reference   ? 
# 
loop_
_struct_conn.id 
_struct_conn.conn_type_id 
_struct_conn.pdbx_leaving_atom_flag 
_struct_conn.pdbx_PDB_id 
_struct_conn.ptnr1_label_asym_id 
_struct_conn.ptnr1_label_comp_id 
_struct_conn.ptnr1_label_seq_id 
_struct_conn.ptnr1_label_atom_id 
_struct_conn.pdbx_ptnr1_label_alt_id 
_struct_conn.pdbx_ptnr1_PDB_ins_code 
_struct_conn.pdbx_ptnr1_standard_comp_id 
_struct_conn.ptnr1_symmetry 
_struct_conn.ptnr2_label_asym_id 
_struct_conn.ptnr2_label_comp_id 
_struct_conn.ptnr2_label_seq_id 
_struct_conn.ptnr2_label_atom_id 
_struct_conn.pdbx_ptnr2_label_alt_id 
_struct_conn.pdbx_ptnr2_PDB_ins_code 
_struct_conn.ptnr1_auth_asym_id 
_struct_conn.ptnr1_auth_comp_id 
_struct_conn.ptnr1_auth_seq_id 
_struct_conn.ptnr2_auth_asym_id 
_struct_conn.ptnr2_auth_comp_id 
_struct_conn.ptnr2_auth_seq_id 
_struct_conn.ptnr2_symmetry 
_struct_conn.pdbx_ptnr3_label_atom_id 
_struct_conn.pdbx_ptnr3_label_seq_id 
_struct_conn.pdbx_ptnr3_label_comp_id 
_struct_conn.pdbx_ptnr3_label_asym_id 
_struct_conn.pdbx_ptnr3_label_alt_id 
_struct_conn.pdbx_ptnr3_PDB_ins_code 
_struct_conn.details 
_struct_conn.pdbx_dist_value 
_struct_conn.pdbx_value_order 
_struct_conn.pdbx_role 
metalc1 metalc ? ? A VAL 37 O   ? ? ? 1_555 B NA  . NA ? ? A VAL 37  A NA  185 1_555 ? ? ? ? ? ? ? 2.507 ? ? 
metalc2 metalc ? ? A ASP 39 OD1 ? ? ? 1_555 B NA  . NA ? ? A ASP 39  A NA  185 1_555 ? ? ? ? ? ? ? 2.511 ? ? 
metalc3 metalc ? ? A ASP 64 OD2 ? ? ? 1_555 B NA  . NA ? ? A ASP 64  A NA  185 1_555 ? ? ? ? ? ? ? 2.404 ? ? 
metalc4 metalc ? ? B NA  .  NA  ? ? ? 1_555 D HOH . O  ? ? A NA  185 A HOH 232 1_555 ? ? ? ? ? ? ? 2.300 ? ? 
metalc5 metalc ? ? B NA  .  NA  ? ? ? 1_555 D HOH . O  ? ? A NA  185 A HOH 242 1_555 ? ? ? ? ? ? ? 3.017 ? ? 
metalc6 metalc ? ? B NA  .  NA  ? ? ? 1_555 D HOH . O  ? ? A NA  185 A HOH 325 1_555 ? ? ? ? ? ? ? 2.891 ? ? 
metalc7 metalc ? ? B NA  .  NA  ? ? ? 1_555 D HOH . O  ? ? A NA  185 A HOH 342 1_555 ? ? ? ? ? ? ? 2.199 ? ? 
# 
_struct_conn_type.id          metalc 
_struct_conn_type.criteria    ? 
_struct_conn_type.reference   ? 
# 
loop_
_struct_mon_prot_cis.pdbx_id 
_struct_mon_prot_cis.label_comp_id 
_struct_mon_prot_cis.label_seq_id 
_struct_mon_prot_cis.label_asym_id 
_struct_mon_prot_cis.label_alt_id 
_struct_mon_prot_cis.pdbx_PDB_ins_code 
_struct_mon_prot_cis.auth_comp_id 
_struct_mon_prot_cis.auth_seq_id 
_struct_mon_prot_cis.auth_asym_id 
_struct_mon_prot_cis.pdbx_label_comp_id_2 
_struct_mon_prot_cis.pdbx_label_seq_id_2 
_struct_mon_prot_cis.pdbx_label_asym_id_2 
_struct_mon_prot_cis.pdbx_PDB_ins_code_2 
_struct_mon_prot_cis.pdbx_auth_comp_id_2 
_struct_mon_prot_cis.pdbx_auth_seq_id_2 
_struct_mon_prot_cis.pdbx_auth_asym_id_2 
_struct_mon_prot_cis.pdbx_PDB_model_num 
_struct_mon_prot_cis.pdbx_omega_angle 
1 ASN 47 A . ? ASN 47 A PRO 48 A ? PRO 48 A 1 9.21  
2 GLY 49 A . ? GLY 49 A PRO 50 A ? PRO 50 A 1 5.28  
3 ASN 80 A . ? ASN 80 A PRO 81 A ? PRO 81 A 1 -3.08 
# 
loop_
_struct_sheet.id 
_struct_sheet.type 
_struct_sheet.number_strands 
_struct_sheet.details 
A ? 5 ? 
B ? 7 ? 
# 
loop_
_struct_sheet_order.sheet_id 
_struct_sheet_order.range_id_1 
_struct_sheet_order.range_id_2 
_struct_sheet_order.offset 
_struct_sheet_order.sense 
A 1 2 ? anti-parallel 
A 2 3 ? anti-parallel 
A 3 4 ? anti-parallel 
A 4 5 ? anti-parallel 
B 1 2 ? anti-parallel 
B 2 3 ? anti-parallel 
B 3 4 ? anti-parallel 
B 4 5 ? anti-parallel 
B 5 6 ? anti-parallel 
B 6 7 ? parallel      
# 
loop_
_struct_sheet_range.sheet_id 
_struct_sheet_range.id 
_struct_sheet_range.beg_label_comp_id 
_struct_sheet_range.beg_label_asym_id 
_struct_sheet_range.beg_label_seq_id 
_struct_sheet_range.pdbx_beg_PDB_ins_code 
_struct_sheet_range.end_label_comp_id 
_struct_sheet_range.end_label_asym_id 
_struct_sheet_range.end_label_seq_id 
_struct_sheet_range.pdbx_end_PDB_ins_code 
_struct_sheet_range.beg_auth_comp_id 
_struct_sheet_range.beg_auth_asym_id 
_struct_sheet_range.beg_auth_seq_id 
_struct_sheet_range.end_auth_comp_id 
_struct_sheet_range.end_auth_asym_id 
_struct_sheet_range.end_auth_seq_id 
A 1 GLY A 44  ? PRO A 48  ? GLY A 44  PRO A 48  
A 2 ASP A 52  ? LYS A 59  ? ASP A 52  LYS A 59  
A 3 ALA A 65  ? TYR A 75  ? ALA A 65  TYR A 75  
A 4 LEU A 85  ? GLY A 101 ? LEU A 85  GLY A 101 
A 5 LEU A 121 ? SER A 123 ? LEU A 121 SER A 123 
B 1 GLY A 44  ? PRO A 48  ? GLY A 44  PRO A 48  
B 2 ASP A 52  ? LYS A 59  ? ASP A 52  LYS A 59  
B 3 ALA A 65  ? TYR A 75  ? ALA A 65  TYR A 75  
B 4 LEU A 85  ? GLY A 101 ? LEU A 85  GLY A 101 
B 5 GLY A 106 ? SER A 117 ? GLY A 106 SER A 117 
B 6 SER A 4   ? SER A 8   ? SER A 4   SER A 8   
B 7 ALA A 178 ? THR A 181 ? ALA A 178 THR A 181 
# 
loop_
_pdbx_struct_sheet_hbond.sheet_id 
_pdbx_struct_sheet_hbond.range_id_1 
_pdbx_struct_sheet_hbond.range_id_2 
_pdbx_struct_sheet_hbond.range_1_label_atom_id 
_pdbx_struct_sheet_hbond.range_1_label_comp_id 
_pdbx_struct_sheet_hbond.range_1_label_asym_id 
_pdbx_struct_sheet_hbond.range_1_label_seq_id 
_pdbx_struct_sheet_hbond.range_1_PDB_ins_code 
_pdbx_struct_sheet_hbond.range_1_auth_atom_id 
_pdbx_struct_sheet_hbond.range_1_auth_comp_id 
_pdbx_struct_sheet_hbond.range_1_auth_asym_id 
_pdbx_struct_sheet_hbond.range_1_auth_seq_id 
_pdbx_struct_sheet_hbond.range_2_label_atom_id 
_pdbx_struct_sheet_hbond.range_2_label_comp_id 
_pdbx_struct_sheet_hbond.range_2_label_asym_id 
_pdbx_struct_sheet_hbond.range_2_label_seq_id 
_pdbx_struct_sheet_hbond.range_2_PDB_ins_code 
_pdbx_struct_sheet_hbond.range_2_auth_atom_id 
_pdbx_struct_sheet_hbond.range_2_auth_comp_id 
_pdbx_struct_sheet_hbond.range_2_auth_asym_id 
_pdbx_struct_sheet_hbond.range_2_auth_seq_id 
A 1 2 N GLY A 45  ? N GLY A 45  O ALA A 57  ? O ALA A 57  
A 2 3 N TYR A 56  ? N TYR A 56  O ALA A 69  ? O ALA A 69  
A 3 4 N ALA A 66  ? N ALA A 66  O GLY A 95  ? O GLY A 95  
A 4 5 N LEU A 89  ? N LEU A 89  O LEU A 121 ? O LEU A 121 
B 1 2 N GLY A 45  ? N GLY A 45  O ALA A 57  ? O ALA A 57  
B 2 3 N TYR A 56  ? N TYR A 56  O ALA A 69  ? O ALA A 69  
B 3 4 N ALA A 66  ? N ALA A 66  O GLY A 95  ? O GLY A 95  
B 4 5 N LEU A 94  ? N LEU A 94  O VAL A 114 ? O VAL A 114 
B 5 6 O SER A 117 ? O SER A 117 N SER A 4   ? N SER A 4   
B 6 7 N TYR A 7   ? N TYR A 7   O THR A 181 ? O THR A 181 
# 
loop_
_struct_site.id 
_struct_site.pdbx_evidence_code 
_struct_site.pdbx_auth_asym_id 
_struct_site.pdbx_auth_comp_id 
_struct_site.pdbx_auth_seq_id 
_struct_site.pdbx_auth_ins_code 
_struct_site.pdbx_num_residues 
_struct_site.details 
AC1 Software A NA  185 ? 7 'BINDING SITE FOR RESIDUE NA A 185'  
AC2 Software A PO4 186 ? 8 'BINDING SITE FOR RESIDUE PO4 A 186' 
# 
loop_
_struct_site_gen.id 
_struct_site_gen.site_id 
_struct_site_gen.pdbx_num_res 
_struct_site_gen.label_comp_id 
_struct_site_gen.label_asym_id 
_struct_site_gen.label_seq_id 
_struct_site_gen.pdbx_auth_ins_code 
_struct_site_gen.auth_comp_id 
_struct_site_gen.auth_asym_id 
_struct_site_gen.auth_seq_id 
_struct_site_gen.label_atom_id 
_struct_site_gen.label_alt_id 
_struct_site_gen.symmetry 
_struct_site_gen.details 
1  AC1 7 VAL A 37 ? VAL A 37  . ? 1_555 ? 
2  AC1 7 ASP A 39 ? ASP A 39  . ? 1_555 ? 
3  AC1 7 ASP A 64 ? ASP A 64  . ? 1_555 ? 
4  AC1 7 HOH D .  ? HOH A 232 . ? 1_555 ? 
5  AC1 7 HOH D .  ? HOH A 242 . ? 1_555 ? 
6  AC1 7 HOH D .  ? HOH A 325 . ? 1_555 ? 
7  AC1 7 HOH D .  ? HOH A 342 . ? 1_555 ? 
8  AC2 8 GLY A 40 ? GLY A 40  . ? 1_555 ? 
9  AC2 8 SER A 41 ? SER A 41  . ? 1_555 ? 
10 AC2 8 ASN A 42 ? ASN A 42  . ? 1_555 ? 
11 AC2 8 THR A 97 ? THR A 97  . ? 1_555 ? 
12 AC2 8 LEU A 98 ? LEU A 98  . ? 1_555 ? 
13 AC2 8 HOH D .  ? HOH A 192 . ? 1_555 ? 
14 AC2 8 HOH D .  ? HOH A 210 . ? 1_555 ? 
15 AC2 8 HOH D .  ? HOH A 285 . ? 1_555 ? 
# 
_atom_sites.entry_id                    3MOK 
_atom_sites.fract_transf_matrix[1][1]   0.02980746 
_atom_sites.fract_transf_matrix[1][2]   -0.00515070 
_atom_sites.fract_transf_matrix[1][3]   0.01150356 
_atom_sites.fract_transf_matrix[2][1]   -0.00464271 
_atom_sites.fract_transf_matrix[2][2]   0.00430436 
_atom_sites.fract_transf_matrix[2][3]   0.01395722 
_atom_sites.fract_transf_matrix[3][1]   0.00258592 
_atom_sites.fract_transf_matrix[3][2]   -0.02623376 
_atom_sites.fract_transf_matrix[3][3]   0.00895058 
_atom_sites.fract_transf_vector[1]      0.351873 
_atom_sites.fract_transf_vector[2]      0.002311 
_atom_sites.fract_transf_vector[3]      0.013109 
# 
loop_
_atom_type.symbol 
C  
N  
NA 
O  
P  
S  
# 
loop_
_atom_site.group_PDB 
_atom_site.id 
_atom_site.type_symbol 
_atom_site.label_atom_id 
_atom_site.label_alt_id 
_atom_site.label_comp_id 
_atom_site.label_asym_id 
_atom_site.label_entity_id 
_atom_site.label_seq_id 
_atom_site.pdbx_PDB_ins_code 
_atom_site.Cartn_x 
_atom_site.Cartn_y 
_atom_site.Cartn_z 
_atom_site.occupancy 
_atom_site.B_iso_or_equiv 
_atom_site.pdbx_formal_charge 
_atom_site.auth_seq_id 
_atom_site.auth_comp_id 
_atom_site.auth_asym_id 
_atom_site.auth_atom_id 
_atom_site.pdbx_PDB_model_num 
ATOM   1    N  N   . SER A 1 2   ? 1.235   -9.092  -14.711 1.00 21.66 ? 2   SER A N   1 
ATOM   2    C  CA  . SER A 1 2   ? 1.395   -7.619  -14.784 1.00 21.10 ? 2   SER A CA  1 
ATOM   3    C  C   . SER A 1 2   ? 0.554   -6.953  -13.708 1.00 18.12 ? 2   SER A C   1 
ATOM   4    O  O   . SER A 1 2   ? -0.414  -7.515  -13.232 1.00 17.44 ? 2   SER A O   1 
ATOM   5    C  CB  . SER A 1 2   ? 0.958   -7.098  -16.139 1.00 22.61 ? 2   SER A CB  1 
ATOM   6    O  OG  . SER A 1 2   ? -0.257  -7.715  -16.498 1.00 26.56 ? 2   SER A OG  1 
ATOM   7    N  N   . ILE A 1 3   ? 0.956   -5.729  -13.377 1.00 16.62 ? 3   ILE A N   1 
ATOM   8    C  CA  . ILE A 1 3   ? 0.313   -4.963  -12.311 1.00 15.02 ? 3   ILE A CA  1 
ATOM   9    C  C   . ILE A 1 3   ? -1.174  -4.775  -12.614 1.00 14.68 ? 3   ILE A C   1 
ATOM   10   O  O   . ILE A 1 3   ? -1.564  -4.584  -13.771 1.00 14.57 ? 3   ILE A O   1 
ATOM   11   C  CB  . ILE A 1 3   ? 1.033   -3.627  -12.072 1.00 14.20 ? 3   ILE A CB  1 
ATOM   12   C  CG1 . ILE A 1 3   ? 0.468   -2.880  -10.850 1.00 14.55 ? 3   ILE A CG1 1 
ATOM   13   C  CG2 . ILE A 1 3   ? 1.005   -2.705  -13.340 1.00 14.21 ? 3   ILE A CG2 1 
ATOM   14   C  CD1 . ILE A 1 3   ? 1.268   -1.650  -10.488 1.00 13.54 ? 3   ILE A CD1 1 
ATOM   15   N  N   . SER A 1 4   ? -1.989  -4.908  -11.583 1.00 13.97 ? 4   SER A N   1 
ATOM   16   C  CA  . SER A 1 4   ? -3.446  -4.652  -11.653 1.00 14.45 ? 4   SER A CA  1 
ATOM   17   C  C   . SER A 1 4   ? -3.754  -3.575  -10.629 1.00 14.17 ? 4   SER A C   1 
ATOM   18   O  O   . SER A 1 4   ? -3.221  -3.592  -9.514  1.00 15.62 ? 4   SER A O   1 
ATOM   19   C  CB  . SER A 1 4   ? -4.218  -5.930  -11.375 1.00 15.86 ? 4   SER A CB  1 
ATOM   20   O  OG  . SER A 1 4   ? -5.606  -5.728  -11.553 1.00 21.98 ? 4   SER A OG  1 
ATOM   21   N  N   . ILE A 1 5   ? -4.581  -2.616  -10.985 1.00 13.57 ? 5   ILE A N   1 
ATOM   22   C  CA  . ILE A 1 5   ? -4.885  -1.466  -10.129 1.00 12.62 ? 5   ILE A CA  1 
ATOM   23   C  C   . ILE A 1 5   ? -6.412  -1.330  -9.991  1.00 13.55 ? 5   ILE A C   1 
ATOM   24   O  O   . ILE A 1 5   ? -7.146  -1.450  -10.979 1.00 15.60 ? 5   ILE A O   1 
ATOM   25   C  CB  . ILE A 1 5   ? -4.289  -0.154  -10.697 1.00 11.60 ? 5   ILE A CB  1 
ATOM   26   C  CG1 . ILE A 1 5   ? -2.733  -0.217  -10.766 1.00 11.67 ? 5   ILE A CG1 1 
ATOM   27   C  CG2 . ILE A 1 5   ? -4.816  1.074   -9.924  1.00 12.76 ? 5   ILE A CG2 1 
ATOM   28   C  CD1 . ILE A 1 5   ? -2.022  0.976   -11.381 1.00 15.43 ? 5   ILE A CD1 1 
ATOM   29   N  N   . SER A 1 6   ? -6.878  -1.188  -8.769  1.00 13.92 ? 6   SER A N   1 
ATOM   30   C  CA  A SER A 1 6   ? -8.282  -0.890  -8.485  0.50 14.55 ? 6   SER A CA  1 
ATOM   31   C  CA  B SER A 1 6   ? -8.277  -0.906  -8.480  0.50 14.77 ? 6   SER A CA  1 
ATOM   32   C  C   . SER A 1 6   ? -8.327  0.517   -7.919  1.00 14.59 ? 6   SER A C   1 
ATOM   33   O  O   . SER A 1 6   ? -7.486  0.897   -7.098  1.00 16.11 ? 6   SER A O   1 
ATOM   34   C  CB  A SER A 1 6   ? -8.885  -1.866  -7.470  0.50 15.15 ? 6   SER A CB  1 
ATOM   35   C  CB  B SER A 1 6   ? -8.830  -1.927  -7.478  0.50 15.42 ? 6   SER A CB  1 
ATOM   36   O  OG  A SER A 1 6   ? -9.102  -3.136  -8.041  0.50 16.10 ? 6   SER A OG  1 
ATOM   37   O  OG  B SER A 1 6   ? -10.144 -1.610  -7.069  0.50 17.76 ? 6   SER A OG  1 
ATOM   38   N  N   . TYR A 1 7   ? -9.287  1.325   -8.363  1.00 13.76 ? 7   TYR A N   1 
ATOM   39   C  CA  . TYR A 1 7   ? -9.346  2.707   -7.908  1.00 13.12 ? 7   TYR A CA  1 
ATOM   40   C  C   . TYR A 1 7   ? -10.789 3.185   -7.725  1.00 13.28 ? 7   TYR A C   1 
ATOM   41   O  O   . TYR A 1 7   ? -11.628 2.955   -8.594  1.00 14.06 ? 7   TYR A O   1 
ATOM   42   C  CB  . TYR A 1 7   ? -8.597  3.666   -8.848  1.00 12.41 ? 7   TYR A CB  1 
ATOM   43   C  CG  . TYR A 1 7   ? -9.218  3.811   -10.227 1.00 11.87 ? 7   TYR A CG  1 
ATOM   44   C  CD1 . TYR A 1 7   ? -10.042 4.869   -10.533 1.00 13.12 ? 7   TYR A CD1 1 
ATOM   45   C  CD2 . TYR A 1 7   ? -8.946  2.877   -11.204 1.00 14.09 ? 7   TYR A CD2 1 
ATOM   46   C  CE1 . TYR A 1 7   ? -10.587 4.989   -11.814 1.00 14.54 ? 7   TYR A CE1 1 
ATOM   47   C  CE2 . TYR A 1 7   ? -9.483  2.982   -12.478 1.00 14.94 ? 7   TYR A CE2 1 
ATOM   48   C  CZ  . TYR A 1 7   ? -10.315 4.037   -12.773 1.00 16.01 ? 7   TYR A CZ  1 
ATOM   49   O  OH  . TYR A 1 7   ? -10.834 4.143   -14.067 1.00 15.66 ? 7   TYR A OH  1 
ATOM   50   N  N   . SER A 1 8   ? -11.039 3.871   -6.629  1.00 15.34 ? 8   SER A N   1 
ATOM   51   C  CA  . SER A 1 8   ? -12.325 4.514   -6.420  1.00 14.13 ? 8   SER A CA  1 
ATOM   52   C  C   . SER A 1 8   ? -12.532 5.558   -7.527  1.00 14.21 ? 8   SER A C   1 
ATOM   53   O  O   . SER A 1 8   ? -11.612 6.266   -7.913  1.00 14.37 ? 8   SER A O   1 
ATOM   54   C  CB  . SER A 1 8   ? -12.357 5.219   -5.065  1.00 14.68 ? 8   SER A CB  1 
ATOM   55   O  OG  . SER A 1 8   ? -13.432 6.146   -5.043  1.00 16.28 ? 8   SER A OG  1 
ATOM   56   N  N   . THR A 1 9   ? -13.762 5.675   -8.025  1.00 15.40 ? 9   THR A N   1 
ATOM   57   C  CA  . THR A 1 9   ? -14.023 6.639   -9.107  1.00 17.28 ? 9   THR A CA  1 
ATOM   58   C  C   . THR A 1 9   ? -13.826 8.104   -8.674  1.00 16.64 ? 9   THR A C   1 
ATOM   59   O  O   . THR A 1 9   ? -13.761 9.010   -9.511  1.00 17.64 ? 9   THR A O   1 
ATOM   60   C  CB  . THR A 1 9   ? -15.449 6.495   -9.708  1.00 18.73 ? 9   THR A CB  1 
ATOM   61   O  OG1 . THR A 1 9   ? -16.392 6.603   -8.642  1.00 22.70 ? 9   THR A OG1 1 
ATOM   62   C  CG2 . THR A 1 9   ? -15.595 5.199   -10.436 1.00 21.38 ? 9   THR A CG2 1 
ATOM   63   N  N   . THR A 1 10  ? -13.731 8.341   -7.371  1.00 16.35 ? 10  THR A N   1 
ATOM   64   C  CA  . THR A 1 10  ? -13.307 9.630   -6.811  1.00 17.42 ? 10  THR A CA  1 
ATOM   65   C  C   . THR A 1 10  ? -12.016 10.102  -7.487  1.00 16.84 ? 10  THR A C   1 
ATOM   66   O  O   . THR A 1 10  ? -11.830 11.299  -7.717  1.00 17.91 ? 10  THR A O   1 
ATOM   67   C  CB  . THR A 1 10  ? -13.090 9.498   -5.271  1.00 17.89 ? 10  THR A CB  1 
ATOM   68   O  OG1 . THR A 1 10  ? -14.355 9.169   -4.659  1.00 21.74 ? 10  THR A OG1 1 
ATOM   69   C  CG2 . THR A 1 10  ? -12.510 10.766  -4.624  1.00 18.78 ? 10  THR A CG2 1 
ATOM   70   N  N   . TYR A 1 11  ? -11.129 9.146   -7.802  1.00 14.84 ? 11  TYR A N   1 
ATOM   71   C  CA  . TYR A 1 11  ? -9.807  9.446   -8.341  1.00 15.00 ? 11  TYR A CA  1 
ATOM   72   C  C   . TYR A 1 11  ? -9.604  9.246   -9.851  1.00 15.47 ? 11  TYR A C   1 
ATOM   73   O  O   . TYR A 1 11  ? -8.482  9.290   -10.320 1.00 14.58 ? 11  TYR A O   1 
ATOM   74   C  CB  . TYR A 1 11  ? -8.738  8.658   -7.526  1.00 14.73 ? 11  TYR A CB  1 
ATOM   75   C  CG  . TYR A 1 11  ? -8.867  8.936   -6.062  1.00 14.86 ? 11  TYR A CG  1 
ATOM   76   C  CD1 . TYR A 1 11  ? -8.559  10.177  -5.554  1.00 17.23 ? 11  TYR A CD1 1 
ATOM   77   C  CD2 . TYR A 1 11  ? -9.378  7.972   -5.181  1.00 15.38 ? 11  TYR A CD2 1 
ATOM   78   C  CE1 . TYR A 1 11  ? -8.714  10.463  -4.198  1.00 19.50 ? 11  TYR A CE1 1 
ATOM   79   C  CE2 . TYR A 1 11  ? -9.561  8.265   -3.824  1.00 17.87 ? 11  TYR A CE2 1 
ATOM   80   C  CZ  . TYR A 1 11  ? -9.223  9.512   -3.344  1.00 17.21 ? 11  TYR A CZ  1 
ATOM   81   O  OH  . TYR A 1 11  ? -9.367  9.826   -1.996  1.00 23.60 ? 11  TYR A OH  1 
ATOM   82   N  N   . SER A 1 12  ? -10.670 9.001   -10.604 1.00 15.44 ? 12  SER A N   1 
ATOM   83   C  CA  . SER A 1 12  ? -10.588 8.691   -12.066 1.00 16.21 ? 12  SER A CA  1 
ATOM   84   C  C   . SER A 1 12  ? -9.642  9.608   -12.857 1.00 15.89 ? 12  SER A C   1 
ATOM   85   O  O   . SER A 1 12  ? -8.825  9.155   -13.660 1.00 16.64 ? 12  SER A O   1 
ATOM   86   C  CB  . SER A 1 12  ? -11.990 8.746   -12.711 1.00 17.13 ? 12  SER A CB  1 
ATOM   87   O  OG  . SER A 1 12  ? -12.844 7.791   -12.150 1.00 20.95 ? 12  SER A OG  1 
ATOM   88   N  N   . GLY A 1 13  ? -9.778  10.910  -12.659 1.00 14.81 ? 13  GLY A N   1 
ATOM   89   C  CA  . GLY A 1 13  ? -8.960  11.874  -13.363 1.00 13.56 ? 13  GLY A CA  1 
ATOM   90   C  C   . GLY A 1 13  ? -7.617  12.227  -12.715 1.00 12.85 ? 13  GLY A C   1 
ATOM   91   O  O   . GLY A 1 13  ? -6.861  13.039  -13.238 1.00 13.98 ? 13  GLY A O   1 
ATOM   92   N  N   . TRP A 1 14  ? -7.312  11.624  -11.577 1.00 12.53 ? 14  TRP A N   1 
ATOM   93   C  CA  . TRP A 1 14  ? -6.034  11.889  -10.924 1.00 12.71 ? 14  TRP A CA  1 
ATOM   94   C  C   . TRP A 1 14  ? -4.957  10.998  -11.542 1.00 11.92 ? 14  TRP A C   1 
ATOM   95   O  O   . TRP A 1 14  ? -5.227  9.871   -11.974 1.00 12.47 ? 14  TRP A O   1 
ATOM   96   C  CB  . TRP A 1 14  ? -6.098  11.543  -9.447  1.00 12.65 ? 14  TRP A CB  1 
ATOM   97   C  CG  . TRP A 1 14  ? -6.977  12.399  -8.600  1.00 14.02 ? 14  TRP A CG  1 
ATOM   98   C  CD1 . TRP A 1 14  ? -8.312  12.740  -8.812  1.00 16.22 ? 14  TRP A CD1 1 
ATOM   99   C  CD2 . TRP A 1 14  ? -6.629  12.916  -7.320  1.00 14.61 ? 14  TRP A CD2 1 
ATOM   100  N  NE1 . TRP A 1 14  ? -8.769  13.494  -7.745  1.00 18.87 ? 14  TRP A NE1 1 
ATOM   101  C  CE2 . TRP A 1 14  ? -7.755  13.615  -6.820  1.00 15.44 ? 14  TRP A CE2 1 
ATOM   102  C  CE3 . TRP A 1 14  ? -5.470  12.850  -6.539  1.00 18.41 ? 14  TRP A CE3 1 
ATOM   103  C  CZ2 . TRP A 1 14  ? -7.731  14.281  -5.591  1.00 20.10 ? 14  TRP A CZ2 1 
ATOM   104  C  CZ3 . TRP A 1 14  ? -5.444  13.507  -5.328  1.00 22.27 ? 14  TRP A CZ3 1 
ATOM   105  C  CH2 . TRP A 1 14  ? -6.577  14.202  -4.849  1.00 22.10 ? 14  TRP A CH2 1 
ATOM   106  N  N   . THR A 1 15  ? -3.716  11.469  -11.508 1.00 12.09 ? 15  THR A N   1 
ATOM   107  C  CA  . THR A 1 15  ? -2.620  10.581  -11.824 1.00 12.56 ? 15  THR A CA  1 
ATOM   108  C  C   . THR A 1 15  ? -2.241  9.769   -10.603 1.00 12.70 ? 15  THR A C   1 
ATOM   109  O  O   . THR A 1 15  ? -2.605  10.108  -9.469  1.00 12.80 ? 15  THR A O   1 
ATOM   110  C  CB  . THR A 1 15  ? -1.400  11.315  -12.320 1.00 12.23 ? 15  THR A CB  1 
ATOM   111  O  OG1 . THR A 1 15  ? -0.766  12.048  -11.259 1.00 14.54 ? 15  THR A OG1 1 
ATOM   112  C  CG2 . THR A 1 15  ? -1.751  12.277  -13.456 1.00 12.61 ? 15  THR A CG2 1 
ATOM   113  N  N   . VAL A 1 16  ? -1.473  8.699   -10.827 1.00 13.15 ? 16  VAL A N   1 
ATOM   114  C  CA  . VAL A 1 16  ? -1.037  7.846   -9.722  1.00 12.74 ? 16  VAL A CA  1 
ATOM   115  C  C   . VAL A 1 16  ? -0.167  8.669   -8.788  1.00 12.01 ? 16  VAL A C   1 
ATOM   116  O  O   . VAL A 1 16  ? -0.325  8.582   -7.586  1.00 11.75 ? 16  VAL A O   1 
ATOM   117  C  CB  . VAL A 1 16  ? -0.254  6.611   -10.228 1.00 12.97 ? 16  VAL A CB  1 
ATOM   118  C  CG1 . VAL A 1 16  ? 0.256   5.764   -9.052  1.00 14.71 ? 16  VAL A CG1 1 
ATOM   119  C  CG2 . VAL A 1 16  ? -1.133  5.809   -11.212 1.00 14.13 ? 16  VAL A CG2 1 
ATOM   120  N  N   . ALA A 1 17  ? 0.735   9.480   -9.343  1.00 11.65 ? 17  ALA A N   1 
ATOM   121  C  CA  . ALA A 1 17  ? 1.615   10.301  -8.519  1.00 12.64 ? 17  ALA A CA  1 
ATOM   122  C  C   . ALA A 1 17  ? 0.815   11.282  -7.702  1.00 12.65 ? 17  ALA A C   1 
ATOM   123  O  O   . ALA A 1 17  ? 1.114   11.511  -6.522  1.00 13.02 ? 17  ALA A O   1 
ATOM   124  C  CB  . ALA A 1 17  ? 2.656   11.040  -9.395  1.00 13.18 ? 17  ALA A CB  1 
ATOM   125  N  N   . ASP A 1 18  ? -0.197  11.884  -8.303  1.00 12.75 ? 18  ASP A N   1 
ATOM   126  C  CA  . ASP A 1 18  ? -1.042  12.841  -7.590  1.00 12.28 ? 18  ASP A CA  1 
ATOM   127  C  C   . ASP A 1 18  ? -1.735  12.174  -6.387  1.00 12.34 ? 18  ASP A C   1 
ATOM   128  O  O   . ASP A 1 18  ? -1.835  12.752  -5.295  1.00 13.52 ? 18  ASP A O   1 
ATOM   129  C  CB  . ASP A 1 18  ? -2.167  13.323  -8.498  1.00 14.32 ? 18  ASP A CB  1 
ATOM   130  C  CG  . ASP A 1 18  ? -1.710  14.206  -9.574  1.00 17.42 ? 18  ASP A CG  1 
ATOM   131  O  OD1 . ASP A 1 18  ? -0.698  14.896  -9.446  1.00 21.26 ? 18  ASP A OD1 1 
ATOM   132  O  OD2 . ASP A 1 18  ? -2.425  14.230  -10.597 1.00 19.28 ? 18  ASP A OD2 1 
ATOM   133  N  N   . TYR A 1 19  ? -2.242  10.973  -6.621  1.00 11.73 ? 19  TYR A N   1 
ATOM   134  C  CA  . TYR A 1 19  ? -2.968  10.239  -5.586  1.00 11.77 ? 19  TYR A CA  1 
ATOM   135  C  C   . TYR A 1 19  ? -1.993  9.879   -4.451  1.00 12.03 ? 19  TYR A C   1 
ATOM   136  O  O   . TYR A 1 19  ? -2.274  10.137  -3.253  1.00 12.15 ? 19  TYR A O   1 
ATOM   137  C  CB  . TYR A 1 19  ? -3.666  8.969   -6.122  1.00 12.19 ? 19  TYR A CB  1 
ATOM   138  C  CG  . TYR A 1 19  ? -4.154  8.195   -4.925  1.00 11.89 ? 19  TYR A CG  1 
ATOM   139  C  CD1 . TYR A 1 19  ? -5.249  8.644   -4.225  1.00 11.88 ? 19  TYR A CD1 1 
ATOM   140  C  CD2 . TYR A 1 19  ? -3.432  7.133   -4.408  1.00 14.19 ? 19  TYR A CD2 1 
ATOM   141  C  CE1 . TYR A 1 19  ? -5.657  8.028   -3.056  1.00 12.76 ? 19  TYR A CE1 1 
ATOM   142  C  CE2 . TYR A 1 19  ? -3.819  6.513   -3.264  1.00 13.89 ? 19  TYR A CE2 1 
ATOM   143  C  CZ  . TYR A 1 19  ? -4.927  6.954   -2.577  1.00 12.58 ? 19  TYR A CZ  1 
ATOM   144  O  OH  . TYR A 1 19  ? -5.242  6.321   -1.452  1.00 16.01 ? 19  TYR A OH  1 
ATOM   145  N  N   . LEU A 1 20  ? -0.827  9.318   -4.806  1.00 11.21 ? 20  LEU A N   1 
ATOM   146  C  CA  . LEU A 1 20  ? 0.129   8.910   -3.761  1.00 11.61 ? 20  LEU A CA  1 
ATOM   147  C  C   . LEU A 1 20  ? 0.579   10.107  -2.958  1.00 10.89 ? 20  LEU A C   1 
ATOM   148  O  O   . LEU A 1 20  ? 0.729   9.999   -1.731  1.00 10.98 ? 20  LEU A O   1 
ATOM   149  C  CB  . LEU A 1 20  ? 1.342   8.163   -4.332  1.00 10.79 ? 20  LEU A CB  1 
ATOM   150  C  CG  . LEU A 1 20  ? 1.030   6.814   -5.011  1.00 12.79 ? 20  LEU A CG  1 
ATOM   151  C  CD1 . LEU A 1 20  ? 2.368   6.277   -5.608  1.00 13.02 ? 20  LEU A CD1 1 
ATOM   152  C  CD2 . LEU A 1 20  ? 0.442   5.890   -3.985  1.00 13.10 ? 20  LEU A CD2 1 
ATOM   153  N  N   . ALA A 1 21  ? 0.807   11.239  -3.609  1.00 10.43 ? 21  ALA A N   1 
ATOM   154  C  CA  . ALA A 1 21  ? 1.206   12.453  -2.881  1.00 11.66 ? 21  ALA A CA  1 
ATOM   155  C  C   . ALA A 1 21  ? 0.148   12.862  -1.869  1.00 12.25 ? 21  ALA A C   1 
ATOM   156  O  O   . ALA A 1 21  ? 0.464   13.290  -0.748  1.00 13.19 ? 21  ALA A O   1 
ATOM   157  C  CB  . ALA A 1 21  ? 1.507   13.616  -3.845  1.00 12.51 ? 21  ALA A CB  1 
ATOM   158  N  N   . ASP A 1 22  ? -1.116  12.781  -2.257  1.00 11.37 ? 22  ASP A N   1 
ATOM   159  C  CA  . ASP A 1 22  ? -2.224  13.166  -1.385  1.00 11.06 ? 22  ASP A CA  1 
ATOM   160  C  C   . ASP A 1 22  ? -2.382  12.211  -0.221  1.00 11.50 ? 22  ASP A C   1 
ATOM   161  O  O   . ASP A 1 22  ? -2.548  12.642  0.904   1.00 12.40 ? 22  ASP A O   1 
ATOM   162  C  CB  . ASP A 1 22  ? -3.519  13.188  -2.189  1.00 11.59 ? 22  ASP A CB  1 
ATOM   163  C  CG  . ASP A 1 22  ? -4.680  13.729  -1.405  1.00 14.01 ? 22  ASP A CG  1 
ATOM   164  O  OD1 . ASP A 1 22  ? -4.717  14.978  -1.192  1.00 17.38 ? 22  ASP A OD1 1 
ATOM   165  O  OD2 . ASP A 1 22  ? -5.589  12.944  -1.008  1.00 16.09 ? 22  ASP A OD2 1 
ATOM   166  N  N   . TRP A 1 23  ? -2.350  10.908  -0.492  1.00 10.13 ? 23  TRP A N   1 
ATOM   167  C  CA  . TRP A 1 23  ? -2.441  9.931   0.601   1.00 9.52  ? 23  TRP A CA  1 
ATOM   168  C  C   . TRP A 1 23  ? -1.299  10.132  1.592   1.00 9.86  ? 23  TRP A C   1 
ATOM   169  O  O   . TRP A 1 23  ? -1.508  10.118  2.815   1.00 10.22 ? 23  TRP A O   1 
ATOM   170  C  CB  . TRP A 1 23  ? -2.469  8.463   0.067   1.00 9.58  ? 23  TRP A CB  1 
ATOM   171  C  CG  . TRP A 1 23  ? -2.580  7.434   1.156   1.00 10.34 ? 23  TRP A CG  1 
ATOM   172  C  CD1 . TRP A 1 23  ? -3.734  6.918   1.717   1.00 11.57 ? 23  TRP A CD1 1 
ATOM   173  C  CD2 . TRP A 1 23  ? -1.483  6.808   1.808   1.00 11.26 ? 23  TRP A CD2 1 
ATOM   174  N  NE1 . TRP A 1 23  ? -3.386  6.028   2.730   1.00 11.56 ? 23  TRP A NE1 1 
ATOM   175  C  CE2 . TRP A 1 23  ? -2.009  5.909   2.771   1.00 8.49  ? 23  TRP A CE2 1 
ATOM   176  C  CE3 . TRP A 1 23  ? -0.092  6.900   1.648   1.00 10.63 ? 23  TRP A CE3 1 
ATOM   177  C  CZ2 . TRP A 1 23  ? -1.165  5.150   3.593   1.00 9.50  ? 23  TRP A CZ2 1 
ATOM   178  C  CZ3 . TRP A 1 23  ? 0.735   6.173   2.463   1.00 11.70 ? 23  TRP A CZ3 1 
ATOM   179  C  CH2 . TRP A 1 23  ? 0.197   5.307   3.431   1.00 12.31 ? 23  TRP A CH2 1 
ATOM   180  N  N   . SER A 1 24  ? -0.077  10.300  1.066   1.00 10.98 ? 24  SER A N   1 
ATOM   181  C  CA  . SER A 1 24  ? 1.077   10.487  1.920   1.00 11.58 ? 24  SER A CA  1 
ATOM   182  C  C   . SER A 1 24  ? 0.979   11.746  2.774   1.00 10.62 ? 24  SER A C   1 
ATOM   183  O  O   . SER A 1 24  ? 1.324   11.735  3.964   1.00 11.01 ? 24  SER A O   1 
ATOM   184  C  CB  . SER A 1 24  ? 2.355   10.530  1.112   1.00 11.80 ? 24  SER A CB  1 
ATOM   185  O  OG  . SER A 1 24  ? 2.699   9.224   0.702   1.00 12.67 ? 24  SER A OG  1 
ATOM   186  N  N   . ALA A 1 25  ? 0.536   12.847  2.175   1.00 11.40 ? 25  ALA A N   1 
ATOM   187  C  CA  . ALA A 1 25  ? 0.317   14.077  2.924   1.00 11.38 ? 25  ALA A CA  1 
ATOM   188  C  C   . ALA A 1 25  ? -0.742  13.917  4.030   1.00 11.96 ? 25  ALA A C   1 
ATOM   189  O  O   . ALA A 1 25  ? -0.602  14.422  5.125   1.00 12.93 ? 25  ALA A O   1 
ATOM   190  C  CB  . ALA A 1 25  ? -0.047  15.220  1.947   1.00 12.37 ? 25  ALA A CB  1 
ATOM   191  N  N   . TYR A 1 26  ? -1.792  13.184  3.746   1.00 10.57 ? 26  TYR A N   1 
ATOM   192  C  CA  . TYR A 1 26  ? -2.883  12.929  4.683   1.00 10.37 ? 26  TYR A CA  1 
ATOM   193  C  C   . TYR A 1 26  ? -2.370  12.026  5.793   1.00 11.39 ? 26  TYR A C   1 
ATOM   194  O  O   . TYR A 1 26  ? -2.739  12.179  6.951   1.00 12.56 ? 26  TYR A O   1 
ATOM   195  C  CB  . TYR A 1 26  ? -4.043  12.292  3.947   1.00 10.61 ? 26  TYR A CB  1 
ATOM   196  C  CG  . TYR A 1 26  ? -5.250  11.914  4.778   1.00 10.45 ? 26  TYR A CG  1 
ATOM   197  C  CD1 . TYR A 1 26  ? -5.845  12.825  5.648   1.00 11.24 ? 26  TYR A CD1 1 
ATOM   198  C  CD2 . TYR A 1 26  ? -5.828  10.668  4.635   1.00 11.89 ? 26  TYR A CD2 1 
ATOM   199  C  CE1 . TYR A 1 26  ? -6.986  12.479  6.373   1.00 11.35 ? 26  TYR A CE1 1 
ATOM   200  C  CE2 . TYR A 1 26  ? -6.960  10.284  5.379   1.00 11.43 ? 26  TYR A CE2 1 
ATOM   201  C  CZ  . TYR A 1 26  ? -7.536  11.211  6.242   1.00 13.23 ? 26  TYR A CZ  1 
ATOM   202  O  OH  . TYR A 1 26  ? -8.665  10.899  6.973   1.00 13.08 ? 26  TYR A OH  1 
ATOM   203  N  N   . PHE A 1 27  ? -1.536  11.049  5.437   1.00 11.08 ? 27  PHE A N   1 
ATOM   204  C  CA  . PHE A 1 27  ? -0.904  10.194  6.454   1.00 11.23 ? 27  PHE A CA  1 
ATOM   205  C  C   . PHE A 1 27  ? -0.128  11.075  7.472   1.00 11.89 ? 27  PHE A C   1 
ATOM   206  O  O   . PHE A 1 27  ? -0.145  10.806  8.677   1.00 11.89 ? 27  PHE A O   1 
ATOM   207  C  CB  . PHE A 1 27  ? 0.013   9.157   5.791   1.00 10.36 ? 27  PHE A CB  1 
ATOM   208  C  CG  . PHE A 1 27  ? 0.464   8.037   6.696   1.00 12.61 ? 27  PHE A CG  1 
ATOM   209  C  CD1 . PHE A 1 27  ? -0.081  6.789   6.582   1.00 13.35 ? 27  PHE A CD1 1 
ATOM   210  C  CD2 . PHE A 1 27  ? 1.458   8.246   7.637   1.00 12.51 ? 27  PHE A CD2 1 
ATOM   211  C  CE1 . PHE A 1 27  ? 0.347   5.737   7.406   1.00 13.20 ? 27  PHE A CE1 1 
ATOM   212  C  CE2 . PHE A 1 27  ? 1.854   7.235   8.472   1.00 13.74 ? 27  PHE A CE2 1 
ATOM   213  C  CZ  . PHE A 1 27  ? 1.318   5.955   8.317   1.00 12.51 ? 27  PHE A CZ  1 
ATOM   214  N  N   . GLY A 1 28  ? 0.506   12.136  7.000   1.00 12.53 ? 28  GLY A N   1 
ATOM   215  C  CA  . GLY A 1 28  ? 1.274   13.033  7.864   1.00 12.95 ? 28  GLY A CA  1 
ATOM   216  C  C   . GLY A 1 28  ? 0.464   14.072  8.625   1.00 14.15 ? 28  GLY A C   1 
ATOM   217  O  O   . GLY A 1 28  ? 0.892   14.550  9.681   1.00 15.36 ? 28  GLY A O   1 
ATOM   218  N  N   . ASP A 1 29  ? -0.725  14.397  8.130   1.00 14.22 ? 29  ASP A N   1 
ATOM   219  C  CA  . ASP A 1 29  ? -1.552  15.480  8.683   1.00 13.80 ? 29  ASP A CA  1 
ATOM   220  C  C   . ASP A 1 29  ? -3.012  15.330  8.294   1.00 13.70 ? 29  ASP A C   1 
ATOM   221  O  O   . ASP A 1 29  ? -3.366  15.459  7.143   1.00 12.28 ? 29  ASP A O   1 
ATOM   222  C  CB  . ASP A 1 29  ? -1.009  16.816  8.167   1.00 14.01 ? 29  ASP A CB  1 
ATOM   223  C  CG  . ASP A 1 29  ? -1.663  18.028  8.818   1.00 17.16 ? 29  ASP A CG  1 
ATOM   224  O  OD1 . ASP A 1 29  ? -2.567  17.887  9.699   1.00 18.45 ? 29  ASP A OD1 1 
ATOM   225  O  OD2 . ASP A 1 29  ? -1.276  19.145  8.381   1.00 20.82 ? 29  ASP A OD2 1 
ATOM   226  N  N   . VAL A 1 30  ? -3.877  15.051  9.269   1.00 12.79 ? 30  VAL A N   1 
ATOM   227  C  CA  . VAL A 1 30  ? -5.313  14.965  9.013   1.00 12.90 ? 30  VAL A CA  1 
ATOM   228  C  C   . VAL A 1 30  ? -5.856  16.201  8.280   1.00 13.12 ? 30  VAL A C   1 
ATOM   229  O  O   . VAL A 1 30  ? -6.756  16.071  7.464   1.00 13.38 ? 30  VAL A O   1 
ATOM   230  C  CB  . VAL A 1 30  ? -6.110  14.728  10.323  1.00 13.19 ? 30  VAL A CB  1 
ATOM   231  C  CG1 . VAL A 1 30  ? -6.014  15.949  11.261  1.00 13.08 ? 30  VAL A CG1 1 
ATOM   232  C  CG2 . VAL A 1 30  ? -7.557  14.390  10.059  1.00 11.97 ? 30  VAL A CG2 1 
ATOM   233  N  N   . ASN A 1 31  ? -5.285  17.367  8.569   1.00 14.77 ? 31  ASN A N   1 
ATOM   234  C  CA  . ASN A 1 31  ? -5.761  18.608  7.991   1.00 14.97 ? 31  ASN A CA  1 
ATOM   235  C  C   . ASN A 1 31  ? -5.541  18.692  6.486   1.00 14.53 ? 31  ASN A C   1 
ATOM   236  O  O   . ASN A 1 31  ? -6.050  19.610  5.821   1.00 16.36 ? 31  ASN A O   1 
ATOM   237  C  CB  . ASN A 1 31  ? -5.118  19.806  8.713   1.00 15.65 ? 31  ASN A CB  1 
ATOM   238  C  CG  . ASN A 1 31  ? -5.481  19.848  10.231  1.00 17.28 ? 31  ASN A CG  1 
ATOM   239  O  OD1 . ASN A 1 31  ? -4.586  19.840  11.096  1.00 25.61 ? 31  ASN A OD1 1 
ATOM   240  N  ND2 . ASN A 1 31  ? -6.774  19.819  10.545  1.00 19.19 ? 31  ASN A ND2 1 
ATOM   241  N  N   . HIS A 1 32  ? -4.762  17.763  5.939   1.00 13.18 ? 32  HIS A N   1 
ATOM   242  C  CA  . HIS A 1 32  ? -4.524  17.765  4.493   1.00 13.54 ? 32  HIS A CA  1 
ATOM   243  C  C   . HIS A 1 32  ? -5.824  17.524  3.734   1.00 13.70 ? 32  HIS A C   1 
ATOM   244  O  O   . HIS A 1 32  ? -5.965  17.969  2.617   1.00 15.13 ? 32  HIS A O   1 
ATOM   245  C  CB  . HIS A 1 32  ? -3.544  16.683  4.050   1.00 13.65 ? 32  HIS A CB  1 
ATOM   246  C  CG  . HIS A 1 32  ? -3.221  16.763  2.594   1.00 14.38 ? 32  HIS A CG  1 
ATOM   247  N  ND1 . HIS A 1 32  ? -2.466  17.788  2.065   1.00 15.23 ? 32  HIS A ND1 1 
ATOM   248  C  CD2 . HIS A 1 32  ? -3.549  15.952  1.558   1.00 15.18 ? 32  HIS A CD2 1 
ATOM   249  C  CE1 . HIS A 1 32  ? -2.360  17.609  0.754   1.00 16.53 ? 32  HIS A CE1 1 
ATOM   250  N  NE2 . HIS A 1 32  ? -3.017  16.511  0.420   1.00 13.10 ? 32  HIS A NE2 1 
ATOM   251  N  N   . ARG A 1 33  ? -6.768  16.828  4.362   1.00 13.31 ? 33  ARG A N   1 
ATOM   252  C  CA  . ARG A 1 33  ? -8.102  16.600  3.822   1.00 14.09 ? 33  ARG A CA  1 
ATOM   253  C  C   . ARG A 1 33  ? -9.121  17.237  4.724   1.00 16.22 ? 33  ARG A C   1 
ATOM   254  O  O   . ARG A 1 33  ? -9.634  16.614  5.644   1.00 15.80 ? 33  ARG A O   1 
ATOM   255  C  CB  . ARG A 1 33  ? -8.387  15.103  3.658   1.00 13.80 ? 33  ARG A CB  1 
ATOM   256  C  CG  . ARG A 1 33  ? -7.411  14.413  2.724   1.00 14.11 ? 33  ARG A CG  1 
ATOM   257  C  CD  . ARG A 1 33  ? -7.780  12.966  2.546   1.00 14.59 ? 33  ARG A CD  1 
ATOM   258  N  NE  . ARG A 1 33  ? -6.965  12.283  1.542   1.00 15.16 ? 33  ARG A NE  1 
ATOM   259  C  CZ  . ARG A 1 33  ? -7.080  10.979  1.259   1.00 16.58 ? 33  ARG A CZ  1 
ATOM   260  N  NH1 . ARG A 1 33  ? -7.967  10.232  1.913   1.00 14.54 ? 33  ARG A NH1 1 
ATOM   261  N  NH2 . ARG A 1 33  ? -6.323  10.414  0.333   1.00 15.94 ? 33  ARG A NH2 1 
ATOM   262  N  N   . PRO A 1 34  ? -9.454  18.507  4.437   1.00 17.28 ? 34  PRO A N   1 
ATOM   263  C  CA  . PRO A 1 34  ? -10.417 19.242  5.253   1.00 18.33 ? 34  PRO A CA  1 
ATOM   264  C  C   . PRO A 1 34  ? -11.718 18.484  5.497   1.00 18.69 ? 34  PRO A C   1 
ATOM   265  O  O   . PRO A 1 34  ? -12.287 17.884  4.581   1.00 19.66 ? 34  PRO A O   1 
ATOM   266  C  CB  . PRO A 1 34  ? -10.650 20.513  4.421   1.00 17.99 ? 34  PRO A CB  1 
ATOM   267  C  CG  . PRO A 1 34  ? -9.348  20.759  3.769   1.00 18.39 ? 34  PRO A CG  1 
ATOM   268  C  CD  . PRO A 1 34  ? -8.836  19.375  3.405   1.00 17.05 ? 34  PRO A CD  1 
ATOM   269  N  N   . GLY A 1 35  ? -12.149 18.456  6.747   1.00 19.50 ? 35  GLY A N   1 
ATOM   270  C  CA  . GLY A 1 35  ? -13.383 17.741  7.070   1.00 19.51 ? 35  GLY A CA  1 
ATOM   271  C  C   . GLY A 1 35  ? -13.140 16.437  7.786   1.00 19.38 ? 35  GLY A C   1 
ATOM   272  O  O   . GLY A 1 35  ? -14.018 15.973  8.530   1.00 20.95 ? 35  GLY A O   1 
ATOM   273  N  N   . GLN A 1 36  ? -11.957 15.836  7.598   1.00 17.64 ? 36  GLN A N   1 
ATOM   274  C  CA  . GLN A 1 36  ? -11.678 14.568  8.283   1.00 17.39 ? 36  GLN A CA  1 
ATOM   275  C  C   . GLN A 1 36  ? -11.297 14.790  9.761   1.00 16.32 ? 36  GLN A C   1 
ATOM   276  O  O   . GLN A 1 36  ? -10.696 15.819  10.125  1.00 16.10 ? 36  GLN A O   1 
ATOM   277  C  CB  . GLN A 1 36  ? -10.568 13.791  7.552   1.00 16.52 ? 36  GLN A CB  1 
ATOM   278  C  CG  . GLN A 1 36  ? -10.906 13.389  6.142   1.00 16.94 ? 36  GLN A CG  1 
ATOM   279  C  CD  . GLN A 1 36  ? -12.122 12.498  6.076   1.00 20.32 ? 36  GLN A CD  1 
ATOM   280  O  OE1 . GLN A 1 36  ? -12.308 11.577  6.891   1.00 21.49 ? 36  GLN A OE1 1 
ATOM   281  N  NE2 . GLN A 1 36  ? -12.973 12.762  5.085   1.00 25.32 ? 36  GLN A NE2 1 
ATOM   282  N  N   . VAL A 1 37  ? -11.656 13.810  10.605  1.00 17.62 ? 37  VAL A N   1 
ATOM   283  C  CA  . VAL A 1 37  ? -11.253 13.769  11.998  1.00 17.55 ? 37  VAL A CA  1 
ATOM   284  C  C   . VAL A 1 37  ? -10.532 12.445  12.216  1.00 16.92 ? 37  VAL A C   1 
ATOM   285  O  O   . VAL A 1 37  ? -10.676 11.468  11.428  1.00 16.53 ? 37  VAL A O   1 
ATOM   286  C  CB  . VAL A 1 37  ? -12.452 13.940  12.997  1.00 18.55 ? 37  VAL A CB  1 
ATOM   287  C  CG1 . VAL A 1 37  ? -13.131 15.329  12.804  1.00 18.29 ? 37  VAL A CG1 1 
ATOM   288  C  CG2 . VAL A 1 37  ? -13.478 12.885  12.812  1.00 19.40 ? 37  VAL A CG2 1 
ATOM   289  N  N   . VAL A 1 38  ? -9.737  12.412  13.261  1.00 16.26 ? 38  VAL A N   1 
ATOM   290  C  CA  . VAL A 1 38  ? -8.946  11.214  13.593  1.00 17.52 ? 38  VAL A CA  1 
ATOM   291  C  C   . VAL A 1 38  ? -9.749  10.472  14.669  1.00 19.42 ? 38  VAL A C   1 
ATOM   292  O  O   . VAL A 1 38  ? -9.931  10.971  15.800  1.00 19.77 ? 38  VAL A O   1 
ATOM   293  C  CB  . VAL A 1 38  ? -7.561  11.605  14.099  1.00 17.26 ? 38  VAL A CB  1 
ATOM   294  C  CG1 . VAL A 1 38  ? -6.604  10.384  14.183  1.00 17.83 ? 38  VAL A CG1 1 
ATOM   295  C  CG2 . VAL A 1 38  ? -6.913  12.650  13.166  1.00 19.04 ? 38  VAL A CG2 1 
ATOM   296  N  N   . ASP A 1 39  ? -10.314 9.333   14.303  1.00 20.42 ? 39  ASP A N   1 
ATOM   297  C  CA  . ASP A 1 39  ? -11.054 8.545   15.274  1.00 21.36 ? 39  ASP A CA  1 
ATOM   298  C  C   . ASP A 1 39  ? -11.003 7.047   15.031  1.00 21.63 ? 39  ASP A C   1 
ATOM   299  O  O   . ASP A 1 39  ? -11.869 6.315   15.508  1.00 22.66 ? 39  ASP A O   1 
ATOM   300  C  CB  . ASP A 1 39  ? -12.494 9.053   15.387  1.00 22.34 ? 39  ASP A CB  1 
ATOM   301  C  CG  . ASP A 1 39  ? -13.246 9.089   14.070  1.00 24.97 ? 39  ASP A CG  1 
ATOM   302  O  OD1 . ASP A 1 39  ? -12.711 8.717   12.997  1.00 26.19 ? 39  ASP A OD1 1 
ATOM   303  O  OD2 . ASP A 1 39  ? -14.433 9.530   14.112  1.00 29.43 ? 39  ASP A OD2 1 
ATOM   304  N  N   . GLY A 1 40  ? -9.973  6.583   14.327  1.00 20.43 ? 40  GLY A N   1 
ATOM   305  C  CA  . GLY A 1 40  ? -9.781  5.136   14.129  1.00 20.62 ? 40  GLY A CA  1 
ATOM   306  C  C   . GLY A 1 40  ? -9.151  4.528   15.382  1.00 20.40 ? 40  GLY A C   1 
ATOM   307  O  O   . GLY A 1 40  ? -8.257  5.126   15.986  1.00 22.83 ? 40  GLY A O   1 
ATOM   308  N  N   . SER A 1 41  ? -9.635  3.364   15.781  1.00 20.32 ? 41  SER A N   1 
ATOM   309  C  CA  . SER A 1 41  ? -9.111  2.645   16.950  1.00 19.82 ? 41  SER A CA  1 
ATOM   310  C  C   . SER A 1 41  ? -8.190  1.517   16.530  1.00 18.26 ? 41  SER A C   1 
ATOM   311  O  O   . SER A 1 41  ? -7.236  1.219   17.211  1.00 17.07 ? 41  SER A O   1 
ATOM   312  C  CB  . SER A 1 41  ? -10.264 2.067   17.777  1.00 20.98 ? 41  SER A CB  1 
ATOM   313  O  OG  . SER A 1 41  ? -11.056 3.132   18.270  1.00 26.73 ? 41  SER A OG  1 
ATOM   314  N  N   . ASN A 1 42  ? -8.483  0.916   15.386  1.00 16.93 ? 42  ASN A N   1 
ATOM   315  C  CA  . ASN A 1 42  ? -7.703  -0.224  14.901  1.00 15.27 ? 42  ASN A CA  1 
ATOM   316  C  C   . ASN A 1 42  ? -6.432  0.303   14.230  1.00 13.56 ? 42  ASN A C   1 
ATOM   317  O  O   . ASN A 1 42  ? -6.498  0.984   13.206  1.00 12.53 ? 42  ASN A O   1 
ATOM   318  C  CB  . ASN A 1 42  ? -8.572  -1.036  13.926  1.00 15.06 ? 42  ASN A CB  1 
ATOM   319  C  CG  . ASN A 1 42  ? -7.944  -2.358  13.515  1.00 17.21 ? 42  ASN A CG  1 
ATOM   320  O  OD1 . ASN A 1 42  ? -6.712  -2.539  13.553  1.00 18.14 ? 42  ASN A OD1 1 
ATOM   321  N  ND2 . ASN A 1 42  ? -8.806  -3.295  13.098  1.00 18.09 ? 42  ASN A ND2 1 
ATOM   322  N  N   . THR A 1 43  ? -5.276  0.021   14.806  1.00 13.95 ? 43  THR A N   1 
ATOM   323  C  CA  . THR A 1 43  ? -4.014  0.539   14.277  1.00 14.90 ? 43  THR A CA  1 
ATOM   324  C  C   . THR A 1 43  ? -3.239  -0.470  13.425  1.00 15.14 ? 43  THR A C   1 
ATOM   325  O  O   . THR A 1 43  ? -2.169  -0.136  12.896  1.00 14.29 ? 43  THR A O   1 
ATOM   326  C  CB  . THR A 1 43  ? -3.102  1.038   15.430  1.00 16.08 ? 43  THR A CB  1 
ATOM   327  O  OG1 . THR A 1 43  ? -2.689  -0.069  16.264  1.00 17.47 ? 43  THR A OG1 1 
ATOM   328  C  CG2 . THR A 1 43  ? -3.857  2.068   16.247  1.00 16.55 ? 43  THR A CG2 1 
ATOM   329  N  N   . GLY A 1 44  ? -3.759  -1.683  13.317  1.00 14.10 ? 44  GLY A N   1 
ATOM   330  C  CA  . GLY A 1 44  ? -3.172  -2.693  12.462  1.00 14.27 ? 44  GLY A CA  1 
ATOM   331  C  C   . GLY A 1 44  ? -2.194  -3.603  13.163  1.00 14.33 ? 44  GLY A C   1 
ATOM   332  O  O   . GLY A 1 44  ? -2.239  -3.750  14.414  1.00 16.51 ? 44  GLY A O   1 
ATOM   333  N  N   . GLY A 1 45  ? -1.303  -4.184  12.354  1.00 13.49 ? 45  GLY A N   1 
ATOM   334  C  CA  . GLY A 1 45  ? -0.324  -5.168  12.770  1.00 13.39 ? 45  GLY A CA  1 
ATOM   335  C  C   . GLY A 1 45  ? -0.184  -6.249  11.717  1.00 13.14 ? 45  GLY A C   1 
ATOM   336  O  O   . GLY A 1 45  ? -0.685  -6.118  10.616  1.00 11.85 ? 45  GLY A O   1 
ATOM   337  N  N   . PHE A 1 46  ? 0.497   -7.340  12.082  1.00 13.22 ? 46  PHE A N   1 
ATOM   338  C  CA  . PHE A 1 46  ? 0.618   -8.516  11.231  1.00 13.48 ? 46  PHE A CA  1 
ATOM   339  C  C   . PHE A 1 46  ? -0.584  -9.462  11.413  1.00 13.21 ? 46  PHE A C   1 
ATOM   340  O  O   . PHE A 1 46  ? -1.120  -9.614  12.526  1.00 13.75 ? 46  PHE A O   1 
ATOM   341  C  CB  . PHE A 1 46  ? 1.901   -9.273  11.514  1.00 13.29 ? 46  PHE A CB  1 
ATOM   342  C  CG  . PHE A 1 46  ? 3.119   -8.677  10.918  1.00 13.27 ? 46  PHE A CG  1 
ATOM   343  C  CD1 . PHE A 1 46  ? 3.456   -8.950  9.587   1.00 15.01 ? 46  PHE A CD1 1 
ATOM   344  C  CD2 . PHE A 1 46  ? 3.922   -7.819  11.649  1.00 16.84 ? 46  PHE A CD2 1 
ATOM   345  C  CE1 . PHE A 1 46  ? 4.616   -8.415  9.044   1.00 15.94 ? 46  PHE A CE1 1 
ATOM   346  C  CE2 . PHE A 1 46  ? 5.090   -7.244  11.070  1.00 16.71 ? 46  PHE A CE2 1 
ATOM   347  C  CZ  . PHE A 1 46  ? 5.410   -7.547  9.780   1.00 17.97 ? 46  PHE A CZ  1 
ATOM   348  N  N   . ASN A 1 47  ? -1.023  -10.089 10.325  1.00 12.69 ? 47  ASN A N   1 
ATOM   349  C  CA  . ASN A 1 47  ? -2.073  -11.087 10.335  1.00 12.95 ? 47  ASN A CA  1 
ATOM   350  C  C   . ASN A 1 47  ? -1.497  -12.344 9.644   1.00 13.02 ? 47  ASN A C   1 
ATOM   351  O  O   . ASN A 1 47  ? -1.280  -12.331 8.448   1.00 14.02 ? 47  ASN A O   1 
ATOM   352  C  CB  . ASN A 1 47  ? -3.265  -10.608 9.523   1.00 13.65 ? 47  ASN A CB  1 
ATOM   353  C  CG  . ASN A 1 47  ? -4.224  -11.704 9.262   1.00 13.25 ? 47  ASN A CG  1 
ATOM   354  O  OD1 . ASN A 1 47  ? -4.264  -12.692 10.005  1.00 16.77 ? 47  ASN A OD1 1 
ATOM   355  N  ND2 . ASN A 1 47  ? -4.990  -11.575 8.205   1.00 13.58 ? 47  ASN A ND2 1 
ATOM   356  N  N   . PRO A 1 48  ? -1.304  -13.462 10.383  1.00 14.42 ? 48  PRO A N   1 
ATOM   357  C  CA  . PRO A 1 48  ? -1.731  -13.715 11.727  1.00 15.78 ? 48  PRO A CA  1 
ATOM   358  C  C   . PRO A 1 48  ? -0.939  -13.042 12.828  1.00 15.93 ? 48  PRO A C   1 
ATOM   359  O  O   . PRO A 1 48  ? -1.460  -12.895 13.927  1.00 17.70 ? 48  PRO A O   1 
ATOM   360  C  CB  . PRO A 1 48  ? -1.567  -15.237 11.864  1.00 16.06 ? 48  PRO A CB  1 
ATOM   361  C  CG  . PRO A 1 48  ? -1.498  -15.785 10.551  1.00 18.03 ? 48  PRO A CG  1 
ATOM   362  C  CD  . PRO A 1 48  ? -0.827  -14.695 9.737   1.00 15.30 ? 48  PRO A CD  1 
ATOM   363  N  N   . GLY A 1 49  ? 0.317   -12.689 12.552  1.00 15.08 ? 49  GLY A N   1 
ATOM   364  C  CA  . GLY A 1 49  ? 1.200   -12.122 13.522  1.00 15.33 ? 49  GLY A CA  1 
ATOM   365  C  C   . GLY A 1 49  ? 1.808   -13.199 14.408  1.00 16.66 ? 49  GLY A C   1 
ATOM   366  O  O   . GLY A 1 49  ? 1.573   -14.395 14.191  1.00 17.60 ? 49  GLY A O   1 
ATOM   367  N  N   . PRO A 1 50  ? 2.589   -12.759 15.400  1.00 16.94 ? 50  PRO A N   1 
ATOM   368  C  CA  . PRO A 1 50  ? 2.775   -11.348 15.718  1.00 16.88 ? 50  PRO A CA  1 
ATOM   369  C  C   . PRO A 1 50  ? 3.711   -10.566 14.750  1.00 16.31 ? 50  PRO A C   1 
ATOM   370  O  O   . PRO A 1 50  ? 3.548   -9.352  14.595  1.00 17.00 ? 50  PRO A O   1 
ATOM   371  C  CB  . PRO A 1 50  ? 3.379   -11.374 17.120  1.00 18.85 ? 50  PRO A CB  1 
ATOM   372  C  CG  . PRO A 1 50  ? 3.964   -12.736 17.242  1.00 18.09 ? 50  PRO A CG  1 
ATOM   373  C  CD  . PRO A 1 50  ? 3.153   -13.639 16.440  1.00 18.26 ? 50  PRO A CD  1 
ATOM   374  N  N   . PHE A 1 51  ? 4.652   -11.266 14.136  1.00 15.05 ? 51  PHE A N   1 
ATOM   375  C  CA  . PHE A 1 51  ? 5.675   -10.647 13.280  1.00 16.01 ? 51  PHE A CA  1 
ATOM   376  C  C   . PHE A 1 51  ? 5.859   -11.307 11.921  1.00 15.35 ? 51  PHE A C   1 
ATOM   377  O  O   . PHE A 1 51  ? 6.864   -11.054 11.234  1.00 16.05 ? 51  PHE A O   1 
ATOM   378  C  CB  . PHE A 1 51  ? 6.980   -10.504 14.047  1.00 16.67 ? 51  PHE A CB  1 
ATOM   379  C  CG  . PHE A 1 51  ? 6.821   -9.566  15.187  1.00 20.84 ? 51  PHE A CG  1 
ATOM   380  C  CD1 . PHE A 1 51  ? 6.592   -8.220  14.922  1.00 24.12 ? 51  PHE A CD1 1 
ATOM   381  C  CD2 . PHE A 1 51  ? 6.753   -10.020 16.484  1.00 24.59 ? 51  PHE A CD2 1 
ATOM   382  C  CE1 . PHE A 1 51  ? 6.342   -7.319  15.931  1.00 26.77 ? 51  PHE A CE1 1 
ATOM   383  C  CE2 . PHE A 1 51  ? 6.531   -9.106  17.525  1.00 26.13 ? 51  PHE A CE2 1 
ATOM   384  C  CZ  . PHE A 1 51  ? 6.322   -7.758  17.231  1.00 26.47 ? 51  PHE A CZ  1 
ATOM   385  N  N   . ASP A 1 52  ? 4.859   -12.074 11.507  1.00 14.78 ? 52  ASP A N   1 
ATOM   386  C  CA  . ASP A 1 52  ? 4.809   -12.623 10.154  1.00 14.30 ? 52  ASP A CA  1 
ATOM   387  C  C   . ASP A 1 52  ? 3.354   -12.671 9.773   1.00 14.46 ? 52  ASP A C   1 
ATOM   388  O  O   . ASP A 1 52  ? 2.460   -12.785 10.637  1.00 14.22 ? 52  ASP A O   1 
ATOM   389  C  CB  . ASP A 1 52  ? 5.400   -14.051 10.134  1.00 14.85 ? 52  ASP A CB  1 
ATOM   390  C  CG  . ASP A 1 52  ? 6.818   -14.101 10.699  1.00 17.96 ? 52  ASP A CG  1 
ATOM   391  O  OD1 . ASP A 1 52  ? 7.033   -14.215 11.934  1.00 20.55 ? 52  ASP A OD1 1 
ATOM   392  O  OD2 . ASP A 1 52  ? 7.733   -14.001 9.866   1.00 20.32 ? 52  ASP A OD2 1 
ATOM   393  N  N   . GLY A 1 53  ? 3.086   -12.590 8.495   1.00 14.30 ? 53  GLY A N   1 
ATOM   394  C  CA  . GLY A 1 53  ? 1.726   -12.772 8.066   1.00 13.70 ? 53  GLY A CA  1 
ATOM   395  C  C   . GLY A 1 53  ? 1.512   -12.661 6.590   1.00 12.72 ? 53  GLY A C   1 
ATOM   396  O  O   . GLY A 1 53  ? 2.395   -12.241 5.840   1.00 13.69 ? 53  GLY A O   1 
ATOM   397  N  N   . SER A 1 54  ? 0.278   -12.989 6.186   1.00 11.43 ? 54  SER A N   1 
ATOM   398  C  CA  . SER A 1 54  ? -0.157  -12.755 4.837   1.00 12.02 ? 54  SER A CA  1 
ATOM   399  C  C   . SER A 1 54  ? -0.574  -11.272 4.629   1.00 10.17 ? 54  SER A C   1 
ATOM   400  O  O   . SER A 1 54  ? -0.729  -10.810 3.498   1.00 10.99 ? 54  SER A O   1 
ATOM   401  C  CB  . SER A 1 54  ? -1.336  -13.684 4.531   1.00 13.40 ? 54  SER A CB  1 
ATOM   402  O  OG  . SER A 1 54  ? -2.413  -13.429 5.438   1.00 15.95 ? 54  SER A OG  1 
ATOM   403  N  N   . GLN A 1 55  ? -0.780  -10.551 5.718   1.00 10.52 ? 55  GLN A N   1 
ATOM   404  C  CA  . GLN A 1 55  ? -0.961  -9.109  5.697   1.00 9.98  ? 55  GLN A CA  1 
ATOM   405  C  C   . GLN A 1 55  ? -0.159  -8.421  6.756   1.00 10.93 ? 55  GLN A C   1 
ATOM   406  O  O   . GLN A 1 55  ? 0.043   -8.949  7.851   1.00 11.56 ? 55  GLN A O   1 
ATOM   407  C  CB  . GLN A 1 55  ? -2.403  -8.687  5.976   1.00 9.56  ? 55  GLN A CB  1 
ATOM   408  C  CG  . GLN A 1 55  ? -3.425  -9.188  5.016   1.00 10.80 ? 55  GLN A CG  1 
ATOM   409  C  CD  . GLN A 1 55  ? -4.852  -8.852  5.468   1.00 10.85 ? 55  GLN A CD  1 
ATOM   410  O  OE1 . GLN A 1 55  ? -5.239  -9.158  6.592   1.00 12.08 ? 55  GLN A OE1 1 
ATOM   411  N  NE2 . GLN A 1 55  ? -5.637  -8.319  4.578   1.00 12.64 ? 55  GLN A NE2 1 
ATOM   412  N  N   . TYR A 1 56  ? 0.250   -7.200  6.420   1.00 10.53 ? 56  TYR A N   1 
ATOM   413  C  CA  . TYR A 1 56  ? 0.711   -6.203  7.372   1.00 11.07 ? 56  TYR A CA  1 
ATOM   414  C  C   . TYR A 1 56  ? -0.103  -4.943  7.134   1.00 10.86 ? 56  TYR A C   1 
ATOM   415  O  O   . TYR A 1 56  ? -0.096  -4.399  6.042   1.00 10.58 ? 56  TYR A O   1 
ATOM   416  C  CB  . TYR A 1 56  ? 2.207   -5.932  7.248   1.00 10.52 ? 56  TYR A CB  1 
ATOM   417  C  CG  . TYR A 1 56  ? 2.645   -4.823  8.208   1.00 14.59 ? 56  TYR A CG  1 
ATOM   418  C  CD1 . TYR A 1 56  ? 2.766   -5.072  9.556   1.00 13.68 ? 56  TYR A CD1 1 
ATOM   419  C  CD2 . TYR A 1 56  ? 2.820   -3.517  7.767   1.00 19.28 ? 56  TYR A CD2 1 
ATOM   420  C  CE1 . TYR A 1 56  ? 3.098   -4.063  10.472  1.00 19.21 ? 56  TYR A CE1 1 
ATOM   421  C  CE2 . TYR A 1 56  ? 3.178   -2.507  8.644   1.00 22.10 ? 56  TYR A CE2 1 
ATOM   422  C  CZ  . TYR A 1 56  ? 3.298   -2.773  9.998   1.00 22.57 ? 56  TYR A CZ  1 
ATOM   423  O  OH  . TYR A 1 56  ? 3.633   -1.760  10.882  1.00 30.76 ? 56  TYR A OH  1 
ATOM   424  N  N   . ALA A 1 57  ? -0.846  -4.515  8.152   1.00 10.71 ? 57  ALA A N   1 
ATOM   425  C  CA  . ALA A 1 57  ? -1.693  -3.327  8.064   1.00 10.63 ? 57  ALA A CA  1 
ATOM   426  C  C   . ALA A 1 57  ? -1.225  -2.276  9.054   1.00 11.26 ? 57  ALA A C   1 
ATOM   427  O  O   . ALA A 1 57  ? -0.742  -2.603  10.139  1.00 11.13 ? 57  ALA A O   1 
ATOM   428  C  CB  . ALA A 1 57  ? -3.132  -3.690  8.341   1.00 11.67 ? 57  ALA A CB  1 
ATOM   429  N  N   . LEU A 1 58  ? -1.397  -1.004  8.705   1.00 11.55 ? 58  LEU A N   1 
ATOM   430  C  CA  . LEU A 1 58  ? -1.020  0.071   9.635   1.00 11.96 ? 58  LEU A CA  1 
ATOM   431  C  C   . LEU A 1 58  ? -1.853  1.314   9.409   1.00 11.93 ? 58  LEU A C   1 
ATOM   432  O  O   . LEU A 1 58  ? -2.144  1.671   8.255   1.00 10.86 ? 58  LEU A O   1 
ATOM   433  C  CB  . LEU A 1 58  ? 0.500   0.395   9.528   1.00 13.44 ? 58  LEU A CB  1 
ATOM   434  C  CG  . LEU A 1 58  ? 1.059   1.365   10.581  1.00 15.35 ? 58  LEU A CG  1 
ATOM   435  C  CD1 . LEU A 1 58  ? 1.096   0.721   11.955  1.00 19.06 ? 58  LEU A CD1 1 
ATOM   436  C  CD2 . LEU A 1 58  ? 2.457   1.810   10.225  1.00 21.70 ? 58  LEU A CD2 1 
ATOM   437  N  N   . LYS A 1 59  ? -2.252  1.962   10.501  1.00 11.75 ? 59  LYS A N   1 
ATOM   438  C  CA  . LYS A 1 59  ? -2.907  3.275   10.462  1.00 11.61 ? 59  LYS A CA  1 
ATOM   439  C  C   . LYS A 1 59  ? -1.921  4.316   10.956  1.00 12.87 ? 59  LYS A C   1 
ATOM   440  O  O   . LYS A 1 59  ? -1.161  4.082   11.894  1.00 12.72 ? 59  LYS A O   1 
ATOM   441  C  CB  . LYS A 1 59  ? -4.160  3.266   11.342  1.00 12.32 ? 59  LYS A CB  1 
ATOM   442  C  CG  . LYS A 1 59  ? -5.028  4.513   11.206  1.00 12.22 ? 59  LYS A CG  1 
ATOM   443  C  CD  . LYS A 1 59  ? -6.063  4.601   12.324  1.00 13.53 ? 59  LYS A CD  1 
ATOM   444  C  CE  . LYS A 1 59  ? -5.530  5.321   13.573  1.00 13.87 ? 59  LYS A CE  1 
ATOM   445  N  NZ  . LYS A 1 59  ? -5.456  6.840   13.421  1.00 12.35 ? 59  LYS A NZ  1 
ATOM   446  N  N   . SER A 1 60  ? -1.904  5.467   10.287  1.00 12.07 ? 60  SER A N   1 
ATOM   447  C  CA  . SER A 1 60  ? -1.210  6.627   10.794  1.00 11.43 ? 60  SER A CA  1 
ATOM   448  C  C   . SER A 1 60  ? -1.625  6.944   12.242  1.00 11.43 ? 60  SER A C   1 
ATOM   449  O  O   . SER A 1 60  ? -2.777  6.632   12.668  1.00 12.37 ? 60  SER A O   1 
ATOM   450  C  CB  . SER A 1 60  ? -1.485  7.823   9.886   1.00 11.36 ? 60  SER A CB  1 
ATOM   451  O  OG  . SER A 1 60  ? -0.978  9.033   10.423  1.00 13.03 ? 60  SER A OG  1 
ATOM   452  N  N   . THR A 1 61  ? -0.718  7.618   12.960  1.00 12.76 ? 61  THR A N   1 
ATOM   453  C  CA  . THR A 1 61  ? -1.055  8.228   14.241  1.00 13.66 ? 61  THR A CA  1 
ATOM   454  C  C   . THR A 1 61  ? -1.587  9.658   14.136  1.00 13.58 ? 61  THR A C   1 
ATOM   455  O  O   . THR A 1 61  ? -2.317  10.121  15.019  1.00 15.71 ? 61  THR A O   1 
ATOM   456  C  CB  . THR A 1 61  ? 0.140   8.217   15.210  1.00 13.14 ? 61  THR A CB  1 
ATOM   457  O  OG1 . THR A 1 61  ? 1.194   9.003   14.664  1.00 14.00 ? 61  THR A OG1 1 
ATOM   458  C  CG2 . THR A 1 61  ? 0.612   6.740   15.456  1.00 15.32 ? 61  THR A CG2 1 
ATOM   459  N  N   . ALA A 1 62  ? -1.272  10.319  13.033  1.00 13.30 ? 62  ALA A N   1 
ATOM   460  C  CA  . ALA A 1 62  ? -1.686  11.700  12.789  1.00 12.66 ? 62  ALA A CA  1 
ATOM   461  C  C   . ALA A 1 62  ? -3.050  11.823  12.106  1.00 13.55 ? 62  ALA A C   1 
ATOM   462  O  O   . ALA A 1 62  ? -3.667  12.892  12.106  1.00 15.85 ? 62  ALA A O   1 
ATOM   463  C  CB  . ALA A 1 62  ? -0.615  12.411  11.935  1.00 13.56 ? 62  ALA A CB  1 
ATOM   464  N  N   . SER A 1 63  ? -3.480  10.761  11.446  1.00 12.54 ? 63  SER A N   1 
ATOM   465  C  CA  . SER A 1 63  ? -4.806  10.686  10.782  1.00 12.01 ? 63  SER A CA  1 
ATOM   466  C  C   . SER A 1 63  ? -5.218  9.243   10.666  1.00 12.73 ? 63  SER A C   1 
ATOM   467  O  O   . SER A 1 63  ? -4.472  8.363   11.053  1.00 13.46 ? 63  SER A O   1 
ATOM   468  C  CB  . SER A 1 63  ? -4.716  11.261  9.351   1.00 12.86 ? 63  SER A CB  1 
ATOM   469  O  OG  . SER A 1 63  ? -3.991  10.401  8.503   1.00 11.84 ? 63  SER A OG  1 
ATOM   470  N  N   . ASP A 1 64  ? -6.388  8.999   10.094  1.00 13.36 ? 64  ASP A N   1 
ATOM   471  C  CA  . ASP A 1 64  ? -6.845  7.639   9.844   1.00 12.73 ? 64  ASP A CA  1 
ATOM   472  C  C   . ASP A 1 64  ? -6.406  7.059   8.525   1.00 11.01 ? 64  ASP A C   1 
ATOM   473  O  O   . ASP A 1 64  ? -6.815  5.954   8.147   1.00 11.81 ? 64  ASP A O   1 
ATOM   474  C  CB  . ASP A 1 64  ? -8.376  7.573   10.011  1.00 13.26 ? 64  ASP A CB  1 
ATOM   475  C  CG  . ASP A 1 64  ? -8.805  7.876   11.449  1.00 14.10 ? 64  ASP A CG  1 
ATOM   476  O  OD1 . ASP A 1 64  ? -8.048  7.550   12.412  1.00 13.57 ? 64  ASP A OD1 1 
ATOM   477  O  OD2 . ASP A 1 64  ? -9.895  8.469   11.619  1.00 15.11 ? 64  ASP A OD2 1 
ATOM   478  N  N   . ALA A 1 65  ? -5.539  7.766   7.787   1.00 10.89 ? 65  ALA A N   1 
ATOM   479  C  CA  . ALA A 1 65  ? -4.873  7.153   6.636   1.00 11.70 ? 65  ALA A CA  1 
ATOM   480  C  C   . ALA A 1 65  ? -4.272  5.790   7.016   1.00 11.23 ? 65  ALA A C   1 
ATOM   481  O  O   . ALA A 1 65  ? -3.652  5.645   8.055   1.00 10.99 ? 65  ALA A O   1 
ATOM   482  C  CB  . ALA A 1 65  ? -3.775  8.052   6.072   1.00 11.91 ? 65  ALA A CB  1 
ATOM   483  N  N   . ALA A 1 66  ? -4.422  4.815   6.144   1.00 10.51 ? 66  ALA A N   1 
ATOM   484  C  CA  . ALA A 1 66  ? -3.993  3.486   6.440   1.00 10.77 ? 66  ALA A CA  1 
ATOM   485  C  C   . ALA A 1 66  ? -3.619  2.731   5.170   1.00 10.74 ? 66  ALA A C   1 
ATOM   486  O  O   . ALA A 1 66  ? -3.971  3.121   4.057   1.00 10.36 ? 66  ALA A O   1 
ATOM   487  C  CB  . ALA A 1 66  ? -5.107  2.725   7.226   1.00 10.81 ? 66  ALA A CB  1 
ATOM   488  N  N   . PHE A 1 67  ? -2.883  1.665   5.342   1.00 10.35 ? 67  PHE A N   1 
ATOM   489  C  CA  . PHE A 1 67  ? -2.556  0.790   4.262   1.00 9.89  ? 67  PHE A CA  1 
ATOM   490  C  C   . PHE A 1 67  ? -2.543  -0.645  4.710   1.00 8.86  ? 67  PHE A C   1 
ATOM   491  O  O   . PHE A 1 67  ? -2.406  -0.937  5.904   1.00 9.63  ? 67  PHE A O   1 
ATOM   492  C  CB  . PHE A 1 67  ? -1.181  1.141   3.607   1.00 9.84  ? 67  PHE A CB  1 
ATOM   493  C  CG  . PHE A 1 67  ? 0.022   0.774   4.443   1.00 10.89 ? 67  PHE A CG  1 
ATOM   494  C  CD1 . PHE A 1 67  ? 0.652   -0.463  4.280   1.00 14.09 ? 67  PHE A CD1 1 
ATOM   495  C  CD2 . PHE A 1 67  ? 0.561   1.663   5.333   1.00 13.65 ? 67  PHE A CD2 1 
ATOM   496  C  CE1 . PHE A 1 67  ? 1.740   -0.810  5.052   1.00 16.08 ? 67  PHE A CE1 1 
ATOM   497  C  CE2 . PHE A 1 67  ? 1.669   1.334   6.084   1.00 15.26 ? 67  PHE A CE2 1 
ATOM   498  C  CZ  . PHE A 1 67  ? 2.246   0.080   5.947   1.00 15.79 ? 67  PHE A CZ  1 
ATOM   499  N  N   . ILE A 1 68  ? -2.699  -1.550  3.750   1.00 9.47  ? 68  ILE A N   1 
ATOM   500  C  CA  . ILE A 1 68  ? -2.554  -2.968  3.980   1.00 9.43  ? 68  ILE A CA  1 
ATOM   501  C  C   . ILE A 1 68  ? -1.647  -3.565  2.875   1.00 9.48  ? 68  ILE A C   1 
ATOM   502  O  O   . ILE A 1 68  ? -1.939  -3.459  1.673   1.00 9.37  ? 68  ILE A O   1 
ATOM   503  C  CB  . ILE A 1 68  ? -3.908  -3.709  3.944   1.00 9.54  ? 68  ILE A CB  1 
ATOM   504  C  CG1 . ILE A 1 68  ? -4.931  -3.060  4.859   1.00 10.91 ? 68  ILE A CG1 1 
ATOM   505  C  CG2 . ILE A 1 68  ? -3.696  -5.225  4.221   1.00 12.97 ? 68  ILE A CG2 1 
ATOM   506  C  CD1 . ILE A 1 68  ? -6.292  -3.651  4.726   1.00 12.64 ? 68  ILE A CD1 1 
ATOM   507  N  N   . ALA A 1 69  ? -0.563  -4.202  3.318   1.00 9.82  ? 69  ALA A N   1 
ATOM   508  C  CA  . ALA A 1 69  ? 0.373   -4.901  2.461   1.00 9.88  ? 69  ALA A CA  1 
ATOM   509  C  C   . ALA A 1 69  ? -0.048  -6.373  2.502   1.00 9.82  ? 69  ALA A C   1 
ATOM   510  O  O   . ALA A 1 69  ? -0.244  -6.939  3.607   1.00 10.76 ? 69  ALA A O   1 
ATOM   511  C  CB  . ALA A 1 69  ? 1.793   -4.728  2.987   1.00 9.70  ? 69  ALA A CB  1 
ATOM   512  N  N   . GLY A 1 70  ? -0.174  -7.010  1.360   1.00 10.65 ? 70  GLY A N   1 
ATOM   513  C  CA  . GLY A 1 70  ? -0.493  -8.414  1.259   1.00 10.53 ? 70  GLY A CA  1 
ATOM   514  C  C   . GLY A 1 70  ? 0.562   -9.232  0.556   1.00 9.57  ? 70  GLY A C   1 
ATOM   515  O  O   . GLY A 1 70  ? 1.178   -8.794  -0.398  1.00 11.08 ? 70  GLY A O   1 
ATOM   516  N  N   . GLY A 1 71  ? 0.808   -10.432 1.060   1.00 10.09 ? 71  GLY A N   1 
ATOM   517  C  CA  . GLY A 1 71  ? 1.709   -11.378 0.425   1.00 10.33 ? 71  GLY A CA  1 
ATOM   518  C  C   . GLY A 1 71  ? 2.080   -12.470 1.418   1.00 11.16 ? 71  GLY A C   1 
ATOM   519  O  O   . GLY A 1 71  ? 1.197   -13.141 1.993   1.00 12.24 ? 71  GLY A O   1 
ATOM   520  N  N   . ASP A 1 72  ? 3.387   -12.636 1.619   1.00 11.83 ? 72  ASP A N   1 
ATOM   521  C  CA  . ASP A 1 72  ? 3.931   -13.579 2.585   1.00 12.23 ? 72  ASP A CA  1 
ATOM   522  C  C   . ASP A 1 72  ? 5.095   -12.842 3.211   1.00 11.81 ? 72  ASP A C   1 
ATOM   523  O  O   . ASP A 1 72  ? 6.230   -12.833 2.670   1.00 12.21 ? 72  ASP A O   1 
ATOM   524  C  CB  . ASP A 1 72  ? 4.376   -14.836 1.862   1.00 11.98 ? 72  ASP A CB  1 
ATOM   525  C  CG  . ASP A 1 72  ? 4.903   -15.900 2.763   1.00 17.56 ? 72  ASP A CG  1 
ATOM   526  O  OD1 . ASP A 1 72  ? 4.753   -15.824 3.983   1.00 19.97 ? 72  ASP A OD1 1 
ATOM   527  O  OD2 . ASP A 1 72  ? 5.412   -16.883 2.178   1.00 23.33 ? 72  ASP A OD2 1 
ATOM   528  N  N   . LEU A 1 73  ? 4.791   -12.147 4.289   1.00 10.40 ? 73  LEU A N   1 
ATOM   529  C  CA  . LEU A 1 73  ? 5.656   -11.119 4.875   1.00 9.75  ? 73  LEU A CA  1 
ATOM   530  C  C   . LEU A 1 73  ? 6.207   -11.485 6.239   1.00 10.72 ? 73  LEU A C   1 
ATOM   531  O  O   . LEU A 1 73  ? 5.578   -12.231 7.024   1.00 10.72 ? 73  LEU A O   1 
ATOM   532  C  CB  . LEU A 1 73  ? 4.904   -9.781  4.940   1.00 11.16 ? 73  LEU A CB  1 
ATOM   533  C  CG  . LEU A 1 73  ? 4.435   -9.197  3.609   1.00 11.81 ? 73  LEU A CG  1 
ATOM   534  C  CD1 . LEU A 1 73  ? 3.485   -8.040  3.858   1.00 14.85 ? 73  LEU A CD1 1 
ATOM   535  C  CD2 . LEU A 1 73  ? 5.638   -8.735  2.769   1.00 13.16 ? 73  LEU A CD2 1 
ATOM   536  N  N   . HIS A 1 74  ? 7.391   -10.922 6.514   1.00 11.97 ? 74  HIS A N   1 
ATOM   537  C  CA  . HIS A 1 74  ? 8.186   -11.307 7.698   1.00 12.46 ? 74  HIS A CA  1 
ATOM   538  C  C   . HIS A 1 74  ? 8.917   -10.111 8.250   1.00 13.29 ? 74  HIS A C   1 
ATOM   539  O  O   . HIS A 1 74  ? 9.379   -9.246  7.486   1.00 13.89 ? 74  HIS A O   1 
ATOM   540  C  CB  . HIS A 1 74  ? 9.242   -12.350 7.290   1.00 12.14 ? 74  HIS A CB  1 
ATOM   541  C  CG  . HIS A 1 74  ? 8.679   -13.577 6.648   1.00 15.04 ? 74  HIS A CG  1 
ATOM   542  N  ND1 . HIS A 1 74  ? 8.785   -13.841 5.298   1.00 20.43 ? 74  HIS A ND1 1 
ATOM   543  C  CD2 . HIS A 1 74  ? 8.032   -14.637 7.191   1.00 15.81 ? 74  HIS A CD2 1 
ATOM   544  C  CE1 . HIS A 1 74  ? 8.194   -14.994 5.027   1.00 19.52 ? 74  HIS A CE1 1 
ATOM   545  N  NE2 . HIS A 1 74  ? 7.737   -15.500 6.162   1.00 20.71 ? 74  HIS A NE2 1 
ATOM   546  N  N   . TYR A 1 75  ? 9.079   -10.070 9.567   1.00 14.26 ? 75  TYR A N   1 
ATOM   547  C  CA  . TYR A 1 75  ? 9.890   -9.040  10.216  1.00 14.34 ? 75  TYR A CA  1 
ATOM   548  C  C   . TYR A 1 75  ? 10.892  -9.734  11.101  1.00 15.34 ? 75  TYR A C   1 
ATOM   549  O  O   . TYR A 1 75  ? 10.518  -10.539 11.943  1.00 15.00 ? 75  TYR A O   1 
ATOM   550  C  CB  . TYR A 1 75  ? 9.028   -8.076  11.027  1.00 14.66 ? 75  TYR A CB  1 
ATOM   551  C  CG  . TYR A 1 75  ? 9.763   -6.859  11.529  1.00 15.83 ? 75  TYR A CG  1 
ATOM   552  C  CD1 . TYR A 1 75  ? 10.192  -5.881  10.654  1.00 15.04 ? 75  TYR A CD1 1 
ATOM   553  C  CD2 . TYR A 1 75  ? 9.974   -6.657  12.890  1.00 18.37 ? 75  TYR A CD2 1 
ATOM   554  C  CE1 . TYR A 1 75  ? 10.855  -4.752  11.100  1.00 19.60 ? 75  TYR A CE1 1 
ATOM   555  C  CE2 . TYR A 1 75  ? 10.647  -5.526  13.352  1.00 20.81 ? 75  TYR A CE2 1 
ATOM   556  C  CZ  . TYR A 1 75  ? 11.077  -4.591  12.449  1.00 20.50 ? 75  TYR A CZ  1 
ATOM   557  O  OH  . TYR A 1 75  ? 11.728  -3.442  12.853  1.00 25.46 ? 75  TYR A OH  1 
ATOM   558  N  N   . THR A 1 76  ? 12.171  -9.433  10.898  1.00 14.95 ? 76  THR A N   1 
ATOM   559  C  CA  . THR A 1 76  ? 13.257  -10.172 11.565  1.00 15.01 ? 76  THR A CA  1 
ATOM   560  C  C   . THR A 1 76  ? 13.530  -9.854  13.018  1.00 16.30 ? 76  THR A C   1 
ATOM   561  O  O   . THR A 1 76  ? 14.211  -10.634 13.719  1.00 15.66 ? 76  THR A O   1 
ATOM   562  C  CB  . THR A 1 76  ? 14.580  -9.975  10.839  1.00 14.74 ? 76  THR A CB  1 
ATOM   563  O  OG1 . THR A 1 76  ? 14.905  -8.584  10.870  1.00 14.24 ? 76  THR A OG1 1 
ATOM   564  C  CG2 . THR A 1 76  ? 14.522  -10.530 9.393   1.00 16.45 ? 76  THR A CG2 1 
ATOM   565  N  N   . LEU A 1 77  ? 12.989  -8.752  13.499  1.00 15.64 ? 77  LEU A N   1 
ATOM   566  C  CA  . LEU A 1 77  ? 13.160  -8.339  14.919  1.00 16.23 ? 77  LEU A CA  1 
ATOM   567  C  C   . LEU A 1 77  ? 14.671  -8.149  15.211  1.00 14.96 ? 77  LEU A C   1 
ATOM   568  O  O   . LEU A 1 77  ? 15.291  -7.303  14.592  1.00 15.12 ? 77  LEU A O   1 
ATOM   569  C  CB  . LEU A 1 77  ? 12.464  -9.294  15.919  1.00 17.54 ? 77  LEU A CB  1 
ATOM   570  C  CG  . LEU A 1 77  ? 10.913  -9.385  15.905  1.00 20.14 ? 77  LEU A CG  1 
ATOM   571  C  CD1 . LEU A 1 77  ? 10.427  -10.629 16.666  1.00 23.78 ? 77  LEU A CD1 1 
ATOM   572  C  CD2 . LEU A 1 77  ? 10.315  -8.136  16.518  1.00 22.56 ? 77  LEU A CD2 1 
ATOM   573  N  N   . PHE A 1 78  ? 15.244  -8.938  16.129  1.00 14.89 ? 78  PHE A N   1 
ATOM   574  C  CA  . PHE A 1 78  ? 16.690  -8.866  16.398  1.00 13.83 ? 78  PHE A CA  1 
ATOM   575  C  C   . PHE A 1 78  ? 17.511  -9.845  15.591  1.00 14.65 ? 78  PHE A C   1 
ATOM   576  O  O   . PHE A 1 78  ? 18.734  -9.804  15.680  1.00 15.33 ? 78  PHE A O   1 
ATOM   577  C  CB  . PHE A 1 78  ? 16.998  -9.097  17.879  1.00 13.62 ? 78  PHE A CB  1 
ATOM   578  C  CG  . PHE A 1 78  ? 16.458  -8.033  18.822  1.00 12.02 ? 78  PHE A CG  1 
ATOM   579  C  CD1 . PHE A 1 78  ? 16.120  -6.744  18.397  1.00 13.72 ? 78  PHE A CD1 1 
ATOM   580  C  CD2 . PHE A 1 78  ? 16.294  -8.340  20.134  1.00 14.57 ? 78  PHE A CD2 1 
ATOM   581  C  CE1 . PHE A 1 78  ? 15.625  -5.803  19.304  1.00 14.09 ? 78  PHE A CE1 1 
ATOM   582  C  CE2 . PHE A 1 78  ? 15.817  -7.398  21.017  1.00 17.01 ? 78  PHE A CE2 1 
ATOM   583  C  CZ  . PHE A 1 78  ? 15.492  -6.133  20.594  1.00 13.91 ? 78  PHE A CZ  1 
ATOM   584  N  N   . SER A 1 79  ? 16.857  -10.740 14.844  1.00 14.90 ? 79  SER A N   1 
ATOM   585  C  CA  A SER A 1 79  ? 17.579  -11.759 14.094  0.50 14.52 ? 79  SER A CA  1 
ATOM   586  C  CA  B SER A 1 79  ? 17.565  -11.763 14.075  0.50 14.93 ? 79  SER A CA  1 
ATOM   587  C  C   . SER A 1 79  ? 18.298  -11.078 12.931  1.00 14.98 ? 79  SER A C   1 
ATOM   588  O  O   . SER A 1 79  ? 17.749  -10.205 12.249  1.00 14.84 ? 79  SER A O   1 
ATOM   589  C  CB  A SER A 1 79  ? 16.637  -12.874 13.633  0.50 14.36 ? 79  SER A CB  1 
ATOM   590  C  CB  B SER A 1 79  ? 16.602  -12.828 13.546  0.50 14.87 ? 79  SER A CB  1 
ATOM   591  O  OG  A SER A 1 79  ? 15.918  -13.445 14.740  0.50 12.76 ? 79  SER A OG  1 
ATOM   592  O  OG  B SER A 1 79  ? 15.738  -13.322 14.575  0.50 15.67 ? 79  SER A OG  1 
ATOM   593  N  N   . ASN A 1 80  ? 19.551  -11.438 12.718  1.00 16.35 ? 80  ASN A N   1 
ATOM   594  C  CA  . ASN A 1 80  ? 20.305  -10.813 11.655  1.00 17.15 ? 80  ASN A CA  1 
ATOM   595  C  C   . ASN A 1 80  ? 19.750  -11.247 10.301  1.00 18.83 ? 80  ASN A C   1 
ATOM   596  O  O   . ASN A 1 80  ? 19.525  -12.448 10.116  1.00 19.83 ? 80  ASN A O   1 
ATOM   597  C  CB  . ASN A 1 80  ? 21.763  -11.252 11.773  1.00 18.22 ? 80  ASN A CB  1 
ATOM   598  C  CG  . ASN A 1 80  ? 22.645  -10.613 10.721  1.00 19.24 ? 80  ASN A CG  1 
ATOM   599  O  OD1 . ASN A 1 80  ? 22.777  -9.391  10.661  1.00 22.88 ? 80  ASN A OD1 1 
ATOM   600  N  ND2 . ASN A 1 80  ? 23.252  -11.431 9.895   1.00 24.89 ? 80  ASN A ND2 1 
ATOM   601  N  N   . PRO A 1 81  ? 19.521  -10.285 9.358   1.00 19.28 ? 81  PRO A N   1 
ATOM   602  C  CA  . PRO A 1 81  ? 19.681  -8.815  9.480   1.00 18.75 ? 81  PRO A CA  1 
ATOM   603  C  C   . PRO A 1 81  ? 18.516  -8.186  10.220  1.00 17.29 ? 81  PRO A C   1 
ATOM   604  O  O   . PRO A 1 81  ? 17.368  -8.336  9.814   1.00 16.46 ? 81  PRO A O   1 
ATOM   605  C  CB  . PRO A 1 81  ? 19.720  -8.311  8.030   1.00 20.06 ? 81  PRO A CB  1 
ATOM   606  C  CG  . PRO A 1 81  ? 19.587  -9.484  7.186   1.00 21.65 ? 81  PRO A CG  1 
ATOM   607  C  CD  . PRO A 1 81  ? 19.110  -10.648 7.994   1.00 20.92 ? 81  PRO A CD  1 
ATOM   608  N  N   . SER A 1 82  ? 18.798  -7.485  11.301  1.00 14.10 ? 82  SER A N   1 
ATOM   609  C  CA  . SER A 1 82  ? 17.725  -7.063  12.230  1.00 13.20 ? 82  SER A CA  1 
ATOM   610  C  C   . SER A 1 82  ? 16.846  -5.972  11.618  1.00 13.05 ? 82  SER A C   1 
ATOM   611  O  O   . SER A 1 82  ? 17.246  -5.237  10.707  1.00 13.27 ? 82  SER A O   1 
ATOM   612  C  CB  . SER A 1 82  ? 18.283  -6.612  13.577  1.00 14.66 ? 82  SER A CB  1 
ATOM   613  O  OG  . SER A 1 82  ? 18.976  -5.415  13.368  1.00 16.08 ? 82  SER A OG  1 
ATOM   614  N  N   . HIS A 1 83  ? 15.630  -5.897  12.137  1.00 13.90 ? 83  HIS A N   1 
ATOM   615  C  CA  . HIS A 1 83  ? 14.681  -4.818  11.784  1.00 14.18 ? 83  HIS A CA  1 
ATOM   616  C  C   . HIS A 1 83  ? 14.422  -4.748  10.280  1.00 13.77 ? 83  HIS A C   1 
ATOM   617  O  O   . HIS A 1 83  ? 14.264  -3.676  9.704   1.00 14.40 ? 83  HIS A O   1 
ATOM   618  C  CB  . HIS A 1 83  ? 15.136  -3.481  12.354  1.00 14.26 ? 83  HIS A CB  1 
ATOM   619  C  CG  . HIS A 1 83  ? 15.406  -3.518  13.836  1.00 17.19 ? 83  HIS A CG  1 
ATOM   620  N  ND1 . HIS A 1 83  ? 14.408  -3.433  14.790  1.00 21.49 ? 83  HIS A ND1 1 
ATOM   621  C  CD2 . HIS A 1 83  ? 16.567  -3.608  14.516  1.00 16.92 ? 83  HIS A CD2 1 
ATOM   622  C  CE1 . HIS A 1 83  ? 14.949  -3.467  15.995  1.00 18.69 ? 83  HIS A CE1 1 
ATOM   623  N  NE2 . HIS A 1 83  ? 16.260  -3.585  15.854  1.00 21.17 ? 83  HIS A NE2 1 
ATOM   624  N  N   . THR A 1 84  ? 14.353  -5.935  9.668   1.00 13.33 ? 84  THR A N   1 
ATOM   625  C  CA  . THR A 1 84  ? 14.101  -6.076  8.239   1.00 12.78 ? 84  THR A CA  1 
ATOM   626  C  C   . THR A 1 84  ? 12.708  -6.636  7.982   1.00 13.35 ? 84  THR A C   1 
ATOM   627  O  O   . THR A 1 84  ? 12.326  -7.655  8.548   1.00 12.91 ? 84  THR A O   1 
ATOM   628  C  CB  . THR A 1 84  ? 15.081  -7.010  7.576   1.00 12.88 ? 84  THR A CB  1 
ATOM   629  O  OG1 . THR A 1 84  ? 16.385  -6.448  7.691   1.00 14.13 ? 84  THR A OG1 1 
ATOM   630  C  CG2 . THR A 1 84  ? 14.767  -7.155  6.117   1.00 12.14 ? 84  THR A CG2 1 
ATOM   631  N  N   . LEU A 1 85  ? 11.945  -5.933  7.154   1.00 12.44 ? 85  LEU A N   1 
ATOM   632  C  CA  . LEU A 1 85  ? 10.676  -6.439  6.643   1.00 14.09 ? 85  LEU A CA  1 
ATOM   633  C  C   . LEU A 1 85  ? 10.933  -7.034  5.269   1.00 12.66 ? 85  LEU A C   1 
ATOM   634  O  O   . LEU A 1 85  ? 11.378  -6.346  4.349   1.00 12.64 ? 85  LEU A O   1 
ATOM   635  C  CB  . LEU A 1 85  ? 9.630   -5.331  6.568   1.00 13.60 ? 85  LEU A CB  1 
ATOM   636  C  CG  . LEU A 1 85  ? 8.215   -5.937  6.426   1.00 19.69 ? 85  LEU A CG  1 
ATOM   637  C  CD1 . LEU A 1 85  ? 7.223   -5.241  7.325   1.00 21.98 ? 85  LEU A CD1 1 
ATOM   638  C  CD2 . LEU A 1 85  ? 7.769   -6.032  4.985   1.00 21.15 ? 85  LEU A CD2 1 
ATOM   639  N  N   . TRP A 1 86  ? 10.679  -8.330  5.105   1.00 12.46 ? 86  TRP A N   1 
ATOM   640  C  CA  . TRP A 1 86  ? 11.027  -9.030  3.863   1.00 11.61 ? 86  TRP A CA  1 
ATOM   641  C  C   . TRP A 1 86  ? 9.959   -10.048 3.495   1.00 11.07 ? 86  TRP A C   1 
ATOM   642  O  O   . TRP A 1 86  ? 8.972   -10.238 4.237   1.00 9.52  ? 86  TRP A O   1 
ATOM   643  C  CB  . TRP A 1 86  ? 12.416  -9.703  3.975   1.00 11.53 ? 86  TRP A CB  1 
ATOM   644  C  CG  . TRP A 1 86  ? 12.435  -10.802 4.973   1.00 10.88 ? 86  TRP A CG  1 
ATOM   645  C  CD1 . TRP A 1 86  ? 12.510  -10.674 6.335   1.00 11.56 ? 86  TRP A CD1 1 
ATOM   646  C  CD2 . TRP A 1 86  ? 12.354  -12.228 4.725   1.00 12.03 ? 86  TRP A CD2 1 
ATOM   647  N  NE1 . TRP A 1 86  ? 12.465  -11.905 6.933   1.00 11.62 ? 86  TRP A NE1 1 
ATOM   648  C  CE2 . TRP A 1 86  ? 12.387  -12.874 5.978   1.00 11.91 ? 86  TRP A CE2 1 
ATOM   649  C  CE3 . TRP A 1 86  ? 12.276  -13.019 3.568   1.00 14.72 ? 86  TRP A CE3 1 
ATOM   650  C  CZ2 . TRP A 1 86  ? 12.287  -14.269 6.106   1.00 12.49 ? 86  TRP A CZ2 1 
ATOM   651  C  CZ3 . TRP A 1 86  ? 12.221  -14.420 3.700   1.00 13.82 ? 86  TRP A CZ3 1 
ATOM   652  C  CH2 . TRP A 1 86  ? 12.242  -15.017 4.964   1.00 15.05 ? 86  TRP A CH2 1 
ATOM   653  N  N   . GLY A 1 87  ? 10.170  -10.667 2.333   1.00 11.10 ? 87  GLY A N   1 
ATOM   654  C  CA  . GLY A 1 87  ? 9.310   -11.700 1.804   1.00 11.02 ? 87  GLY A CA  1 
ATOM   655  C  C   . GLY A 1 87  ? 8.626   -11.332 0.494   1.00 11.52 ? 87  GLY A C   1 
ATOM   656  O  O   . GLY A 1 87  ? 9.174   -10.598 -0.333  1.00 12.26 ? 87  GLY A O   1 
ATOM   657  N  N   . LYS A 1 88  ? 7.433   -11.885 0.274   1.00 11.45 ? 88  LYS A N   1 
ATOM   658  C  CA  . LYS A 1 88  ? 6.707   -11.666 -0.967  1.00 12.79 ? 88  LYS A CA  1 
ATOM   659  C  C   . LYS A 1 88  ? 5.668   -10.577 -0.747  1.00 10.74 ? 88  LYS A C   1 
ATOM   660  O  O   . LYS A 1 88  ? 4.824   -10.668 0.160   1.00 13.08 ? 88  LYS A O   1 
ATOM   661  C  CB  . LYS A 1 88  ? 6.021   -12.938 -1.428  1.00 13.64 ? 88  LYS A CB  1 
ATOM   662  C  CG  . LYS A 1 88  ? 6.933   -14.056 -1.801  1.00 19.87 ? 88  LYS A CG  1 
ATOM   663  C  CD  . LYS A 1 88  ? 6.204   -15.178 -2.528  1.00 27.89 ? 88  LYS A CD  1 
ATOM   664  C  CE  . LYS A 1 88  ? 7.199   -16.229 -3.048  1.00 33.00 ? 88  LYS A CE  1 
ATOM   665  N  NZ  . LYS A 1 88  ? 8.009   -16.846 -1.942  1.00 35.13 ? 88  LYS A NZ  1 
ATOM   666  N  N   . LEU A 1 89  ? 5.729   -9.567  -1.599  1.00 11.06 ? 89  LEU A N   1 
ATOM   667  C  CA  . LEU A 1 89  ? 4.756   -8.477  -1.571  1.00 10.42 ? 89  LEU A CA  1 
ATOM   668  C  C   . LEU A 1 89  ? 3.955   -8.519  -2.868  1.00 10.63 ? 89  LEU A C   1 
ATOM   669  O  O   . LEU A 1 89  ? 4.463   -8.157  -3.948  1.00 11.37 ? 89  LEU A O   1 
ATOM   670  C  CB  . LEU A 1 89  ? 5.413   -7.127  -1.402  1.00 10.69 ? 89  LEU A CB  1 
ATOM   671  C  CG  . LEU A 1 89  ? 4.476   -5.923  -1.305  1.00 11.37 ? 89  LEU A CG  1 
ATOM   672  C  CD1 . LEU A 1 89  ? 3.583   -6.045  -0.079  1.00 11.59 ? 89  LEU A CD1 1 
ATOM   673  C  CD2 . LEU A 1 89  ? 5.210   -4.576  -1.294  1.00 12.82 ? 89  LEU A CD2 1 
ATOM   674  N  N   . ASP A 1 90  ? 2.712   -8.933  -2.737  1.00 11.51 ? 90  ASP A N   1 
ATOM   675  C  CA  . ASP A 1 90  ? 1.795   -9.015  -3.882  1.00 11.34 ? 90  ASP A CA  1 
ATOM   676  C  C   . ASP A 1 90  ? 0.950   -7.770  -4.067  1.00 12.41 ? 90  ASP A C   1 
ATOM   677  O  O   . ASP A 1 90  ? 0.625   -7.440  -5.176  1.00 11.33 ? 90  ASP A O   1 
ATOM   678  C  CB  . ASP A 1 90  ? 0.868   -10.232 -3.777  1.00 11.98 ? 90  ASP A CB  1 
ATOM   679  C  CG  . ASP A 1 90  ? 1.625   -11.554 -3.797  1.00 13.49 ? 90  ASP A CG  1 
ATOM   680  O  OD1 . ASP A 1 90  ? 2.580   -11.664 -4.562  1.00 18.45 ? 90  ASP A OD1 1 
ATOM   681  O  OD2 . ASP A 1 90  ? 1.253   -12.441 -3.005  1.00 17.48 ? 90  ASP A OD2 1 
ATOM   682  N  N   . SER A 1 91  ? 0.633   -7.055  -2.997  1.00 11.29 ? 91  SER A N   1 
ATOM   683  C  CA  . SER A 1 91  ? -0.324  -5.967  -3.057  1.00 11.33 ? 91  SER A CA  1 
ATOM   684  C  C   . SER A 1 91  ? -0.108  -4.933  -2.000  1.00 10.91 ? 91  SER A C   1 
ATOM   685  O  O   . SER A 1 91  ? 0.343   -5.239  -0.900  1.00 10.52 ? 91  SER A O   1 
ATOM   686  C  CB  . SER A 1 91  ? -1.787  -6.453  -2.954  1.00 11.62 ? 91  SER A CB  1 
ATOM   687  O  OG  . SER A 1 91  ? -2.061  -7.071  -1.698  1.00 13.49 ? 91  SER A OG  1 
ATOM   688  N  N   . ILE A 1 92  ? -0.480  -3.718  -2.353  1.00 10.23 ? 92  ILE A N   1 
ATOM   689  C  CA  . ILE A 1 92  ? -0.612  -2.584  -1.444  1.00 10.63 ? 92  ILE A CA  1 
ATOM   690  C  C   . ILE A 1 92  ? -1.954  -1.923  -1.676  1.00 11.21 ? 92  ILE A C   1 
ATOM   691  O  O   . ILE A 1 92  ? -2.221  -1.493  -2.797  1.00 11.10 ? 92  ILE A O   1 
ATOM   692  C  CB  . ILE A 1 92  ? 0.497   -1.549  -1.632  1.00 10.73 ? 92  ILE A CB  1 
ATOM   693  C  CG1 . ILE A 1 92  ? 1.891   -2.116  -1.232  1.00 12.00 ? 92  ILE A CG1 1 
ATOM   694  C  CG2 . ILE A 1 92  ? 0.186   -0.285  -0.799  1.00 13.15 ? 92  ILE A CG2 1 
ATOM   695  C  CD1 . ILE A 1 92  ? 2.068   -2.432  0.212   1.00 12.70 ? 92  ILE A CD1 1 
ATOM   696  N  N   . ALA A 1 93  ? -2.786  -1.867  -0.646  1.00 10.42 ? 93  ALA A N   1 
ATOM   697  C  CA  . ALA A 1 93  ? -4.039  -1.135  -0.662  1.00 10.42 ? 93  ALA A CA  1 
ATOM   698  C  C   . ALA A 1 93  ? -3.907  0.064   0.216   1.00 10.47 ? 93  ALA A C   1 
ATOM   699  O  O   . ALA A 1 93  ? -3.449  -0.053  1.357   1.00 10.03 ? 93  ALA A O   1 
ATOM   700  C  CB  . ALA A 1 93  ? -5.165  -2.000  -0.128  1.00 10.76 ? 93  ALA A CB  1 
ATOM   701  N  N   . LEU A 1 94  ? -4.330  1.206   -0.270  1.00 9.35  ? 94  LEU A N   1 
ATOM   702  C  CA  . LEU A 1 94  ? -4.304  2.461   0.455   1.00 9.54  ? 94  LEU A CA  1 
ATOM   703  C  C   . LEU A 1 94  ? -5.693  3.008   0.656   1.00 9.71  ? 94  LEU A C   1 
ATOM   704  O  O   . LEU A 1 94  ? -6.544  2.938   -0.219  1.00 9.02  ? 94  LEU A O   1 
ATOM   705  C  CB  . LEU A 1 94  ? -3.419  3.505   -0.290  1.00 9.98  ? 94  LEU A CB  1 
ATOM   706  C  CG  . LEU A 1 94  ? -2.040  3.047   -0.736  1.00 11.85 ? 94  LEU A CG  1 
ATOM   707  C  CD1 . LEU A 1 94  ? -1.372  4.137   -1.664  1.00 13.61 ? 94  LEU A CD1 1 
ATOM   708  C  CD2 . LEU A 1 94  ? -1.195  2.760   0.488   1.00 15.35 ? 94  LEU A CD2 1 
ATOM   709  N  N   . GLY A 1 95  ? -5.929  3.600   1.815   1.00 10.20 ? 95  GLY A N   1 
ATOM   710  C  CA  . GLY A 1 95  ? -7.223  4.195   2.083   1.00 10.12 ? 95  GLY A CA  1 
ATOM   711  C  C   . GLY A 1 95  ? -7.286  4.795   3.456   1.00 10.54 ? 95  GLY A C   1 
ATOM   712  O  O   . GLY A 1 95  ? -6.287  5.345   3.963   1.00 9.91  ? 95  GLY A O   1 
ATOM   713  N  N   . ASP A 1 96  ? -8.458  4.696   4.092   1.00 11.44 ? 96  ASP A N   1 
ATOM   714  C  CA  . ASP A 1 96  ? -8.766  5.434   5.321   1.00 11.14 ? 96  ASP A CA  1 
ATOM   715  C  C   . ASP A 1 96  ? -9.488  4.497   6.291   1.00 10.69 ? 96  ASP A C   1 
ATOM   716  O  O   . ASP A 1 96  ? -10.549 3.978   5.955   1.00 10.74 ? 96  ASP A O   1 
ATOM   717  C  CB  . ASP A 1 96  ? -9.654  6.627   4.921   1.00 11.49 ? 96  ASP A CB  1 
ATOM   718  C  CG  . ASP A 1 96  ? -9.939  7.596   6.061   1.00 12.89 ? 96  ASP A CG  1 
ATOM   719  O  OD1 . ASP A 1 96  ? -10.198 7.172   7.195   1.00 15.45 ? 96  ASP A OD1 1 
ATOM   720  O  OD2 . ASP A 1 96  ? -9.961  8.811   5.804   1.00 16.25 ? 96  ASP A OD2 1 
ATOM   721  N  N   . THR A 1 97  ? -8.844  4.231   7.433   1.00 10.63 ? 97  THR A N   1 
ATOM   722  C  CA  . THR A 1 97  ? -9.404  3.506   8.570   1.00 11.14 ? 97  THR A CA  1 
ATOM   723  C  C   . THR A 1 97  ? -9.346  1.975   8.314   1.00 11.29 ? 97  THR A C   1 
ATOM   724  O  O   . THR A 1 97  ? -9.682  1.497   7.251   1.00 13.96 ? 97  THR A O   1 
ATOM   725  C  CB  . THR A 1 97  ? -10.832 3.963   8.899   1.00 11.96 ? 97  THR A CB  1 
ATOM   726  O  OG1 . THR A 1 97  ? -10.819 5.376   9.126   1.00 15.23 ? 97  THR A OG1 1 
ATOM   727  C  CG2 . THR A 1 97  ? -11.349 3.255   10.180  1.00 11.89 ? 97  THR A CG2 1 
ATOM   728  N  N   . LEU A 1 98  ? -8.886  1.244   9.320   1.00 11.30 ? 98  LEU A N   1 
ATOM   729  C  CA  . LEU A 1 98  ? -8.782  -0.196  9.249   1.00 11.46 ? 98  LEU A CA  1 
ATOM   730  C  C   . LEU A 1 98  ? -9.953  -0.834  9.991   1.00 12.24 ? 98  LEU A C   1 
ATOM   731  O  O   . LEU A 1 98  ? -10.380 -0.334  11.025  1.00 13.47 ? 98  LEU A O   1 
ATOM   732  C  CB  . LEU A 1 98  ? -7.505  -0.645  9.957   1.00 10.34 ? 98  LEU A CB  1 
ATOM   733  C  CG  . LEU A 1 98  ? -6.193  -0.379  9.204   1.00 10.34 ? 98  LEU A CG  1 
ATOM   734  C  CD1 . LEU A 1 98  ? -5.017  -0.731  10.180  1.00 11.73 ? 98  LEU A CD1 1 
ATOM   735  C  CD2 . LEU A 1 98  ? -6.132  -1.142  7.892   1.00 12.88 ? 98  LEU A CD2 1 
ATOM   736  N  N   . THR A 1 99  ? -10.422 -1.958  9.480   1.00 10.88 ? 99  THR A N   1 
ATOM   737  C  CA  . THR A 1 99  ? -11.342 -2.815  10.195  1.00 11.02 ? 99  THR A CA  1 
ATOM   738  C  C   . THR A 1 99  ? -10.781 -4.239  10.190  1.00 12.34 ? 99  THR A C   1 
ATOM   739  O  O   . THR A 1 99  ? -9.815  -4.535  9.486   1.00 12.67 ? 99  THR A O   1 
ATOM   740  C  CB  . THR A 1 99  ? -12.701 -2.841  9.554   1.00 11.70 ? 99  THR A CB  1 
ATOM   741  O  OG1 . THR A 1 99  ? -12.654 -3.506  8.281   1.00 13.53 ? 99  THR A OG1 1 
ATOM   742  C  CG2 . THR A 1 99  ? -13.263 -1.416  9.417   1.00 12.91 ? 99  THR A CG2 1 
ATOM   743  N  N   . GLY A 1 100 ? -11.352 -5.096  11.023  1.00 11.69 ? 100 GLY A N   1 
ATOM   744  C  CA  . GLY A 1 100 ? -10.936 -6.485  11.030  1.00 12.29 ? 100 GLY A CA  1 
ATOM   745  C  C   . GLY A 1 100 ? -9.658  -6.756  11.794  1.00 12.88 ? 100 GLY A C   1 
ATOM   746  O  O   . GLY A 1 100 ? -9.253  -6.000  12.669  1.00 13.85 ? 100 GLY A O   1 
ATOM   747  N  N   . GLY A 1 101 ? -9.043  -7.869  11.454  1.00 12.88 ? 101 GLY A N   1 
ATOM   748  C  CA  . GLY A 1 101 ? -7.852  -8.348  12.104  1.00 13.25 ? 101 GLY A CA  1 
ATOM   749  C  C   . GLY A 1 101 ? -7.746  -9.840  11.943  1.00 13.35 ? 101 GLY A C   1 
ATOM   750  O  O   . GLY A 1 101 ? -8.537  -10.481 11.239  1.00 12.67 ? 101 GLY A O   1 
ATOM   751  N  N   . ALA A 1 102 ? -6.736  -10.405 12.587  1.00 13.82 ? 102 ALA A N   1 
ATOM   752  C  CA  . ALA A 1 102 ? -6.439  -11.818 12.373  1.00 15.25 ? 102 ALA A CA  1 
ATOM   753  C  C   . ALA A 1 102 ? -7.609  -12.741 12.702  1.00 16.10 ? 102 ALA A C   1 
ATOM   754  O  O   . ALA A 1 102 ? -7.776  -13.757 12.027  1.00 16.84 ? 102 ALA A O   1 
ATOM   755  C  CB  . ALA A 1 102 ? -5.187  -12.202 13.162  1.00 16.26 ? 102 ALA A CB  1 
ATOM   756  N  N   . SER A 1 103 ? -8.419  -12.415 13.709  1.00 15.36 ? 103 SER A N   1 
ATOM   757  C  CA  A SER A 1 103 ? -9.564  -13.211 14.185  0.00 13.57 ? 103 SER A CA  1 
ATOM   758  C  CA  B SER A 1 103 ? -9.522  -13.290 14.115  0.50 14.39 ? 103 SER A CA  1 
ATOM   759  C  C   . SER A 1 103 ? -10.867 -12.890 13.536  1.00 15.32 ? 103 SER A C   1 
ATOM   760  O  O   . SER A 1 103 ? -11.883 -13.478 13.916  1.00 16.68 ? 103 SER A O   1 
ATOM   761  C  CB  A SER A 1 103 ? -9.726  -13.143 15.689  0.00 11.97 ? 103 SER A CB  1 
ATOM   762  C  CB  B SER A 1 103 ? -9.619  -13.359 15.636  0.50 13.82 ? 103 SER A CB  1 
ATOM   763  O  OG  A SER A 1 103 ? -8.508  -13.474 16.241  0.00 17.53 ? 103 SER A OG  1 
ATOM   764  O  OG  B SER A 1 103 ? -10.084 -12.129 16.148  0.50 16.84 ? 103 SER A OG  1 
ATOM   765  N  N   . SER A 1 104 ? -10.890 -11.920 12.618  1.00 14.42 ? 104 SER A N   1 
ATOM   766  C  CA  A SER A 1 104 ? -12.110 -11.368 12.062  0.50 13.95 ? 104 SER A CA  1 
ATOM   767  C  CA  B SER A 1 104 ? -12.150 -11.450 12.043  0.50 14.26 ? 104 SER A CA  1 
ATOM   768  C  C   . SER A 1 104 ? -12.059 -11.251 10.528  1.00 13.33 ? 104 SER A C   1 
ATOM   769  O  O   . SER A 1 104 ? -12.601 -10.285 9.961   1.00 14.12 ? 104 SER A O   1 
ATOM   770  C  CB  A SER A 1 104 ? -12.383 -9.987  12.694  0.50 14.15 ? 104 SER A CB  1 
ATOM   771  C  CB  B SER A 1 104 ? -12.670 -10.183 12.763  0.50 14.76 ? 104 SER A CB  1 
ATOM   772  O  OG  A SER A 1 104 ? -12.404 -10.070 14.113  0.50 13.13 ? 104 SER A OG  1 
ATOM   773  O  OG  B SER A 1 104 ? -11.763 -9.108  12.680  0.50 14.65 ? 104 SER A OG  1 
ATOM   774  N  N   . GLY A 1 105 ? -11.438 -12.218 9.851   1.00 12.70 ? 105 GLY A N   1 
ATOM   775  C  CA  . GLY A 1 105 ? -11.411 -12.233 8.394   1.00 12.32 ? 105 GLY A CA  1 
ATOM   776  C  C   . GLY A 1 105 ? -10.258 -11.507 7.733   1.00 13.11 ? 105 GLY A C   1 
ATOM   777  O  O   . GLY A 1 105 ? -10.267 -11.280 6.516   1.00 14.29 ? 105 GLY A O   1 
ATOM   778  N  N   . GLY A 1 106 ? -9.268  -11.119 8.545   1.00 11.82 ? 106 GLY A N   1 
ATOM   779  C  CA  . GLY A 1 106 ? -8.185  -10.328 8.065   1.00 11.93 ? 106 GLY A CA  1 
ATOM   780  C  C   . GLY A 1 106 ? -8.525  -8.868  8.165   1.00 11.76 ? 106 GLY A C   1 
ATOM   781  O  O   . GLY A 1 106 ? -9.667  -8.482  8.492   1.00 12.06 ? 106 GLY A O   1 
ATOM   782  N  N   . TYR A 1 107 ? -7.539  -8.045  7.840   1.00 12.01 ? 107 TYR A N   1 
ATOM   783  C  CA  . TYR A 1 107 ? -7.721  -6.616  7.833   1.00 10.99 ? 107 TYR A CA  1 
ATOM   784  C  C   . TYR A 1 107 ? -8.379  -6.161  6.523   1.00 10.89 ? 107 TYR A C   1 
ATOM   785  O  O   . TYR A 1 107 ? -8.207  -6.765  5.461   1.00 11.09 ? 107 TYR A O   1 
ATOM   786  C  CB  . TYR A 1 107 ? -6.367  -5.881  7.959   1.00 11.02 ? 107 TYR A CB  1 
ATOM   787  C  CG  . TYR A 1 107 ? -5.765  -6.006  9.332   1.00 12.49 ? 107 TYR A CG  1 
ATOM   788  C  CD1 . TYR A 1 107 ? -6.273  -5.257  10.407  1.00 11.92 ? 107 TYR A CD1 1 
ATOM   789  C  CD2 . TYR A 1 107 ? -4.682  -6.861  9.561   1.00 14.28 ? 107 TYR A CD2 1 
ATOM   790  C  CE1 . TYR A 1 107 ? -5.706  -5.357  11.663  1.00 14.12 ? 107 TYR A CE1 1 
ATOM   791  C  CE2 . TYR A 1 107 ? -4.117  -6.961  10.855  1.00 15.88 ? 107 TYR A CE2 1 
ATOM   792  C  CZ  . TYR A 1 107 ? -4.653  -6.200  11.882  1.00 15.38 ? 107 TYR A CZ  1 
ATOM   793  O  OH  . TYR A 1 107 ? -4.098  -6.262  13.150  1.00 18.35 ? 107 TYR A OH  1 
ATOM   794  N  N   . ALA A 1 108 ? -9.123  -5.071  6.628   1.00 10.51 ? 108 ALA A N   1 
ATOM   795  C  CA  . ALA A 1 108 ? -9.718  -4.398  5.480   1.00 11.46 ? 108 ALA A CA  1 
ATOM   796  C  C   . ALA A 1 108 ? -9.677  -2.931  5.760   1.00 10.59 ? 108 ALA A C   1 
ATOM   797  O  O   . ALA A 1 108 ? -9.459  -2.482  6.892   1.00 13.03 ? 108 ALA A O   1 
ATOM   798  C  CB  . ALA A 1 108 ? -11.191 -4.823  5.331   1.00 11.75 ? 108 ALA A CB  1 
ATOM   799  N  N   . LEU A 1 109 ? -9.796  -2.145  4.695   1.00 12.15 ? 109 LEU A N   1 
ATOM   800  C  CA  . LEU A 1 109 ? -9.938  -0.712  4.805   1.00 12.17 ? 109 LEU A CA  1 
ATOM   801  C  C   . LEU A 1 109 ? -11.401 -0.337  4.798   1.00 13.86 ? 109 LEU A C   1 
ATOM   802  O  O   . LEU A 1 109 ? -12.171 -0.852  3.990   1.00 15.09 ? 109 LEU A O   1 
ATOM   803  C  CB  . LEU A 1 109 ? -9.209  -0.035  3.624   1.00 11.95 ? 109 LEU A CB  1 
ATOM   804  C  CG  . LEU A 1 109 ? -7.691  -0.175  3.671   1.00 11.28 ? 109 LEU A CG  1 
ATOM   805  C  CD1 . LEU A 1 109 ? -7.081  0.040   2.309   1.00 13.49 ? 109 LEU A CD1 1 
ATOM   806  C  CD2 . LEU A 1 109 ? -7.085  0.869   4.640   1.00 12.53 ? 109 LEU A CD2 1 
ATOM   807  N  N   . ASP A 1 110 ? -11.789 0.592   5.658   1.00 14.35 ? 110 ASP A N   1 
ATOM   808  C  CA  . ASP A 1 110 ? -13.172 1.052   5.696   1.00 15.51 ? 110 ASP A CA  1 
ATOM   809  C  C   . ASP A 1 110 ? -13.485 1.780   4.400   1.00 15.17 ? 110 ASP A C   1 
ATOM   810  O  O   . ASP A 1 110 ? -14.562 1.571   3.773   1.00 16.00 ? 110 ASP A O   1 
ATOM   811  C  CB  . ASP A 1 110 ? -13.398 1.962   6.900   1.00 16.80 ? 110 ASP A CB  1 
ATOM   812  C  CG  . ASP A 1 110 ? -14.816 2.483   6.975   1.00 22.23 ? 110 ASP A CG  1 
ATOM   813  O  OD1 . ASP A 1 110 ? -15.745 1.676   6.832   1.00 29.96 ? 110 ASP A OD1 1 
ATOM   814  O  OD2 . ASP A 1 110 ? -15.001 3.709   7.137   1.00 30.29 ? 110 ASP A OD2 1 
ATOM   815  N  N   . SER A 1 111 ? -12.541 2.611   3.963   1.00 14.10 ? 111 SER A N   1 
ATOM   816  C  CA  . SER A 1 111 ? -12.638 3.257   2.685   1.00 14.65 ? 111 SER A CA  1 
ATOM   817  C  C   . SER A 1 111 ? -11.367 2.905   1.904   1.00 13.65 ? 111 SER A C   1 
ATOM   818  O  O   . SER A 1 111 ? -10.304 3.416   2.228   1.00 14.46 ? 111 SER A O   1 
ATOM   819  C  CB  . SER A 1 111 ? -12.807 4.769   2.800   1.00 15.40 ? 111 SER A CB  1 
ATOM   820  O  OG  . SER A 1 111 ? -12.740 5.346   1.491   1.00 17.60 ? 111 SER A OG  1 
ATOM   821  N  N   . GLN A 1 112 ? -11.471 1.970   0.953   1.00 13.13 ? 112 GLN A N   1 
ATOM   822  C  CA  . GLN A 1 112 ? -10.332 1.619   0.110   1.00 13.13 ? 112 GLN A CA  1 
ATOM   823  C  C   . GLN A 1 112 ? -10.316 2.574   -1.058  1.00 13.74 ? 112 GLN A C   1 
ATOM   824  O  O   . GLN A 1 112 ? -11.309 2.647   -1.815  1.00 15.85 ? 112 GLN A O   1 
ATOM   825  C  CB  . GLN A 1 112 ? -10.396 0.168   -0.386  1.00 13.97 ? 112 GLN A CB  1 
ATOM   826  C  CG  . GLN A 1 112 ? -9.156  -0.192  -1.193  1.00 15.21 ? 112 GLN A CG  1 
ATOM   827  C  CD  . GLN A 1 112 ? -8.989  -1.676  -1.437  1.00 19.01 ? 112 GLN A CD  1 
ATOM   828  O  OE1 . GLN A 1 112 ? -8.990  -2.107  -2.603  1.00 25.19 ? 112 GLN A OE1 1 
ATOM   829  N  NE2 . GLN A 1 112 ? -8.902  -2.466  -0.372  1.00 16.64 ? 112 GLN A NE2 1 
ATOM   830  N  N   . GLU A 1 113 ? -9.212  3.297   -1.233  1.00 11.70 ? 113 GLU A N   1 
ATOM   831  C  CA  . GLU A 1 113 ? -9.123  4.338   -2.288  1.00 11.84 ? 113 GLU A CA  1 
ATOM   832  C  C   . GLU A 1 113 ? -8.484  3.777   -3.529  1.00 12.41 ? 113 GLU A C   1 
ATOM   833  O  O   . GLU A 1 113 ? -9.036  3.867   -4.637  1.00 12.80 ? 113 GLU A O   1 
ATOM   834  C  CB  . GLU A 1 113 ? -8.345  5.524   -1.722  1.00 13.17 ? 113 GLU A CB  1 
ATOM   835  C  CG  . GLU A 1 113 ? -9.101  6.183   -0.548  1.00 13.77 ? 113 GLU A CG  1 
ATOM   836  C  CD  . GLU A 1 113 ? -8.330  7.186   0.250   1.00 13.46 ? 113 GLU A CD  1 
ATOM   837  O  OE1 . GLU A 1 113 ? -7.213  7.560   -0.115  1.00 14.95 ? 113 GLU A OE1 1 
ATOM   838  O  OE2 . GLU A 1 113 ? -8.880  7.637   1.302   1.00 17.74 ? 113 GLU A OE2 1 
ATOM   839  N  N   . VAL A 1 114 ? -7.294  3.215   -3.350  1.00 12.79 ? 114 VAL A N   1 
ATOM   840  C  CA  . VAL A 1 114 ? -6.558  2.615   -4.451  1.00 13.19 ? 114 VAL A CA  1 
ATOM   841  C  C   . VAL A 1 114 ? -5.836  1.377   -4.009  1.00 13.06 ? 114 VAL A C   1 
ATOM   842  O  O   . VAL A 1 114 ? -5.243  1.390   -2.894  1.00 14.63 ? 114 VAL A O   1 
ATOM   843  C  CB  . VAL A 1 114 ? -5.543  3.603   -5.074  1.00 13.91 ? 114 VAL A CB  1 
ATOM   844  C  CG1 . VAL A 1 114 ? -4.794  2.977   -6.265  1.00 14.43 ? 114 VAL A CG1 1 
ATOM   845  C  CG2 . VAL A 1 114 ? -6.235  4.865   -5.525  1.00 13.88 ? 114 VAL A CG2 1 
ATOM   846  N  N   . SER A 1 115 ? -5.840  0.327   -4.851  1.00 11.73 ? 115 SER A N   1 
ATOM   847  C  CA  A SER A 1 115 ? -5.058  -0.905  -4.603  0.50 13.50 ? 115 SER A CA  1 
ATOM   848  C  CA  B SER A 1 115 ? -5.010  -0.854  -4.590  0.50 12.22 ? 115 SER A CA  1 
ATOM   849  C  C   . SER A 1 115 ? -4.156  -1.183  -5.816  1.00 13.29 ? 115 SER A C   1 
ATOM   850  O  O   . SER A 1 115 ? -4.575  -1.005  -6.960  1.00 12.62 ? 115 SER A O   1 
ATOM   851  C  CB  A SER A 1 115 ? -5.975  -2.117  -4.332  0.50 13.91 ? 115 SER A CB  1 
ATOM   852  C  CB  B SER A 1 115 ? -5.843  -2.074  -4.181  0.50 12.31 ? 115 SER A CB  1 
ATOM   853  O  OG  A SER A 1 115 ? -5.249  -3.333  -4.170  0.50 18.64 ? 115 SER A OG  1 
ATOM   854  O  OG  B SER A 1 115 ? -6.580  -2.570  -5.281  0.50 9.50  ? 115 SER A OG  1 
ATOM   855  N  N   . PHE A 1 116 ? -2.933  -1.625  -5.546  1.00 11.83 ? 116 PHE A N   1 
ATOM   856  C  CA  . PHE A 1 116 ? -1.947  -2.018  -6.539  1.00 11.87 ? 116 PHE A CA  1 
ATOM   857  C  C   . PHE A 1 116 ? -1.632  -3.487  -6.252  1.00 12.04 ? 116 PHE A C   1 
ATOM   858  O  O   . PHE A 1 116 ? -1.118  -3.805  -5.163  1.00 11.40 ? 116 PHE A O   1 
ATOM   859  C  CB  . PHE A 1 116 ? -0.700  -1.173  -6.412  1.00 11.98 ? 116 PHE A CB  1 
ATOM   860  C  CG  . PHE A 1 116 ? -0.931  0.304   -6.424  1.00 11.49 ? 116 PHE A CG  1 
ATOM   861  C  CD1 . PHE A 1 116 ? -0.983  0.993   -7.627  1.00 9.66  ? 116 PHE A CD1 1 
ATOM   862  C  CD2 . PHE A 1 116 ? -1.058  1.028   -5.235  1.00 12.99 ? 116 PHE A CD2 1 
ATOM   863  C  CE1 . PHE A 1 116 ? -1.173  2.364   -7.632  1.00 12.04 ? 116 PHE A CE1 1 
ATOM   864  C  CE2 . PHE A 1 116 ? -1.279  2.367   -5.248  1.00 12.77 ? 116 PHE A CE2 1 
ATOM   865  C  CZ  . PHE A 1 116 ? -1.331  3.037   -6.472  1.00 13.08 ? 116 PHE A CZ  1 
ATOM   866  N  N   . SER A 1 117 ? -1.989  -4.373  -7.165  1.00 11.62 ? 117 SER A N   1 
ATOM   867  C  CA  A SER A 1 117 ? -1.852  -5.807  -6.982  0.50 12.36 ? 117 SER A CA  1 
ATOM   868  C  CA  B SER A 1 117 ? -1.801  -5.792  -6.955  0.50 12.41 ? 117 SER A CA  1 
ATOM   869  C  C   . SER A 1 117 ? -1.042  -6.445  -8.097  1.00 12.61 ? 117 SER A C   1 
ATOM   870  O  O   . SER A 1 117 ? -0.698  -5.797  -9.088  1.00 11.91 ? 117 SER A O   1 
ATOM   871  C  CB  A SER A 1 117 ? -3.228  -6.488  -6.954  0.50 12.80 ? 117 SER A CB  1 
ATOM   872  C  CB  B SER A 1 117 ? -3.150  -6.495  -6.703  0.50 12.87 ? 117 SER A CB  1 
ATOM   873  O  OG  A SER A 1 117 ? -4.100  -5.911  -5.992  0.50 15.31 ? 117 SER A OG  1 
ATOM   874  O  OG  B SER A 1 117 ? -4.017  -6.458  -7.827  0.50 16.10 ? 117 SER A OG  1 
ATOM   875  N  N   . ASN A 1 118 ? -0.735  -7.728  -7.930  1.00 13.98 ? 118 ASN A N   1 
ATOM   876  C  CA  . ASN A 1 118 ? 0.225   -8.409  -8.820  1.00 15.96 ? 118 ASN A CA  1 
ATOM   877  C  C   . ASN A 1 118 ? 1.550   -7.678  -8.942  1.00 15.57 ? 118 ASN A C   1 
ATOM   878  O  O   . ASN A 1 118 ? 2.146   -7.564  -10.039 1.00 16.12 ? 118 ASN A O   1 
ATOM   879  C  CB  . ASN A 1 118 ? -0.370  -8.637  -10.211 1.00 16.49 ? 118 ASN A CB  1 
ATOM   880  C  CG  . ASN A 1 118 ? -1.649  -9.346  -10.168 1.00 21.41 ? 118 ASN A CG  1 
ATOM   881  O  OD1 . ASN A 1 118 ? -1.833  -10.268 -9.378  1.00 26.23 ? 118 ASN A OD1 1 
ATOM   882  N  ND2 . ASN A 1 118 ? -2.561  -8.975  -11.063 1.00 24.49 ? 118 ASN A ND2 1 
ATOM   883  N  N   . LEU A 1 119 ? 2.034   -7.171  -7.808  1.00 14.46 ? 119 LEU A N   1 
ATOM   884  C  CA  . LEU A 1 119 ? 3.272   -6.419  -7.791  1.00 14.12 ? 119 LEU A CA  1 
ATOM   885  C  C   . LEU A 1 119 ? 4.528   -7.255  -8.112  1.00 15.53 ? 119 LEU A C   1 
ATOM   886  O  O   . LEU A 1 119 ? 5.537   -6.686  -8.558  1.00 15.75 ? 119 LEU A O   1 
ATOM   887  C  CB  . LEU A 1 119 ? 3.446   -5.698  -6.466  1.00 13.77 ? 119 LEU A CB  1 
ATOM   888  C  CG  . LEU A 1 119 ? 2.401   -4.635  -6.103  1.00 12.72 ? 119 LEU A CG  1 
ATOM   889  C  CD1 . LEU A 1 119 ? 2.668   -4.162  -4.697  1.00 13.92 ? 119 LEU A CD1 1 
ATOM   890  C  CD2 . LEU A 1 119 ? 2.452   -3.469  -7.111  1.00 13.61 ? 119 LEU A CD2 1 
ATOM   891  N  N   . GLY A 1 120 ? 4.455   -8.561  -7.825  1.00 15.48 ? 120 GLY A N   1 
ATOM   892  C  CA  . GLY A 1 120 ? 5.556   -9.483  -8.121  1.00 15.92 ? 120 GLY A CA  1 
ATOM   893  C  C   . GLY A 1 120 ? 6.852   -9.202  -7.374  1.00 16.04 ? 120 GLY A C   1 
ATOM   894  O  O   . GLY A 1 120 ? 7.940   -9.595  -7.837  1.00 16.90 ? 120 GLY A O   1 
ATOM   895  N  N   . LEU A 1 121 ? 6.778   -8.536  -6.236  1.00 15.28 ? 121 LEU A N   1 
ATOM   896  C  CA  . LEU A 1 121 ? 7.956   -8.203  -5.449  1.00 13.89 ? 121 LEU A CA  1 
ATOM   897  C  C   . LEU A 1 121 ? 8.277   -9.353  -4.499  1.00 13.70 ? 121 LEU A C   1 
ATOM   898  O  O   . LEU A 1 121 ? 7.394   -9.893  -3.820  1.00 13.83 ? 121 LEU A O   1 
ATOM   899  C  CB  . LEU A 1 121 ? 7.743   -6.878  -4.705  1.00 14.50 ? 121 LEU A CB  1 
ATOM   900  C  CG  . LEU A 1 121 ? 7.675   -5.641  -5.616  1.00 14.60 ? 121 LEU A CG  1 
ATOM   901  C  CD1 . LEU A 1 121 ? 7.051   -4.428  -4.891  1.00 16.98 ? 121 LEU A CD1 1 
ATOM   902  C  CD2 . LEU A 1 121 ? 9.083   -5.343  -6.174  1.00 19.10 ? 121 LEU A CD2 1 
ATOM   903  N  N   . ASP A 1 122 ? 9.552   -9.720  -4.441  1.00 14.13 ? 122 ASP A N   1 
ATOM   904  C  CA  . ASP A 1 122 ? 9.969   -10.786 -3.561  1.00 15.25 ? 122 ASP A CA  1 
ATOM   905  C  C   . ASP A 1 122 ? 11.385  -10.440 -3.155  1.00 15.47 ? 122 ASP A C   1 
ATOM   906  O  O   . ASP A 1 122 ? 12.308  -10.472 -3.999  1.00 18.71 ? 122 ASP A O   1 
ATOM   907  C  CB  . ASP A 1 122 ? 9.910   -12.137 -4.289  1.00 16.27 ? 122 ASP A CB  1 
ATOM   908  C  CG  . ASP A 1 122 ? 10.158  -13.347 -3.372  1.00 22.46 ? 122 ASP A CG  1 
ATOM   909  O  OD1 . ASP A 1 122 ? 10.415  -13.221 -2.159  1.00 26.22 ? 122 ASP A OD1 1 
ATOM   910  O  OD2 . ASP A 1 122 ? 10.075  -14.488 -3.893  1.00 32.20 ? 122 ASP A OD2 1 
ATOM   911  N  N   . SER A 1 123 ? 11.561  -10.134 -1.876  1.00 13.12 ? 123 SER A N   1 
ATOM   912  C  CA  . SER A 1 123 ? 12.878  -9.732  -1.331  1.00 13.55 ? 123 SER A CA  1 
ATOM   913  C  C   . SER A 1 123 ? 13.343  -10.770 -0.348  1.00 12.71 ? 123 SER A C   1 
ATOM   914  O  O   . SER A 1 123 ? 12.636  -11.080 0.607   1.00 13.74 ? 123 SER A O   1 
ATOM   915  C  CB  . SER A 1 123 ? 12.815  -8.387  -0.663  1.00 12.72 ? 123 SER A CB  1 
ATOM   916  O  OG  . SER A 1 123 ? 12.530  -7.376  -1.638  1.00 14.85 ? 123 SER A OG  1 
ATOM   917  N  N   . PRO A 1 124 ? 14.518  -11.369 -0.626  1.00 13.66 ? 124 PRO A N   1 
ATOM   918  C  CA  . PRO A 1 124 ? 15.079  -12.378 0.264   1.00 13.90 ? 124 PRO A CA  1 
ATOM   919  C  C   . PRO A 1 124 ? 15.658  -11.751 1.509   1.00 14.76 ? 124 PRO A C   1 
ATOM   920  O  O   . PRO A 1 124 ? 15.993  -10.574 1.534   1.00 14.03 ? 124 PRO A O   1 
ATOM   921  C  CB  . PRO A 1 124 ? 16.218  -12.970 -0.564  1.00 14.34 ? 124 PRO A CB  1 
ATOM   922  C  CG  . PRO A 1 124 ? 16.640  -11.894 -1.441  1.00 15.93 ? 124 PRO A CG  1 
ATOM   923  C  CD  . PRO A 1 124 ? 15.412  -11.086 -1.768  1.00 13.50 ? 124 PRO A CD  1 
ATOM   924  N  N   . ILE A 1 125 ? 15.733  -12.548 2.564   1.00 15.16 ? 125 ILE A N   1 
ATOM   925  C  CA  . ILE A 1 125 ? 16.243  -12.068 3.833   1.00 16.00 ? 125 ILE A CA  1 
ATOM   926  C  C   . ILE A 1 125 ? 17.693  -11.560 3.687   1.00 16.19 ? 125 ILE A C   1 
ATOM   927  O  O   . ILE A 1 125 ? 18.057  -10.574 4.333   1.00 16.97 ? 125 ILE A O   1 
ATOM   928  C  CB  . ILE A 1 125 ? 16.057  -13.146 4.950   1.00 15.64 ? 125 ILE A CB  1 
ATOM   929  C  CG1 . ILE A 1 125 ? 16.220  -12.551 6.342   1.00 18.54 ? 125 ILE A CG1 1 
ATOM   930  C  CG2 . ILE A 1 125 ? 16.979  -14.306 4.674   1.00 17.52 ? 125 ILE A CG2 1 
ATOM   931  C  CD1 . ILE A 1 125 ? 15.962  -13.566 7.492   1.00 20.48 ? 125 ILE A CD1 1 
ATOM   932  N  N   . ALA A 1 126 ? 18.450  -12.144 2.761   1.00 16.94 ? 126 ALA A N   1 
ATOM   933  C  CA  . ALA A 1 126 ? 19.862  -11.731 2.478   1.00 18.81 ? 126 ALA A CA  1 
ATOM   934  C  C   . ALA A 1 126 ? 20.041  -10.259 2.176   1.00 19.65 ? 126 ALA A C   1 
ATOM   935  O  O   . ALA A 1 126 ? 21.101  -9.712  2.452   1.00 20.90 ? 126 ALA A O   1 
ATOM   936  C  CB  . ALA A 1 126 ? 20.465  -12.550 1.311   1.00 18.40 ? 126 ALA A CB  1 
ATOM   937  N  N   . GLN A 1 127 ? 19.046  -9.610  1.556   1.00 18.61 ? 127 GLN A N   1 
ATOM   938  C  CA  . GLN A 1 127 ? 19.153  -8.194  1.250   1.00 18.02 ? 127 GLN A CA  1 
ATOM   939  C  C   . GLN A 1 127 ? 18.961  -7.261  2.429   1.00 16.97 ? 127 GLN A C   1 
ATOM   940  O  O   . GLN A 1 127 ? 19.223  -6.075  2.325   1.00 18.18 ? 127 GLN A O   1 
ATOM   941  C  CB  . GLN A 1 127 ? 18.166  -7.797  0.126   1.00 18.24 ? 127 GLN A CB  1 
ATOM   942  C  CG  . GLN A 1 127 ? 18.667  -8.129  -1.265  1.00 19.68 ? 127 GLN A CG  1 
ATOM   943  C  CD  . GLN A 1 127 ? 17.831  -7.481  -2.353  1.00 21.67 ? 127 GLN A CD  1 
ATOM   944  O  OE1 . GLN A 1 127 ? 18.171  -6.410  -2.867  1.00 24.54 ? 127 GLN A OE1 1 
ATOM   945  N  NE2 . GLN A 1 127 ? 16.756  -8.127  -2.713  1.00 15.81 ? 127 GLN A NE2 1 
ATOM   946  N  N   . GLY A 1 128 ? 18.467  -7.780  3.563   1.00 16.14 ? 128 GLY A N   1 
ATOM   947  C  CA  . GLY A 1 128 ? 18.198  -6.957  4.696   1.00 15.70 ? 128 GLY A CA  1 
ATOM   948  C  C   . GLY A 1 128 ? 17.349  -5.752  4.356   1.00 16.05 ? 128 GLY A C   1 
ATOM   949  O  O   . GLY A 1 128 ? 16.439  -5.830  3.533   1.00 15.63 ? 128 GLY A O   1 
ATOM   950  N  N   . ARG A 1 129 ? 17.687  -4.625  4.971   1.00 16.40 ? 129 ARG A N   1 
ATOM   951  C  CA  . ARG A 1 129 ? 16.965  -3.348  4.801   1.00 16.95 ? 129 ARG A CA  1 
ATOM   952  C  C   . ARG A 1 129 ? 17.178  -2.696  3.432   1.00 17.77 ? 129 ARG A C   1 
ATOM   953  O  O   . ARG A 1 129 ? 16.579  -1.654  3.121   1.00 19.50 ? 129 ARG A O   1 
ATOM   954  C  CB  . ARG A 1 129 ? 17.302  -2.387  5.964   1.00 17.48 ? 129 ARG A CB  1 
ATOM   955  C  CG  . ARG A 1 129 ? 16.813  -2.924  7.303   1.00 18.99 ? 129 ARG A CG  1 
ATOM   956  C  CD  . ARG A 1 129 ? 17.290  -2.089  8.489   1.00 23.48 ? 129 ARG A CD  1 
ATOM   957  N  NE  . ARG A 1 129 ? 16.846  -0.683  8.453   1.00 25.86 ? 129 ARG A NE  1 
ATOM   958  C  CZ  . ARG A 1 129 ? 15.816  -0.146  9.126   1.00 28.13 ? 129 ARG A CZ  1 
ATOM   959  N  NH1 . ARG A 1 129 ? 15.002  -0.877  9.899   1.00 26.09 ? 129 ARG A NH1 1 
ATOM   960  N  NH2 . ARG A 1 129 ? 15.578  1.163   9.001   1.00 28.50 ? 129 ARG A NH2 1 
ATOM   961  N  N   . ASP A 1 130 ? 18.023  -3.330  2.620   1.00 17.87 ? 130 ASP A N   1 
ATOM   962  C  CA  . ASP A 1 130 ? 18.209  -2.959  1.208   1.00 18.47 ? 130 ASP A CA  1 
ATOM   963  C  C   . ASP A 1 130 ? 17.200  -3.601  0.250   1.00 16.68 ? 130 ASP A C   1 
ATOM   964  O  O   . ASP A 1 130 ? 17.121  -3.216  -0.914  1.00 16.91 ? 130 ASP A O   1 
ATOM   965  C  CB  . ASP A 1 130 ? 19.636  -3.305  0.730   1.00 19.29 ? 130 ASP A CB  1 
ATOM   966  C  CG  . ASP A 1 130 ? 20.707  -2.530  1.470   1.00 26.02 ? 130 ASP A CG  1 
ATOM   967  O  OD1 . ASP A 1 130 ? 20.517  -1.312  1.737   1.00 27.93 ? 130 ASP A OD1 1 
ATOM   968  O  OD2 . ASP A 1 130 ? 21.755  -3.166  1.796   1.00 32.32 ? 130 ASP A OD2 1 
ATOM   969  N  N   . GLY A 1 131 ? 16.406  -4.560  0.718   1.00 15.47 ? 131 GLY A N   1 
ATOM   970  C  CA  . GLY A 1 131 ? 15.446  -5.183  -0.127  1.00 14.40 ? 131 GLY A CA  1 
ATOM   971  C  C   . GLY A 1 131 ? 14.313  -4.210  -0.486  1.00 13.26 ? 131 GLY A C   1 
ATOM   972  O  O   . GLY A 1 131 ? 13.916  -3.375  0.311   1.00 13.54 ? 131 GLY A O   1 
ATOM   973  N  N   . THR A 1 132 ? 13.779  -4.388  -1.686  1.00 13.85 ? 132 THR A N   1 
ATOM   974  C  CA  . THR A 1 132 ? 12.726  -3.521  -2.163  1.00 14.00 ? 132 THR A CA  1 
ATOM   975  C  C   . THR A 1 132 ? 11.462  -3.662  -1.321  1.00 12.71 ? 132 THR A C   1 
ATOM   976  O  O   . THR A 1 132 ? 10.786  -2.670  -1.045  1.00 12.47 ? 132 THR A O   1 
ATOM   977  C  CB  . THR A 1 132 ? 12.459  -3.840  -3.600  1.00 14.90 ? 132 THR A CB  1 
ATOM   978  O  OG1 . THR A 1 132 ? 13.676  -3.617  -4.340  1.00 17.01 ? 132 THR A OG1 1 
ATOM   979  C  CG2 . THR A 1 132 ? 11.375  -2.960  -4.176  1.00 13.12 ? 132 THR A CG2 1 
ATOM   980  N  N   . VAL A 1 133 ? 11.152  -4.877  -0.865  1.00 12.67 ? 133 VAL A N   1 
ATOM   981  C  CA  . VAL A 1 133 ? 9.953   -5.050  -0.046  1.00 12.51 ? 133 VAL A CA  1 
ATOM   982  C  C   . VAL A 1 133 ? 10.111  -4.218  1.230   1.00 11.10 ? 133 VAL A C   1 
ATOM   983  O  O   . VAL A 1 133 ? 9.214   -3.495  1.637   1.00 12.11 ? 133 VAL A O   1 
ATOM   984  C  CB  . VAL A 1 133 ? 9.659   -6.539  0.225   1.00 11.80 ? 133 VAL A CB  1 
ATOM   985  C  CG1 . VAL A 1 133 ? 8.591   -6.718  1.363   1.00 12.00 ? 133 VAL A CG1 1 
ATOM   986  C  CG2 . VAL A 1 133 ? 9.276   -7.226  -1.070  1.00 12.72 ? 133 VAL A CG2 1 
ATOM   987  N  N   . HIS A 1 134 ? 11.276  -4.279  1.872   1.00 11.33 ? 134 HIS A N   1 
ATOM   988  C  CA  . HIS A 1 134 ? 11.507  -3.434  3.028   1.00 11.65 ? 134 HIS A CA  1 
ATOM   989  C  C   . HIS A 1 134 ? 11.321  -1.940  2.714   1.00 12.23 ? 134 HIS A C   1 
ATOM   990  O  O   . HIS A 1 134 ? 10.624  -1.217  3.397   1.00 12.43 ? 134 HIS A O   1 
ATOM   991  C  CB  . HIS A 1 134 ? 12.913  -3.677  3.605   1.00 11.56 ? 134 HIS A CB  1 
ATOM   992  C  CG  . HIS A 1 134 ? 13.186  -2.856  4.808   1.00 14.91 ? 134 HIS A CG  1 
ATOM   993  N  ND1 . HIS A 1 134 ? 12.837  -3.268  6.077   1.00 13.24 ? 134 HIS A ND1 1 
ATOM   994  C  CD2 . HIS A 1 134 ? 13.693  -1.611  4.942   1.00 15.81 ? 134 HIS A CD2 1 
ATOM   995  C  CE1 . HIS A 1 134 ? 13.113  -2.304  6.937   1.00 16.17 ? 134 HIS A CE1 1 
ATOM   996  N  NE2 . HIS A 1 134 ? 13.649  -1.296  6.274   1.00 16.52 ? 134 HIS A NE2 1 
ATOM   997  N  N   . LYS A 1 135 ? 11.983  -1.483  1.662   1.00 11.97 ? 135 LYS A N   1 
ATOM   998  C  CA  . LYS A 1 135 ? 11.885  -0.072  1.300   1.00 12.81 ? 135 LYS A CA  1 
ATOM   999  C  C   . LYS A 1 135 ? 10.438  0.383   1.079   1.00 11.84 ? 135 LYS A C   1 
ATOM   1000 O  O   . LYS A 1 135 ? 10.058  1.435   1.563   1.00 12.22 ? 135 LYS A O   1 
ATOM   1001 C  CB  . LYS A 1 135 ? 12.745  0.196   0.079   1.00 13.31 ? 135 LYS A CB  1 
ATOM   1002 C  CG  . LYS A 1 135 ? 14.245  0.084   0.371   1.00 15.55 ? 135 LYS A CG  1 
ATOM   1003 C  CD  . LYS A 1 135 ? 15.048  0.235   -0.883  1.00 19.70 ? 135 LYS A CD  1 
ATOM   1004 C  CE  . LYS A 1 135 ? 16.510  0.099   -0.581  1.00 23.79 ? 135 LYS A CE  1 
ATOM   1005 N  NZ  . LYS A 1 135 ? 17.293  -0.063  -1.826  1.00 27.97 ? 135 LYS A NZ  1 
ATOM   1006 N  N   . VAL A 1 136 ? 9.661   -0.430  0.377   1.00 11.62 ? 136 VAL A N   1 
ATOM   1007 C  CA  . VAL A 1 136 ? 8.278   -0.098  0.096   1.00 11.73 ? 136 VAL A CA  1 
ATOM   1008 C  C   . VAL A 1 136 ? 7.471   -0.061  1.374   1.00 11.44 ? 136 VAL A C   1 
ATOM   1009 O  O   . VAL A 1 136 ? 6.822   0.943   1.658   1.00 11.38 ? 136 VAL A O   1 
ATOM   1010 C  CB  . VAL A 1 136 ? 7.668   -1.089  -0.930  1.00 11.22 ? 136 VAL A CB  1 
ATOM   1011 C  CG1 . VAL A 1 136 ? 6.119   -0.877  -0.989  1.00 10.32 ? 136 VAL A CG1 1 
ATOM   1012 C  CG2 . VAL A 1 136 ? 8.327   -0.936  -2.317  1.00 12.76 ? 136 VAL A CG2 1 
ATOM   1013 N  N   . VAL A 1 137 ? 7.488   -1.144  2.152   1.00 11.97 ? 137 VAL A N   1 
ATOM   1014 C  CA  . VAL A 1 137 ? 6.581   -1.292  3.301   1.00 12.34 ? 137 VAL A CA  1 
ATOM   1015 C  C   . VAL A 1 137 ? 7.057   -0.445  4.493   1.00 12.57 ? 137 VAL A C   1 
ATOM   1016 O  O   . VAL A 1 137 ? 6.286   0.278   5.112   1.00 14.72 ? 137 VAL A O   1 
ATOM   1017 C  CB  . VAL A 1 137 ? 6.366   -2.765  3.680   1.00 12.58 ? 137 VAL A CB  1 
ATOM   1018 C  CG1 . VAL A 1 137 ? 5.455   -2.837  4.898   1.00 13.75 ? 137 VAL A CG1 1 
ATOM   1019 C  CG2 . VAL A 1 137 ? 5.777   -3.544  2.506   1.00 12.58 ? 137 VAL A CG2 1 
ATOM   1020 N  N   . TYR A 1 138 ? 8.356   -0.444  4.786   1.00 14.97 ? 138 TYR A N   1 
ATOM   1021 C  CA  . TYR A 1 138 ? 8.891   0.418   5.851   1.00 16.35 ? 138 TYR A CA  1 
ATOM   1022 C  C   . TYR A 1 138 ? 8.666   1.912   5.536   1.00 15.31 ? 138 TYR A C   1 
ATOM   1023 O  O   . TYR A 1 138 ? 8.298   2.696   6.414   1.00 16.19 ? 138 TYR A O   1 
ATOM   1024 C  CB  . TYR A 1 138 ? 10.371  0.110   6.069   1.00 17.81 ? 138 TYR A CB  1 
ATOM   1025 C  CG  . TYR A 1 138 ? 10.957  0.630   7.366   1.00 24.40 ? 138 TYR A CG  1 
ATOM   1026 C  CD1 . TYR A 1 138 ? 10.788  -0.071  8.553   1.00 29.36 ? 138 TYR A CD1 1 
ATOM   1027 C  CD2 . TYR A 1 138 ? 11.686  1.813   7.384   1.00 31.43 ? 138 TYR A CD2 1 
ATOM   1028 C  CE1 . TYR A 1 138 ? 11.333  0.413   9.759   1.00 32.99 ? 138 TYR A CE1 1 
ATOM   1029 C  CE2 . TYR A 1 138 ? 12.229  2.320   8.584   1.00 33.85 ? 138 TYR A CE2 1 
ATOM   1030 C  CZ  . TYR A 1 138 ? 12.055  1.616   9.748   1.00 34.79 ? 138 TYR A CZ  1 
ATOM   1031 O  OH  . TYR A 1 138 ? 12.607  2.129   10.907  1.00 41.04 ? 138 TYR A OH  1 
ATOM   1032 N  N   . GLY A 1 139 ? 8.820   2.296   4.261   1.00 14.22 ? 139 GLY A N   1 
ATOM   1033 C  CA  . GLY A 1 139 ? 8.523   3.648   3.828   1.00 13.98 ? 139 GLY A CA  1 
ATOM   1034 C  C   . GLY A 1 139 ? 7.097   4.007   4.170   1.00 13.88 ? 139 GLY A C   1 
ATOM   1035 O  O   . GLY A 1 139 ? 6.801   5.028   4.759   1.00 14.34 ? 139 GLY A O   1 
ATOM   1036 N  N   . LEU A 1 140 ? 6.171   3.140   3.779   1.00 12.83 ? 140 LEU A N   1 
ATOM   1037 C  CA  . LEU A 1 140 ? 4.748   3.390   4.049   1.00 12.98 ? 140 LEU A CA  1 
ATOM   1038 C  C   . LEU A 1 140 ? 4.410   3.494   5.541   1.00 13.29 ? 140 LEU A C   1 
ATOM   1039 O  O   . LEU A 1 140 ? 3.452   4.173   5.926   1.00 12.63 ? 140 LEU A O   1 
ATOM   1040 C  CB  . LEU A 1 140 ? 3.877   2.331   3.368   1.00 11.67 ? 140 LEU A CB  1 
ATOM   1041 C  CG  . LEU A 1 140 ? 3.846   2.387   1.841   1.00 11.73 ? 140 LEU A CG  1 
ATOM   1042 C  CD1 . LEU A 1 140 ? 3.212   1.119   1.244   1.00 12.87 ? 140 LEU A CD1 1 
ATOM   1043 C  CD2 . LEU A 1 140 ? 3.108   3.658   1.320   1.00 10.64 ? 140 LEU A CD2 1 
ATOM   1044 N  N   . MET A 1 141 ? 5.212   2.846   6.387   1.00 14.58 ? 141 MET A N   1 
ATOM   1045 C  CA  . MET A 1 141 ? 4.983   2.958   7.791   1.00 15.96 ? 141 MET A CA  1 
ATOM   1046 C  C   . MET A 1 141 ? 5.075   4.391   8.282   1.00 15.82 ? 141 MET A C   1 
ATOM   1047 O  O   . MET A 1 141 ? 4.462   4.702   9.288   1.00 17.34 ? 141 MET A O   1 
ATOM   1048 C  CB  . MET A 1 141 ? 5.955   2.096   8.606   1.00 16.96 ? 141 MET A CB  1 
ATOM   1049 C  CG  . MET A 1 141 ? 5.719   0.635   8.444   1.00 17.25 ? 141 MET A CG  1 
ATOM   1050 S  SD  . MET A 1 141 ? 6.984   -0.269  9.376   1.00 24.96 ? 141 MET A SD  1 
ATOM   1051 C  CE  . MET A 1 141 ? 6.938   -1.876  8.616   1.00 24.78 ? 141 MET A CE  1 
ATOM   1052 N  N   . SER A 1 142 ? 5.830   5.267   7.612   1.00 15.52 ? 142 SER A N   1 
ATOM   1053 C  CA  . SER A 1 142 ? 5.875   6.698   7.994   1.00 16.53 ? 142 SER A CA  1 
ATOM   1054 C  C   . SER A 1 142 ? 5.122   7.569   7.000   1.00 15.37 ? 142 SER A C   1 
ATOM   1055 O  O   . SER A 1 142 ? 5.237   8.802   7.004   1.00 17.80 ? 142 SER A O   1 
ATOM   1056 C  CB  . SER A 1 142 ? 7.317   7.166   8.146   1.00 17.39 ? 142 SER A CB  1 
ATOM   1057 O  OG  . SER A 1 142 ? 8.007   7.158   6.922   1.00 19.86 ? 142 SER A OG  1 
ATOM   1058 N  N   . GLY A 1 143 ? 4.328   6.915   6.151   1.00 14.22 ? 143 GLY A N   1 
ATOM   1059 C  CA  . GLY A 1 143 ? 3.540   7.599   5.133   1.00 14.46 ? 143 GLY A CA  1 
ATOM   1060 C  C   . GLY A 1 143 ? 4.309   7.929   3.882   1.00 14.56 ? 143 GLY A C   1 
ATOM   1061 O  O   . GLY A 1 143 ? 3.808   8.640   3.028   1.00 15.51 ? 143 GLY A O   1 
ATOM   1062 N  N   . ASP A 1 144 ? 5.547   7.466   3.776   1.00 13.98 ? 144 ASP A N   1 
ATOM   1063 C  CA  . ASP A 1 144 ? 6.357   7.782   2.606   1.00 13.47 ? 144 ASP A CA  1 
ATOM   1064 C  C   . ASP A 1 144 ? 6.092   6.768   1.489   1.00 13.26 ? 144 ASP A C   1 
ATOM   1065 O  O   . ASP A 1 144 ? 6.343   5.593   1.625   1.00 13.57 ? 144 ASP A O   1 
ATOM   1066 C  CB  . ASP A 1 144 ? 7.850   7.807   2.993   1.00 13.83 ? 144 ASP A CB  1 
ATOM   1067 C  CG  . ASP A 1 144 ? 8.733   8.324   1.862   1.00 16.52 ? 144 ASP A CG  1 
ATOM   1068 O  OD1 . ASP A 1 144 ? 8.712   7.705   0.776   1.00 18.20 ? 144 ASP A OD1 1 
ATOM   1069 O  OD2 . ASP A 1 144 ? 9.437   9.351   2.061   1.00 21.13 ? 144 ASP A OD2 1 
ATOM   1070 N  N   . SER A 1 145 ? 5.576   7.251   0.372   1.00 12.32 ? 145 SER A N   1 
ATOM   1071 C  CA  . SER A 1 145 ? 5.221   6.380   -0.747  1.00 12.16 ? 145 SER A CA  1 
ATOM   1072 C  C   . SER A 1 145 ? 6.209   6.437   -1.897  1.00 12.02 ? 145 SER A C   1 
ATOM   1073 O  O   . SER A 1 145 ? 5.923   5.903   -2.967  1.00 12.07 ? 145 SER A O   1 
ATOM   1074 C  CB  . SER A 1 145 ? 3.837   6.763   -1.275  1.00 11.29 ? 145 SER A CB  1 
ATOM   1075 O  OG  . SER A 1 145 ? 3.751   8.155   -1.576  1.00 13.48 ? 145 SER A OG  1 
ATOM   1076 N  N   . SER A 1 146 ? 7.388   7.020   -1.678  1.00 11.28 ? 146 SER A N   1 
ATOM   1077 C  CA  . SER A 1 146 ? 8.361   7.156   -2.769  1.00 12.12 ? 146 SER A CA  1 
ATOM   1078 C  C   . SER A 1 146 ? 8.846   5.799   -3.347  1.00 11.16 ? 146 SER A C   1 
ATOM   1079 O  O   . SER A 1 146 ? 8.903   5.649   -4.575  1.00 12.47 ? 146 SER A O   1 
ATOM   1080 C  CB  . SER A 1 146 ? 9.515   8.078   -2.357  1.00 13.43 ? 146 SER A CB  1 
ATOM   1081 O  OG  . SER A 1 146 ? 10.318  7.513   -1.331  1.00 15.92 ? 146 SER A OG  1 
ATOM   1082 N  N   . ALA A 1 147 ? 9.164   4.827   -2.477  1.00 10.58 ? 147 ALA A N   1 
ATOM   1083 C  CA  . ALA A 1 147 ? 9.638   3.541   -2.937  1.00 11.23 ? 147 ALA A CA  1 
ATOM   1084 C  C   . ALA A 1 147 ? 8.500   2.828   -3.687  1.00 10.77 ? 147 ALA A C   1 
ATOM   1085 O  O   . ALA A 1 147 ? 8.707   2.262   -4.730  1.00 11.52 ? 147 ALA A O   1 
ATOM   1086 C  CB  . ALA A 1 147 ? 10.131  2.668   -1.762  1.00 11.62 ? 147 ALA A CB  1 
ATOM   1087 N  N   . LEU A 1 148 ? 7.298   2.846   -3.104  1.00 11.75 ? 148 LEU A N   1 
ATOM   1088 C  CA  . LEU A 1 148 ? 6.142   2.269   -3.764  1.00 11.68 ? 148 LEU A CA  1 
ATOM   1089 C  C   . LEU A 1 148 ? 5.973   2.876   -5.159  1.00 11.08 ? 148 LEU A C   1 
ATOM   1090 O  O   . LEU A 1 148 ? 5.781   2.175   -6.135  1.00 10.80 ? 148 LEU A O   1 
ATOM   1091 C  CB  . LEU A 1 148 ? 4.890   2.475   -2.917  1.00 11.00 ? 148 LEU A CB  1 
ATOM   1092 C  CG  . LEU A 1 148 ? 3.553   2.068   -3.566  1.00 10.38 ? 148 LEU A CG  1 
ATOM   1093 C  CD1 . LEU A 1 148 ? 3.541   0.549   -3.887  1.00 11.47 ? 148 LEU A CD1 1 
ATOM   1094 C  CD2 . LEU A 1 148 ? 2.402   2.524   -2.719  1.00 11.14 ? 148 LEU A CD2 1 
ATOM   1095 N  N   . GLN A 1 149 ? 5.986   4.204   -5.203  1.00 11.26 ? 149 GLN A N   1 
ATOM   1096 C  CA  . GLN A 1 149 ? 5.815   4.927   -6.450  1.00 10.93 ? 149 GLN A CA  1 
ATOM   1097 C  C   . GLN A 1 149 ? 6.793   4.462   -7.554  1.00 11.28 ? 149 GLN A C   1 
ATOM   1098 O  O   . GLN A 1 149 ? 6.400   4.228   -8.707  1.00 11.15 ? 149 GLN A O   1 
ATOM   1099 C  CB  . GLN A 1 149 ? 5.935   6.436   -6.213  1.00 11.52 ? 149 GLN A CB  1 
ATOM   1100 C  CG  . GLN A 1 149 ? 5.750   7.218   -7.476  1.00 14.53 ? 149 GLN A CG  1 
ATOM   1101 C  CD  . GLN A 1 149 ? 5.557   8.700   -7.281  1.00 18.26 ? 149 GLN A CD  1 
ATOM   1102 O  OE1 . GLN A 1 149 ? 4.707   9.125   -6.526  1.00 17.63 ? 149 GLN A OE1 1 
ATOM   1103 N  NE2 . GLN A 1 149 ? 6.298   9.491   -8.050  1.00 19.57 ? 149 GLN A NE2 1 
ATOM   1104 N  N   . GLY A 1 150 ? 8.055   4.328   -7.175  1.00 11.97 ? 150 GLY A N   1 
ATOM   1105 C  CA  . GLY A 1 150 ? 9.082   3.894   -8.122  1.00 12.21 ? 150 GLY A CA  1 
ATOM   1106 C  C   . GLY A 1 150 ? 8.797   2.488   -8.644  1.00 12.01 ? 150 GLY A C   1 
ATOM   1107 O  O   . GLY A 1 150 ? 8.979   2.196   -9.811  1.00 13.24 ? 150 GLY A O   1 
ATOM   1108 N  N   . GLN A 1 151 ? 8.304   1.596   -7.774  1.00 11.20 ? 151 GLN A N   1 
ATOM   1109 C  CA  . GLN A 1 151 ? 7.969   0.259   -8.237  1.00 11.32 ? 151 GLN A CA  1 
ATOM   1110 C  C   . GLN A 1 151 ? 6.732   0.257   -9.143  1.00 11.33 ? 151 GLN A C   1 
ATOM   1111 O  O   . GLN A 1 151 ? 6.676   -0.466  -10.139 1.00 12.39 ? 151 GLN A O   1 
ATOM   1112 C  CB  . GLN A 1 151 ? 7.807   -0.677  -7.038  1.00 11.51 ? 151 GLN A CB  1 
ATOM   1113 C  CG  . GLN A 1 151 ? 9.137   -0.896  -6.269  1.00 12.84 ? 151 GLN A CG  1 
ATOM   1114 C  CD  . GLN A 1 151 ? 10.239  -1.379  -7.199  1.00 13.69 ? 151 GLN A CD  1 
ATOM   1115 O  OE1 . GLN A 1 151 ? 10.129  -2.457  -7.823  1.00 14.35 ? 151 GLN A OE1 1 
ATOM   1116 N  NE2 . GLN A 1 151 ? 11.275  -0.578  -7.328  1.00 15.61 ? 151 GLN A NE2 1 
ATOM   1117 N  N   . ILE A 1 152 ? 5.737   1.063   -8.810  1.00 11.58 ? 152 ILE A N   1 
ATOM   1118 C  CA  . ILE A 1 152 ? 4.568   1.151   -9.684  1.00 11.76 ? 152 ILE A CA  1 
ATOM   1119 C  C   . ILE A 1 152 ? 4.987   1.696   -11.044 1.00 11.88 ? 152 ILE A C   1 
ATOM   1120 O  O   . ILE A 1 152 ? 4.565   1.166   -12.077 1.00 11.70 ? 152 ILE A O   1 
ATOM   1121 C  CB  . ILE A 1 152 ? 3.468   2.061   -9.092  1.00 10.88 ? 152 ILE A CB  1 
ATOM   1122 C  CG1 . ILE A 1 152 ? 2.936   1.467   -7.789  1.00 13.53 ? 152 ILE A CG1 1 
ATOM   1123 C  CG2 . ILE A 1 152 ? 2.332   2.216   -10.083 1.00 12.02 ? 152 ILE A CG2 1 
ATOM   1124 C  CD1 . ILE A 1 152 ? 2.163   2.438   -6.984  1.00 14.90 ? 152 ILE A CD1 1 
ATOM   1125 N  N   . ASP A 1 153 ? 5.815   2.732   -11.047 1.00 11.40 ? 153 ASP A N   1 
ATOM   1126 C  CA  . ASP A 1 153 ? 6.269   3.330   -12.312 1.00 13.08 ? 153 ASP A CA  1 
ATOM   1127 C  C   . ASP A 1 153 ? 6.936   2.244   -13.189 1.00 13.58 ? 153 ASP A C   1 
ATOM   1128 O  O   . ASP A 1 153 ? 6.677   2.151   -14.368 1.00 14.40 ? 153 ASP A O   1 
ATOM   1129 C  CB  . ASP A 1 153 ? 7.214   4.492   -12.025 1.00 13.65 ? 153 ASP A CB  1 
ATOM   1130 C  CG  . ASP A 1 153 ? 7.406   5.396   -13.231 1.00 19.53 ? 153 ASP A CG  1 
ATOM   1131 O  OD1 . ASP A 1 153 ? 6.407   5.725   -13.911 1.00 17.63 ? 153 ASP A OD1 1 
ATOM   1132 O  OD2 . ASP A 1 153 ? 8.579   5.732   -13.508 1.00 29.68 ? 153 ASP A OD2 1 
ATOM   1133 N  N   . ALA A 1 154 ? 7.810   1.430   -12.591 1.00 12.82 ? 154 ALA A N   1 
ATOM   1134 C  CA  . ALA A 1 154 ? 8.534   0.386   -13.343 1.00 12.48 ? 154 ALA A CA  1 
ATOM   1135 C  C   . ALA A 1 154 ? 7.576   -0.628  -13.901 1.00 12.68 ? 154 ALA A C   1 
ATOM   1136 O  O   . ALA A 1 154 ? 7.712   -1.096  -15.050 1.00 13.88 ? 154 ALA A O   1 
ATOM   1137 C  CB  . ALA A 1 154 ? 9.581   -0.322  -12.407 1.00 12.56 ? 154 ALA A CB  1 
ATOM   1138 N  N   . LEU A 1 155 ? 6.591   -1.022  -13.086 1.00 11.64 ? 155 LEU A N   1 
ATOM   1139 C  CA  . LEU A 1 155 ? 5.629   -2.021  -13.494 1.00 11.44 ? 155 LEU A CA  1 
ATOM   1140 C  C   . LEU A 1 155 ? 4.693   -1.523  -14.604 1.00 12.77 ? 155 LEU A C   1 
ATOM   1141 O  O   . LEU A 1 155 ? 4.305   -2.279  -15.494 1.00 13.90 ? 155 LEU A O   1 
ATOM   1142 C  CB  . LEU A 1 155 ? 4.828   -2.527  -12.294 1.00 11.49 ? 155 LEU A CB  1 
ATOM   1143 C  CG  . LEU A 1 155 ? 5.564   -3.435  -11.325 1.00 10.56 ? 155 LEU A CG  1 
ATOM   1144 C  CD1 . LEU A 1 155 ? 4.874   -3.422  -9.956  1.00 13.34 ? 155 LEU A CD1 1 
ATOM   1145 C  CD2 . LEU A 1 155 ? 5.671   -4.839  -11.871 1.00 15.91 ? 155 LEU A CD2 1 
ATOM   1146 N  N   . LEU A 1 156 ? 4.349   -0.234  -14.550 1.00 13.07 ? 156 LEU A N   1 
ATOM   1147 C  CA  . LEU A 1 156 ? 3.552   0.341   -15.614 1.00 14.26 ? 156 LEU A CA  1 
ATOM   1148 C  C   . LEU A 1 156 ? 4.308   0.401   -16.938 1.00 16.33 ? 156 LEU A C   1 
ATOM   1149 O  O   . LEU A 1 156 ? 3.736   0.040   -17.978 1.00 17.76 ? 156 LEU A O   1 
ATOM   1150 C  CB  . LEU A 1 156 ? 3.035   1.702   -15.179 1.00 13.64 ? 156 LEU A CB  1 
ATOM   1151 C  CG  . LEU A 1 156 ? 1.965   1.659   -14.071 1.00 14.24 ? 156 LEU A CG  1 
ATOM   1152 C  CD1 . LEU A 1 156 ? 1.693   3.105   -13.608 1.00 14.45 ? 156 LEU A CD1 1 
ATOM   1153 C  CD2 . LEU A 1 156 ? 0.712   0.995   -14.552 1.00 17.20 ? 156 LEU A CD2 1 
ATOM   1154 N  N   . LYS A 1 157 ? 5.563   0.820   -16.887 1.00 17.88 ? 157 LYS A N   1 
ATOM   1155 C  CA  . LYS A 1 157 ? 6.435   0.890   -18.086 1.00 19.21 ? 157 LYS A CA  1 
ATOM   1156 C  C   . LYS A 1 157 ? 6.663   -0.499  -18.683 1.00 20.31 ? 157 LYS A C   1 
ATOM   1157 O  O   . LYS A 1 157 ? 6.816   -0.641  -19.898 1.00 22.11 ? 157 LYS A O   1 
ATOM   1158 C  CB  . LYS A 1 157 ? 7.745   1.600   -17.767 1.00 19.88 ? 157 LYS A CB  1 
ATOM   1159 C  CG  . LYS A 1 157 ? 7.578   3.111   -17.568 1.00 22.11 ? 157 LYS A CG  1 
ATOM   1160 C  CD  . LYS A 1 157 ? 8.771   3.758   -16.858 1.00 25.81 ? 157 LYS A CD  1 
ATOM   1161 C  CE  . LYS A 1 157 ? 8.656   5.297   -16.781 1.00 27.35 ? 157 LYS A CE  1 
ATOM   1162 N  NZ  . LYS A 1 157 ? 9.826   5.848   -16.003 1.00 28.43 ? 157 LYS A NZ  1 
ATOM   1163 N  N   . ALA A 1 158 ? 6.633   -1.535  -17.857 1.00 20.11 ? 158 ALA A N   1 
ATOM   1164 C  CA  . ALA A 1 158 ? 6.709   -2.911  -18.363 1.00 21.05 ? 158 ALA A CA  1 
ATOM   1165 C  C   . ALA A 1 158 ? 5.494   -3.310  -19.189 1.00 22.52 ? 158 ALA A C   1 
ATOM   1166 O  O   . ALA A 1 158 ? 5.614   -4.185  -20.065 1.00 23.42 ? 158 ALA A O   1 
ATOM   1167 C  CB  . ALA A 1 158 ? 6.887   -3.903  -17.219 1.00 19.89 ? 158 ALA A CB  1 
ATOM   1168 N  N   . VAL A 1 159 ? 4.333   -2.713  -18.905 1.00 23.41 ? 159 VAL A N   1 
ATOM   1169 C  CA  . VAL A 1 159 ? 3.090   -3.020  -19.655 1.00 23.95 ? 159 VAL A CA  1 
ATOM   1170 C  C   . VAL A 1 159 ? 3.167   -2.337  -21.020 1.00 25.08 ? 159 VAL A C   1 
ATOM   1171 O  O   . VAL A 1 159 ? 2.923   -2.979  -22.071 1.00 26.95 ? 159 VAL A O   1 
ATOM   1172 C  CB  . VAL A 1 159 ? 1.796   -2.581  -18.912 1.00 24.53 ? 159 VAL A CB  1 
ATOM   1173 C  CG1 . VAL A 1 159 ? 0.567   -2.743  -19.807 1.00 25.03 ? 159 VAL A CG1 1 
ATOM   1174 C  CG2 . VAL A 1 159 ? 1.578   -3.420  -17.621 1.00 22.98 ? 159 VAL A CG2 1 
ATOM   1175 N  N   . ASP A 1 160 ? 3.544   -1.064  -21.013 1.00 25.41 ? 160 ASP A N   1 
ATOM   1176 C  CA  . ASP A 1 160 ? 3.695   -0.256  -22.230 1.00 26.33 ? 160 ASP A CA  1 
ATOM   1177 C  C   . ASP A 1 160 ? 4.584   0.934   -21.944 1.00 26.30 ? 160 ASP A C   1 
ATOM   1178 O  O   . ASP A 1 160 ? 4.438   1.566   -20.898 1.00 24.77 ? 160 ASP A O   1 
ATOM   1179 C  CB  . ASP A 1 160 ? 2.331   0.233   -22.737 1.00 26.94 ? 160 ASP A CB  1 
ATOM   1180 C  CG  . ASP A 1 160 ? 2.422   0.912   -24.094 1.00 30.11 ? 160 ASP A CG  1 
ATOM   1181 O  OD1 . ASP A 1 160 ? 2.271   0.180   -25.107 1.00 34.47 ? 160 ASP A OD1 1 
ATOM   1182 O  OD2 . ASP A 1 160 ? 2.710   2.138   -24.145 1.00 32.60 ? 160 ASP A OD2 1 
ATOM   1183 N  N   . PRO A 1 161 ? 5.516   1.269   -22.866 1.00 26.39 ? 161 PRO A N   1 
ATOM   1184 C  CA  . PRO A 1 161 ? 6.389   2.420   -22.637 1.00 26.93 ? 161 PRO A CA  1 
ATOM   1185 C  C   . PRO A 1 161 ? 5.660   3.721   -22.371 1.00 25.89 ? 161 PRO A C   1 
ATOM   1186 O  O   . PRO A 1 161 ? 6.241   4.608   -21.764 1.00 27.42 ? 161 PRO A O   1 
ATOM   1187 C  CB  . PRO A 1 161 ? 7.171   2.548   -23.958 1.00 27.53 ? 161 PRO A CB  1 
ATOM   1188 C  CG  . PRO A 1 161 ? 7.115   1.242   -24.545 1.00 28.27 ? 161 PRO A CG  1 
ATOM   1189 C  CD  . PRO A 1 161 ? 5.841   0.602   -24.144 1.00 27.41 ? 161 PRO A CD  1 
ATOM   1190 N  N   . SER A 1 162 ? 4.424   3.830   -22.868 1.00 25.05 ? 162 SER A N   1 
ATOM   1191 C  CA  . SER A 1 162 ? 3.598   5.020   -22.719 1.00 24.37 ? 162 SER A CA  1 
ATOM   1192 C  C   . SER A 1 162 ? 3.029   5.211   -21.318 1.00 22.34 ? 162 SER A C   1 
ATOM   1193 O  O   . SER A 1 162 ? 2.525   6.294   -21.008 1.00 21.73 ? 162 SER A O   1 
ATOM   1194 C  CB  . SER A 1 162 ? 2.418   5.013   -23.724 1.00 23.80 ? 162 SER A CB  1 
ATOM   1195 O  OG  . SER A 1 162 ? 1.486   3.972   -23.447 1.00 28.02 ? 162 SER A OG  1 
ATOM   1196 N  N   . LEU A 1 163 ? 3.074   4.185   -20.483 1.00 20.05 ? 163 LEU A N   1 
ATOM   1197 C  CA  . LEU A 1 163 ? 2.390   4.268   -19.171 1.00 18.43 ? 163 LEU A CA  1 
ATOM   1198 C  C   . LEU A 1 163 ? 3.390   4.612   -18.077 1.00 17.50 ? 163 LEU A C   1 
ATOM   1199 O  O   . LEU A 1 163 ? 4.544   4.248   -18.160 1.00 17.42 ? 163 LEU A O   1 
ATOM   1200 C  CB  . LEU A 1 163 ? 1.643   2.980   -18.821 1.00 17.87 ? 163 LEU A CB  1 
ATOM   1201 C  CG  . LEU A 1 163 ? 0.683   2.430   -19.885 1.00 17.85 ? 163 LEU A CG  1 
ATOM   1202 C  CD1 . LEU A 1 163 ? 0.109   1.121   -19.425 1.00 19.45 ? 163 LEU A CD1 1 
ATOM   1203 C  CD2 . LEU A 1 163 ? -0.432  3.461   -20.202 1.00 19.16 ? 163 LEU A CD2 1 
ATOM   1204 N  N   . SER A 1 164 ? 2.953   5.357   -17.078 1.00 15.39 ? 164 SER A N   1 
ATOM   1205 C  CA  . SER A 1 164 ? 3.841   5.808   -15.996 1.00 15.47 ? 164 SER A CA  1 
ATOM   1206 C  C   . SER A 1 164 ? 3.002   6.296   -14.835 1.00 14.46 ? 164 SER A C   1 
ATOM   1207 O  O   . SER A 1 164 ? 1.795   6.367   -14.923 1.00 14.24 ? 164 SER A O   1 
ATOM   1208 C  CB  . SER A 1 164 ? 4.720   6.946   -16.471 1.00 16.26 ? 164 SER A CB  1 
ATOM   1209 O  OG  . SER A 1 164 ? 3.977   8.169   -16.621 1.00 17.71 ? 164 SER A OG  1 
ATOM   1210 N  N   . ILE A 1 165 ? 3.652   6.717   -13.762 1.00 14.58 ? 165 ILE A N   1 
ATOM   1211 C  CA  A ILE A 1 165 ? 2.911   7.243   -12.601 0.50 14.63 ? 165 ILE A CA  1 
ATOM   1212 C  CA  B ILE A 1 165 ? 2.887   7.221   -12.625 0.50 14.26 ? 165 ILE A CA  1 
ATOM   1213 C  C   . ILE A 1 165 ? 2.294   8.604   -12.916 1.00 14.56 ? 165 ILE A C   1 
ATOM   1214 O  O   . ILE A 1 165 ? 1.534   9.134   -12.126 1.00 14.62 ? 165 ILE A O   1 
ATOM   1215 C  CB  A ILE A 1 165 ? 3.768   7.324   -11.295 0.50 15.19 ? 165 ILE A CB  1 
ATOM   1216 C  CB  B ILE A 1 165 ? 3.679   7.127   -11.302 0.50 14.95 ? 165 ILE A CB  1 
ATOM   1217 C  CG1 A ILE A 1 165 ? 5.224   7.675   -11.595 0.50 17.49 ? 165 ILE A CG1 1 
ATOM   1218 C  CG1 B ILE A 1 165 ? 4.914   8.043   -11.232 0.50 16.29 ? 165 ILE A CG1 1 
ATOM   1219 C  CG2 A ILE A 1 165 ? 3.641   6.006   -10.479 0.50 16.81 ? 165 ILE A CG2 1 
ATOM   1220 C  CG2 B ILE A 1 165 ? 4.083   5.656   -11.101 0.50 14.50 ? 165 ILE A CG2 1 
ATOM   1221 C  CD1 A ILE A 1 165 ? 5.582   9.096   -11.309 0.50 16.00 ? 165 ILE A CD1 1 
ATOM   1222 C  CD1 B ILE A 1 165 ? 5.105   9.060   -12.322 0.50 15.97 ? 165 ILE A CD1 1 
ATOM   1223 N  N   . ASN A 1 166 ? 2.596   9.157   -14.104 1.00 14.19 ? 166 ASN A N   1 
ATOM   1224 C  CA  . ASN A 1 166 ? 1.936   10.377  -14.534 1.00 14.06 ? 166 ASN A CA  1 
ATOM   1225 C  C   . ASN A 1 166 ? 0.724   10.118  -15.431 1.00 13.96 ? 166 ASN A C   1 
ATOM   1226 O  O   . ASN A 1 166 ? 0.066   11.074  -15.910 1.00 15.52 ? 166 ASN A O   1 
ATOM   1227 C  CB  . ASN A 1 166 ? 2.945   11.289  -15.216 1.00 15.16 ? 166 ASN A CB  1 
ATOM   1228 C  CG  . ASN A 1 166 ? 4.037   11.732  -14.248 1.00 15.81 ? 166 ASN A CG  1 
ATOM   1229 O  OD1 . ASN A 1 166 ? 3.745   12.212  -13.148 1.00 17.32 ? 166 ASN A OD1 1 
ATOM   1230 N  ND2 . ASN A 1 166 ? 5.305   11.579  -14.652 1.00 21.38 ? 166 ASN A ND2 1 
ATOM   1231 N  N   . SER A 1 167 ? 0.403   8.848   -15.653 1.00 13.58 ? 167 SER A N   1 
ATOM   1232 C  CA  . SER A 1 167 ? -0.886  8.470   -16.264 1.00 12.85 ? 167 SER A CA  1 
ATOM   1233 C  C   . SER A 1 167 ? -2.043  8.653   -15.276 1.00 13.16 ? 167 SER A C   1 
ATOM   1234 O  O   . SER A 1 167 ? -1.860  8.441   -14.088 1.00 13.22 ? 167 SER A O   1 
ATOM   1235 C  CB  . SER A 1 167 ? -0.853  7.008   -16.712 1.00 13.24 ? 167 SER A CB  1 
ATOM   1236 O  OG  . SER A 1 167 ? 0.165   6.785   -17.699 1.00 16.21 ? 167 SER A OG  1 
ATOM   1237 N  N   . THR A 1 168 ? -3.206  9.076   -15.752 1.00 12.57 ? 168 THR A N   1 
ATOM   1238 C  CA  . THR A 1 168 ? -4.398  9.069   -14.917 1.00 12.13 ? 168 THR A CA  1 
ATOM   1239 C  C   . THR A 1 168 ? -4.945  7.653   -14.742 1.00 12.32 ? 168 THR A C   1 
ATOM   1240 O  O   . THR A 1 168 ? -4.697  6.752   -15.563 1.00 12.37 ? 168 THR A O   1 
ATOM   1241 C  CB  . THR A 1 168 ? -5.512  9.983   -15.455 1.00 13.28 ? 168 THR A CB  1 
ATOM   1242 O  OG1 . THR A 1 168 ? -6.060  9.416   -16.638 1.00 14.03 ? 168 THR A OG1 1 
ATOM   1243 C  CG2 . THR A 1 168 ? -5.001  11.418  -15.707 1.00 13.76 ? 168 THR A CG2 1 
ATOM   1244 N  N   . PHE A 1 169 ? -5.736  7.448   -13.684 1.00 11.75 ? 169 PHE A N   1 
ATOM   1245 C  CA  . PHE A 1 169 ? -6.370  6.142   -13.474 1.00 12.12 ? 169 PHE A CA  1 
ATOM   1246 C  C   . PHE A 1 169 ? -7.248  5.777   -14.653 1.00 12.89 ? 169 PHE A C   1 
ATOM   1247 O  O   . PHE A 1 169 ? -7.186  4.644   -15.132 1.00 13.12 ? 169 PHE A O   1 
ATOM   1248 C  CB  . PHE A 1 169 ? -7.116  6.097   -12.135 1.00 12.69 ? 169 PHE A CB  1 
ATOM   1249 C  CG  . PHE A 1 169 ? -6.174  6.084   -10.971 1.00 11.81 ? 169 PHE A CG  1 
ATOM   1250 C  CD1 . PHE A 1 169 ? -5.553  4.897   -10.612 1.00 12.40 ? 169 PHE A CD1 1 
ATOM   1251 C  CD2 . PHE A 1 169 ? -5.910  7.231   -10.236 1.00 12.76 ? 169 PHE A CD2 1 
ATOM   1252 C  CE1 . PHE A 1 169 ? -4.672  4.839   -9.545  1.00 12.01 ? 169 PHE A CE1 1 
ATOM   1253 C  CE2 . PHE A 1 169 ? -5.009  7.177   -9.145  1.00 11.67 ? 169 PHE A CE2 1 
ATOM   1254 C  CZ  . PHE A 1 169 ? -4.399  5.979   -8.809  1.00 11.80 ? 169 PHE A CZ  1 
ATOM   1255 N  N   . ASP A 1 170 ? -7.984  6.748   -15.176 1.00 13.59 ? 170 ASP A N   1 
ATOM   1256 C  CA  . ASP A 1 170 ? -8.806  6.472   -16.353 1.00 14.65 ? 170 ASP A CA  1 
ATOM   1257 C  C   . ASP A 1 170 ? -7.954  6.085   -17.593 1.00 13.42 ? 170 ASP A C   1 
ATOM   1258 O  O   . ASP A 1 170 ? -8.336  5.198   -18.365 1.00 13.55 ? 170 ASP A O   1 
ATOM   1259 C  CB  . ASP A 1 170 ? -9.733  7.653   -16.667 1.00 16.29 ? 170 ASP A CB  1 
ATOM   1260 C  CG  . ASP A 1 170 ? -11.066 7.596   -15.903 1.00 21.84 ? 170 ASP A CG  1 
ATOM   1261 O  OD1 . ASP A 1 170 ? -11.414 6.559   -15.229 1.00 25.57 ? 170 ASP A OD1 1 
ATOM   1262 O  OD2 . ASP A 1 170 ? -11.765 8.646   -15.956 1.00 24.07 ? 170 ASP A OD2 1 
ATOM   1263 N  N   . GLN A 1 171 ? -6.789  6.709   -17.796 1.00 12.81 ? 171 GLN A N   1 
ATOM   1264 C  CA  . GLN A 1 171 ? -5.882  6.296   -18.884 1.00 13.11 ? 171 GLN A CA  1 
ATOM   1265 C  C   . GLN A 1 171 ? -5.381  4.875   -18.644 1.00 13.02 ? 171 GLN A C   1 
ATOM   1266 O  O   . GLN A 1 171 ? -5.226  4.098   -19.582 1.00 14.72 ? 171 GLN A O   1 
ATOM   1267 C  CB  . GLN A 1 171 ? -4.703  7.253   -19.066 1.00 13.41 ? 171 GLN A CB  1 
ATOM   1268 C  CG  . GLN A 1 171 ? -5.153  8.638   -19.609 1.00 14.31 ? 171 GLN A CG  1 
ATOM   1269 C  CD  . GLN A 1 171 ? -4.210  9.760   -19.314 1.00 19.19 ? 171 GLN A CD  1 
ATOM   1270 O  OE1 . GLN A 1 171 ? -3.169  9.579   -18.696 1.00 17.49 ? 171 GLN A OE1 1 
ATOM   1271 N  NE2 . GLN A 1 171 ? -4.572  10.973  -19.786 1.00 22.44 ? 171 GLN A NE2 1 
ATOM   1272 N  N   . LEU A 1 172 ? -5.109  4.542   -17.387 1.00 12.28 ? 172 LEU A N   1 
ATOM   1273 C  CA  . LEU A 1 172 ? -4.645  3.189   -17.071 1.00 12.70 ? 172 LEU A CA  1 
ATOM   1274 C  C   . LEU A 1 172 ? -5.764  2.127   -17.253 1.00 13.00 ? 172 LEU A C   1 
ATOM   1275 O  O   . LEU A 1 172 ? -5.507  0.978   -17.596 1.00 13.93 ? 172 LEU A O   1 
ATOM   1276 C  CB  . LEU A 1 172 ? -4.042  3.160   -15.676 1.00 11.97 ? 172 LEU A CB  1 
ATOM   1277 C  CG  . LEU A 1 172 ? -2.754  3.948   -15.443 1.00 14.12 ? 172 LEU A CG  1 
ATOM   1278 C  CD1 . LEU A 1 172 ? -2.395  3.764   -13.973 1.00 12.72 ? 172 LEU A CD1 1 
ATOM   1279 C  CD2 . LEU A 1 172 ? -1.609  3.510   -16.372 1.00 14.75 ? 172 LEU A CD2 1 
ATOM   1280 N  N   . ALA A 1 173 ? -7.017  2.550   -17.080 1.00 13.93 ? 173 ALA A N   1 
ATOM   1281 C  CA  . ALA A 1 173 ? -8.150  1.699   -17.297 1.00 13.62 ? 173 ALA A CA  1 
ATOM   1282 C  C   . ALA A 1 173 ? -8.280  1.424   -18.806 1.00 14.19 ? 173 ALA A C   1 
ATOM   1283 O  O   . ALA A 1 173 ? -8.513  0.274   -19.210 1.00 14.26 ? 173 ALA A O   1 
ATOM   1284 C  CB  . ALA A 1 173 ? -9.408  2.347   -16.762 1.00 14.86 ? 173 ALA A CB  1 
ATOM   1285 N  N   . ALA A 1 174 ? -8.106  2.454   -19.639 1.00 14.69 ? 174 ALA A N   1 
ATOM   1286 C  CA  . ALA A 1 174 ? -8.115  2.246   -21.096 1.00 14.75 ? 174 ALA A CA  1 
ATOM   1287 C  C   . ALA A 1 174 ? -7.032  1.238   -21.533 1.00 15.01 ? 174 ALA A C   1 
ATOM   1288 O  O   . ALA A 1 174 ? -7.270  0.378   -22.410 1.00 16.06 ? 174 ALA A O   1 
ATOM   1289 C  CB  . ALA A 1 174 ? -7.967  3.566   -21.848 1.00 14.56 ? 174 ALA A CB  1 
ATOM   1290 N  N   . ALA A 1 175 ? -5.859  1.312   -20.900 1.00 14.64 ? 175 ALA A N   1 
ATOM   1291 C  CA  . ALA A 1 175 ? -4.736  0.436   -21.195 1.00 15.03 ? 175 ALA A CA  1 
ATOM   1292 C  C   . ALA A 1 175 ? -4.944  -0.983  -20.705 1.00 15.75 ? 175 ALA A C   1 
ATOM   1293 O  O   . ALA A 1 175 ? -4.157  -1.873  -21.049 1.00 17.67 ? 175 ALA A O   1 
ATOM   1294 C  CB  . ALA A 1 175 ? -3.435  1.006   -20.583 1.00 15.67 ? 175 ALA A CB  1 
ATOM   1295 N  N   . GLY A 1 176 ? -5.964  -1.224  -19.898 1.00 16.09 ? 176 GLY A N   1 
ATOM   1296 C  CA  . GLY A 1 176 ? -6.261  -2.541  -19.392 1.00 17.16 ? 176 GLY A CA  1 
ATOM   1297 C  C   . GLY A 1 176 ? -5.640  -2.905  -18.048 1.00 16.93 ? 176 GLY A C   1 
ATOM   1298 O  O   . GLY A 1 176 ? -5.808  -4.035  -17.588 1.00 17.85 ? 176 GLY A O   1 
ATOM   1299 N  N   . VAL A 1 177 ? -4.973  -1.929  -17.429 1.00 15.78 ? 177 VAL A N   1 
ATOM   1300 C  CA  . VAL A 1 177 ? -4.279  -2.146  -16.143 1.00 15.61 ? 177 VAL A CA  1 
ATOM   1301 C  C   . VAL A 1 177 ? -5.188  -1.862  -14.953 1.00 15.44 ? 177 VAL A C   1 
ATOM   1302 O  O   . VAL A 1 177 ? -5.138  -2.583  -13.931 1.00 17.42 ? 177 VAL A O   1 
ATOM   1303 C  CB  . VAL A 1 177 ? -3.032  -1.269  -16.045 1.00 16.09 ? 177 VAL A CB  1 
ATOM   1304 C  CG1 . VAL A 1 177 ? -2.403  -1.380  -14.667 1.00 18.70 ? 177 VAL A CG1 1 
ATOM   1305 C  CG2 . VAL A 1 177 ? -2.057  -1.679  -17.105 1.00 18.38 ? 177 VAL A CG2 1 
ATOM   1306 N  N   . ALA A 1 178 ? -6.049  -0.843  -15.055 1.00 13.40 ? 178 ALA A N   1 
ATOM   1307 C  CA  . ALA A 1 178 ? -6.798  -0.380  -13.924 1.00 14.54 ? 178 ALA A CA  1 
ATOM   1308 C  C   . ALA A 1 178 ? -8.310  -0.619  -14.083 1.00 16.28 ? 178 ALA A C   1 
ATOM   1309 O  O   . ALA A 1 178 ? -8.826  -0.675  -15.213 1.00 17.40 ? 178 ALA A O   1 
ATOM   1310 C  CB  . ALA A 1 178 ? -6.514  1.108   -13.704 1.00 14.82 ? 178 ALA A CB  1 
ATOM   1311 N  N   . HIS A 1 179 ? -8.998  -0.701  -12.955 1.00 17.09 ? 179 HIS A N   1 
ATOM   1312 C  CA  . HIS A 1 179 ? -10.439 -0.882  -12.911 1.00 19.38 ? 179 HIS A CA  1 
ATOM   1313 C  C   . HIS A 1 179 ? -11.053 -0.028  -11.807 1.00 18.98 ? 179 HIS A C   1 
ATOM   1314 O  O   . HIS A 1 179 ? -10.560 -0.014  -10.676 1.00 17.33 ? 179 HIS A O   1 
ATOM   1315 C  CB  . HIS A 1 179 ? -10.771 -2.352  -12.676 1.00 21.15 ? 179 HIS A CB  1 
ATOM   1316 C  CG  . HIS A 1 179 ? -10.075 -3.275  -13.634 1.00 27.64 ? 179 HIS A CG  1 
ATOM   1317 N  ND1 . HIS A 1 179 ? -8.917  -3.958  -13.308 1.00 34.91 ? 179 HIS A ND1 1 
ATOM   1318 C  CD2 . HIS A 1 179 ? -10.336 -3.570  -14.932 1.00 33.57 ? 179 HIS A CD2 1 
ATOM   1319 C  CE1 . HIS A 1 179 ? -8.519  -4.665  -14.356 1.00 35.83 ? 179 HIS A CE1 1 
ATOM   1320 N  NE2 . HIS A 1 179 ? -9.359  -4.443  -15.356 1.00 36.69 ? 179 HIS A NE2 1 
ATOM   1321 N  N   . ALA A 1 180 ? -12.129 0.689   -12.129 1.00 19.16 ? 180 ALA A N   1 
ATOM   1322 C  CA  . ALA A 1 180 ? -12.791 1.586   -11.204 1.00 18.66 ? 180 ALA A CA  1 
ATOM   1323 C  C   . ALA A 1 180 ? -13.687 0.852   -10.229 1.00 18.86 ? 180 ALA A C   1 
ATOM   1324 O  O   . ALA A 1 180 ? -14.280 -0.175  -10.574 1.00 19.38 ? 180 ALA A O   1 
ATOM   1325 C  CB  . ALA A 1 180 ? -13.631 2.618   -11.959 1.00 18.71 ? 180 ALA A CB  1 
ATOM   1326 N  N   . THR A 1 181 ? -13.778 1.389   -9.017  1.00 19.20 ? 181 THR A N   1 
ATOM   1327 C  CA  . THR A 1 181 ? -14.720 0.934   -7.973  1.00 19.88 ? 181 THR A CA  1 
ATOM   1328 C  C   . THR A 1 181 ? -15.599 2.126   -7.554  1.00 21.35 ? 181 THR A C   1 
ATOM   1329 O  O   . THR A 1 181 ? -15.248 3.261   -7.817  1.00 20.30 ? 181 THR A O   1 
ATOM   1330 C  CB  . THR A 1 181 ? -13.959 0.383   -6.725  1.00 19.96 ? 181 THR A CB  1 
ATOM   1331 O  OG1 . THR A 1 181 ? -13.383 1.449   -5.962  1.00 22.21 ? 181 THR A OG1 1 
ATOM   1332 C  CG2 . THR A 1 181 ? -12.878 -0.570  -7.141  1.00 20.86 ? 181 THR A CG2 1 
ATOM   1333 N  N   . PRO A 1 182 ? -16.749 1.878   -6.897  1.00 23.29 ? 182 PRO A N   1 
ATOM   1334 C  CA  . PRO A 1 182 ? -17.461 3.010   -6.302  1.00 25.25 ? 182 PRO A CA  1 
ATOM   1335 C  C   . PRO A 1 182 ? -16.669 3.737   -5.191  1.00 27.76 ? 182 PRO A C   1 
ATOM   1336 O  O   . PRO A 1 182 ? -15.785 3.138   -4.539  1.00 29.69 ? 182 PRO A O   1 
ATOM   1337 C  CB  . PRO A 1 182 ? -18.722 2.356   -5.706  1.00 25.09 ? 182 PRO A CB  1 
ATOM   1338 C  CG  . PRO A 1 182 ? -18.918 1.096   -6.537  1.00 25.08 ? 182 PRO A CG  1 
ATOM   1339 C  CD  . PRO A 1 182 ? -17.517 0.623   -6.782  1.00 24.51 ? 182 PRO A CD  1 
ATOM   1340 N  N   . ALA A 1 183 ? -17.050 4.994   -4.966  1.00 30.14 ? 183 ALA A N   1 
ATOM   1341 C  CA  . ALA A 1 183 ? -16.448 5.875   -3.966  1.00 31.17 ? 183 ALA A CA  1 
ATOM   1342 C  C   . ALA A 1 183 ? -16.780 5.474   -2.528  1.00 32.56 ? 183 ALA A C   1 
ATOM   1343 O  O   . ALA A 1 183 ? -17.935 5.160   -2.213  1.00 33.64 ? 183 ALA A O   1 
ATOM   1344 C  CB  . ALA A 1 183 ? -16.921 7.282   -4.227  1.00 31.45 ? 183 ALA A CB  1 
HETATM 1345 NA NA  . NA  B 2 .   ? -11.916 9.407   10.718  1.00 19.28 ? 185 NA  A NA  1 
HETATM 1346 P  P   . PO4 C 3 .   ? -11.930 1.310   13.788  1.00 25.73 ? 186 PO4 A P   1 
HETATM 1347 O  O1  . PO4 C 3 .   ? -10.534 1.870   13.750  1.00 22.51 ? 186 PO4 A O1  1 
HETATM 1348 O  O2  . PO4 C 3 .   ? -12.937 2.376   14.213  1.00 28.82 ? 186 PO4 A O2  1 
HETATM 1349 O  O3  . PO4 C 3 .   ? -12.296 0.784   12.397  1.00 26.15 ? 186 PO4 A O3  1 
HETATM 1350 O  O4  . PO4 C 3 .   ? -11.926 0.063   14.722  1.00 27.01 ? 186 PO4 A O4  1 
HETATM 1351 O  O   . HOH D 4 .   ? 12.795  -6.728  1.963   1.00 11.66 ? 187 HOH A O   1 
HETATM 1352 O  O   . HOH D 4 .   ? -8.383  11.008  9.667   1.00 14.10 ? 188 HOH A O   1 
HETATM 1353 O  O   . HOH D 4 .   ? 5.909   10.268  0.208   1.00 18.04 ? 189 HOH A O   1 
HETATM 1354 O  O   . HOH D 4 .   ? 20.545  -13.785 14.461  1.00 14.95 ? 190 HOH A O   1 
HETATM 1355 O  O   . HOH D 4 .   ? -6.530  14.994  -14.973 1.00 16.99 ? 191 HOH A O   1 
HETATM 1356 O  O   . HOH D 4 .   ? -8.660  2.316   12.021  1.00 11.98 ? 192 HOH A O   1 
HETATM 1357 O  O   . HOH D 4 .   ? 3.405   -4.938  -14.825 1.00 17.70 ? 193 HOH A O   1 
HETATM 1358 O  O   . HOH D 4 .   ? 6.954   3.259   -0.109  1.00 12.35 ? 194 HOH A O   1 
HETATM 1359 O  O   . HOH D 4 .   ? -1.911  4.305   14.719  1.00 16.44 ? 195 HOH A O   1 
HETATM 1360 O  O   . HOH D 4 .   ? -3.281  -5.666  0.293   1.00 13.75 ? 196 HOH A O   1 
HETATM 1361 O  O   . HOH D 4 .   ? 1.594   16.107  5.625   1.00 18.42 ? 197 HOH A O   1 
HETATM 1362 O  O   . HOH D 4 .   ? -1.728  15.456  -4.820  1.00 17.38 ? 198 HOH A O   1 
HETATM 1363 O  O   . HOH D 4 .   ? 14.488  -6.763  -3.352  1.00 19.48 ? 199 HOH A O   1 
HETATM 1364 O  O   . HOH D 4 .   ? -7.238  18.393  0.245   1.00 15.82 ? 200 HOH A O   1 
HETATM 1365 O  O   . HOH D 4 .   ? 1.423   4.290   12.874  1.00 17.15 ? 201 HOH A O   1 
HETATM 1366 O  O   . HOH D 4 .   ? -9.950  -14.525 10.554  1.00 16.38 ? 202 HOH A O   1 
HETATM 1367 O  O   . HOH D 4 .   ? 15.270  -7.827  2.094   1.00 14.62 ? 203 HOH A O   1 
HETATM 1368 O  O   . HOH D 4 .   ? -4.546  -7.772  1.875   1.00 20.21 ? 204 HOH A O   1 
HETATM 1369 O  O   . HOH D 4 .   ? 2.427   -10.553 -7.091  1.00 18.08 ? 205 HOH A O   1 
HETATM 1370 O  O   . HOH D 4 .   ? 12.207  -13.163 9.624   1.00 19.46 ? 206 HOH A O   1 
HETATM 1371 O  O   . HOH D 4 .   ? -5.538  -4.096  -7.298  1.00 18.57 ? 207 HOH A O   1 
HETATM 1372 O  O   . HOH D 4 .   ? 21.540  -7.520  12.477  1.00 17.60 ? 208 HOH A O   1 
HETATM 1373 O  O   . HOH D 4 .   ? 11.351  -8.719  -6.643  1.00 19.74 ? 209 HOH A O   1 
HETATM 1374 O  O   . HOH D 4 .   ? -11.688 -2.609  13.698  1.00 17.14 ? 210 HOH A O   1 
HETATM 1375 O  O   . HOH D 4 .   ? 11.246  1.906   -5.664  1.00 16.41 ? 211 HOH A O   1 
HETATM 1376 O  O   . HOH D 4 .   ? 10.093  -1.226  -16.267 1.00 16.92 ? 212 HOH A O   1 
HETATM 1377 O  O   . HOH D 4 .   ? -12.041 -8.220  7.150   1.00 19.88 ? 213 HOH A O   1 
HETATM 1378 O  O   . HOH D 4 .   ? 9.274   5.011   0.415   1.00 16.68 ? 214 HOH A O   1 
HETATM 1379 O  O   . HOH D 4 .   ? 5.568   -14.104 14.145  1.00 18.98 ? 215 HOH A O   1 
HETATM 1380 O  O   . HOH D 4 .   ? 1.707   -7.377  14.748  1.00 23.09 ? 216 HOH A O   1 
HETATM 1381 O  O   . HOH D 4 .   ? -1.157  -13.233 0.761   1.00 24.74 ? 217 HOH A O   1 
HETATM 1382 O  O   . HOH D 4 .   ? -13.450 -6.144  8.190   1.00 19.93 ? 218 HOH A O   1 
HETATM 1383 O  O   . HOH D 4 .   ? -10.607 -16.775 11.851  1.00 20.29 ? 219 HOH A O   1 
HETATM 1384 O  O   . HOH D 4 .   ? -11.472 7.669   1.530   1.00 19.22 ? 220 HOH A O   1 
HETATM 1385 O  O   . HOH D 4 .   ? 3.774   11.514  -5.840  1.00 22.01 ? 221 HOH A O   1 
HETATM 1386 O  O   . HOH D 4 .   ? -9.164  20.149  8.845   1.00 26.19 ? 222 HOH A O   1 
HETATM 1387 O  O   . HOH D 4 .   ? 2.886   14.297  -0.299  1.00 20.34 ? 223 HOH A O   1 
HETATM 1388 O  O   . HOH D 4 .   ? -13.916 0.758   0.243   1.00 23.83 ? 224 HOH A O   1 
HETATM 1389 O  O   . HOH D 4 .   ? -4.527  5.042   -22.102 1.00 19.54 ? 225 HOH A O   1 
HETATM 1390 O  O   . HOH D 4 .   ? 16.504  -9.972  -5.008  1.00 20.15 ? 226 HOH A O   1 
HETATM 1391 O  O   . HOH D 4 .   ? 12.260  -4.294  -7.860  1.00 22.02 ? 227 HOH A O   1 
HETATM 1392 O  O   . HOH D 4 .   ? 1.530   13.232  -12.054 1.00 18.81 ? 228 HOH A O   1 
HETATM 1393 O  O   . HOH D 4 .   ? -3.140  6.030   16.516  1.00 18.86 ? 229 HOH A O   1 
HETATM 1394 O  O   . HOH D 4 .   ? -4.421  8.143   15.610  1.00 18.30 ? 230 HOH A O   1 
HETATM 1395 O  O   . HOH D 4 .   ? 12.700  0.803   -3.640  1.00 22.20 ? 231 HOH A O   1 
HETATM 1396 O  O   . HOH D 4 .   ? -11.269 9.288   8.513   1.00 20.26 ? 232 HOH A O   1 
HETATM 1397 O  O   . HOH D 4 .   ? -9.551  0.322   -4.591  1.00 26.51 ? 233 HOH A O   1 
HETATM 1398 O  O   . HOH D 4 .   ? 11.434  3.733   1.651   1.00 14.45 ? 234 HOH A O   1 
HETATM 1399 O  O   . HOH D 4 .   ? -6.599  6.792   -22.755 1.00 22.09 ? 235 HOH A O   1 
HETATM 1400 O  O   . HOH D 4 .   ? 8.047   -6.375  -9.473  1.00 19.37 ? 236 HOH A O   1 
HETATM 1401 O  O   . HOH D 4 .   ? 5.173   9.231   -3.661  1.00 24.57 ? 237 HOH A O   1 
HETATM 1402 O  O   . HOH D 4 .   ? 13.054  -0.804  -9.904  1.00 21.31 ? 238 HOH A O   1 
HETATM 1403 O  O   . HOH D 4 .   ? -7.981  11.001  -17.574 1.00 25.79 ? 239 HOH A O   1 
HETATM 1404 O  O   . HOH D 4 .   ? 8.666   7.600   -9.055  1.00 29.04 ? 240 HOH A O   1 
HETATM 1405 O  O   . HOH D 4 .   ? -9.396  16.763  0.260   1.00 26.74 ? 241 HOH A O   1 
HETATM 1406 O  O   . HOH D 4 .   ? -13.418 11.675  9.413   1.00 24.34 ? 242 HOH A O   1 
HETATM 1407 O  O   . HOH D 4 .   ? -11.465 12.229  -10.693 1.00 22.20 ? 243 HOH A O   1 
HETATM 1408 O  O   . HOH D 4 .   ? -3.390  3.008   -23.556 1.00 22.54 ? 244 HOH A O   1 
HETATM 1409 O  O   . HOH D 4 .   ? -2.439  -9.785  -1.896  1.00 23.74 ? 245 HOH A O   1 
HETATM 1410 O  O   . HOH D 4 .   ? 7.461   10.645  -3.588  1.00 30.21 ? 246 HOH A O   1 
HETATM 1411 O  O   . HOH D 4 .   ? -1.956  -9.803  -6.147  1.00 26.59 ? 247 HOH A O   1 
HETATM 1412 O  O   . HOH D 4 .   ? 21.148  -9.228  14.708  1.00 23.17 ? 248 HOH A O   1 
HETATM 1413 O  O   . HOH D 4 .   ? -1.264  -12.152 -1.742  1.00 22.71 ? 249 HOH A O   1 
HETATM 1414 O  O   . HOH D 4 .   ? 11.091  3.324   -11.099 1.00 19.96 ? 250 HOH A O   1 
HETATM 1415 O  O   . HOH D 4 .   ? 5.153   -11.395 -5.196  1.00 23.91 ? 251 HOH A O   1 
HETATM 1416 O  O   . HOH D 4 .   ? -9.918  -3.430  2.200   1.00 23.79 ? 252 HOH A O   1 
HETATM 1417 O  O   . HOH D 4 .   ? 4.516   -14.801 6.407   1.00 21.06 ? 253 HOH A O   1 
HETATM 1418 O  O   . HOH D 4 .   ? -4.714  13.888  -18.900 1.00 28.76 ? 254 HOH A O   1 
HETATM 1419 O  O   . HOH D 4 .   ? -10.214 17.362  12.323  1.00 31.86 ? 255 HOH A O   1 
HETATM 1420 O  O   . HOH D 4 .   ? 0.969   11.478  15.775  1.00 22.58 ? 256 HOH A O   1 
HETATM 1421 O  O   . HOH D 4 .   ? -6.092  2.938   19.040  1.00 21.75 ? 257 HOH A O   1 
HETATM 1422 O  O   . HOH D 4 .   ? -4.674  -12.730 3.949   1.00 29.58 ? 258 HOH A O   1 
HETATM 1423 O  O   . HOH D 4 .   ? 2.006   8.051   12.004  1.00 23.17 ? 259 HOH A O   1 
HETATM 1424 O  O   . HOH D 4 .   ? 3.938   14.112  2.250   1.00 31.36 ? 260 HOH A O   1 
HETATM 1425 O  O   . HOH D 4 .   ? 19.597  -4.511  9.576   1.00 22.58 ? 261 HOH A O   1 
HETATM 1426 O  O   . HOH D 4 .   ? -6.606  -13.796 7.305   1.00 28.25 ? 262 HOH A O   1 
HETATM 1427 O  O   . HOH D 4 .   ? -11.808 -16.198 14.152  1.00 21.39 ? 263 HOH A O   1 
HETATM 1428 O  O   . HOH D 4 .   ? 20.796  -5.143  -2.478  1.00 28.86 ? 264 HOH A O   1 
HETATM 1429 O  O   . HOH D 4 .   ? -5.397  -7.178  -3.839  1.00 31.74 ? 265 HOH A O   1 
HETATM 1430 O  O   . HOH D 4 .   ? -4.951  -8.997  14.222  1.00 26.95 ? 266 HOH A O   1 
HETATM 1431 O  O   . HOH D 4 .   ? 4.627   11.636  -1.496  1.00 31.17 ? 267 HOH A O   1 
HETATM 1432 O  O   . HOH D 4 .   ? 9.194   -3.676  -10.106 1.00 30.92 ? 268 HOH A O   1 
HETATM 1433 O  O   . HOH D 4 .   ? 1.295   16.892  -1.393  1.00 21.42 ? 269 HOH A O   1 
HETATM 1434 O  O   . HOH D 4 .   ? -9.232  17.508  8.528   1.00 17.93 ? 270 HOH A O   1 
HETATM 1435 O  O   . HOH D 4 .   ? 2.908   8.453   -18.947 1.00 28.77 ? 271 HOH A O   1 
HETATM 1436 O  O   . HOH D 4 .   ? -13.999 -7.908  10.273  1.00 21.93 ? 272 HOH A O   1 
HETATM 1437 O  O   . HOH D 4 .   ? 13.398  3.893   -0.334  1.00 29.79 ? 273 HOH A O   1 
HETATM 1438 O  O   . HOH D 4 .   ? -10.879 4.987   -19.596 1.00 28.51 ? 274 HOH A O   1 
HETATM 1439 O  O   . HOH D 4 .   ? 7.921   8.616   -14.567 1.00 32.51 ? 275 HOH A O   1 
HETATM 1440 O  O   . HOH D 4 .   ? 13.178  -13.982 13.664  1.00 30.89 ? 276 HOH A O   1 
HETATM 1441 O  O   . HOH D 4 .   ? 1.214   15.924  -6.192  1.00 28.13 ? 277 HOH A O   1 
HETATM 1442 O  O   . HOH D 4 .   ? -13.117 6.691   -2.464  1.00 25.80 ? 278 HOH A O   1 
HETATM 1443 O  O   . HOH D 4 .   ? -11.939 8.827   -1.122  1.00 26.26 ? 279 HOH A O   1 
HETATM 1444 O  O   . HOH D 4 .   ? -14.008 -2.556  6.267   1.00 25.22 ? 280 HOH A O   1 
HETATM 1445 O  O   . HOH D 4 .   ? -5.432  -1.744  17.378  1.00 27.90 ? 281 HOH A O   1 
HETATM 1446 O  O   . HOH D 4 .   ? 2.216   10.362  10.481  1.00 27.24 ? 282 HOH A O   1 
HETATM 1447 O  O   . HOH D 4 .   ? -16.304 -0.788  6.762   1.00 33.36 ? 283 HOH A O   1 
HETATM 1448 O  O   . HOH D 4 .   ? -7.974  21.244  6.994   1.00 24.60 ? 284 HOH A O   1 
HETATM 1449 O  O   . HOH D 4 .   ? -13.660 4.940   13.091  1.00 35.12 ? 285 HOH A O   1 
HETATM 1450 O  O   . HOH D 4 .   ? 0.082   -0.174  14.751  1.00 27.12 ? 286 HOH A O   1 
HETATM 1451 O  O   . HOH D 4 .   ? -3.201  -14.415 15.318  1.00 34.78 ? 287 HOH A O   1 
HETATM 1452 O  O   . HOH D 4 .   ? -7.966  -10.094 15.580  1.00 29.66 ? 288 HOH A O   1 
HETATM 1453 O  O   . HOH D 4 .   ? 10.445  -7.297  -8.629  1.00 31.54 ? 289 HOH A O   1 
HETATM 1454 O  O   . HOH D 4 .   ? -3.980  14.866  14.198  1.00 28.63 ? 290 HOH A O   1 
HETATM 1455 O  O   . HOH D 4 .   ? -1.933  15.549  -12.679 1.00 24.41 ? 291 HOH A O   1 
HETATM 1456 O  O   . HOH D 4 .   ? 6.244   10.835  4.967   1.00 31.48 ? 292 HOH A O   1 
HETATM 1457 O  O   . HOH D 4 .   ? -1.664  21.130  10.226  1.00 25.85 ? 293 HOH A O   1 
HETATM 1458 O  O   . HOH D 4 .   ? -3.123  -5.881  -15.406 1.00 30.97 ? 294 HOH A O   1 
HETATM 1459 O  O   . HOH D 4 .   ? 22.864  -4.951  12.489  1.00 32.11 ? 295 HOH A O   1 
HETATM 1460 O  O   . HOH D 4 .   ? -2.605  15.676  11.920  1.00 29.60 ? 296 HOH A O   1 
HETATM 1461 O  O   . HOH D 4 .   ? -13.271 6.043   6.540   1.00 31.68 ? 297 HOH A O   1 
HETATM 1462 O  O   . HOH D 4 .   ? 6.303   5.699   11.385  1.00 27.09 ? 298 HOH A O   1 
HETATM 1463 O  O   . HOH D 4 .   ? 9.784   7.405   -6.416  1.00 28.27 ? 299 HOH A O   1 
HETATM 1464 O  O   . HOH D 4 .   ? 1.078   18.553  0.766   1.00 32.16 ? 300 HOH A O   1 
HETATM 1465 O  O   . HOH D 4 .   ? -11.432 16.679  2.292   1.00 26.52 ? 301 HOH A O   1 
HETATM 1466 O  O   . HOH D 4 .   ? -7.583  10.920  -20.869 1.00 30.50 ? 302 HOH A O   1 
HETATM 1467 O  O   . HOH D 4 .   ? 2.477   14.597  -9.634  1.00 33.20 ? 303 HOH A O   1 
HETATM 1468 O  O   . HOH D 4 .   ? -8.812  7.134   -21.110 1.00 33.28 ? 304 HOH A O   1 
HETATM 1469 O  O   . HOH D 4 .   ? 6.188   12.360  -8.742  1.00 39.08 ? 305 HOH A O   1 
HETATM 1470 O  O   . HOH D 4 .   ? 21.062  -2.727  13.325  1.00 31.96 ? 306 HOH A O   1 
HETATM 1471 O  O   . HOH D 4 .   ? -10.121 10.529  3.746   1.00 25.08 ? 307 HOH A O   1 
HETATM 1472 O  O   . HOH D 4 .   ? -2.012  6.868   -22.057 1.00 30.08 ? 308 HOH A O   1 
HETATM 1473 O  O   . HOH D 4 .   ? -0.861  7.833   -19.951 1.00 27.93 ? 309 HOH A O   1 
HETATM 1474 O  O   . HOH D 4 .   ? -6.324  23.311  8.284   1.00 34.97 ? 310 HOH A O   1 
HETATM 1475 O  O   . HOH D 4 .   ? 12.111  4.800   -6.507  1.00 34.71 ? 311 HOH A O   1 
HETATM 1476 O  O   . HOH D 4 .   ? 3.146   5.673   11.586  1.00 25.35 ? 312 HOH A O   1 
HETATM 1477 O  O   . HOH D 4 .   ? -1.805  11.807  -17.761 1.00 28.75 ? 313 HOH A O   1 
HETATM 1478 O  O   . HOH D 4 .   ? 13.754  2.980   -2.562  1.00 28.38 ? 314 HOH A O   1 
HETATM 1479 O  O   . HOH D 4 .   ? 5.371   12.934  -10.987 1.00 33.21 ? 315 HOH A O   1 
HETATM 1480 O  O   . HOH D 4 .   ? -0.088  13.798  15.088  1.00 28.87 ? 316 HOH A O   1 
HETATM 1481 O  O   . HOH D 4 .   ? 0.622   15.211  -13.808 1.00 24.82 ? 317 HOH A O   1 
HETATM 1482 O  O   . HOH D 4 .   ? -1.452  -10.400 -15.027 1.00 36.81 ? 318 HOH A O   1 
HETATM 1483 O  O   . HOH D 4 .   ? 4.718   13.854  -2.264  1.00 31.52 ? 319 HOH A O   1 
HETATM 1484 O  O   . HOH D 4 .   ? 8.161   -15.185 -5.934  1.00 41.07 ? 320 HOH A O   1 
HETATM 1485 O  O   . HOH D 4 .   ? -3.021  -15.723 6.834   1.00 38.36 ? 321 HOH A O   1 
HETATM 1486 O  O   . HOH D 4 .   ? -10.480 -8.889  15.464  1.00 28.31 ? 322 HOH A O   1 
HETATM 1487 O  O   . HOH D 4 .   ? -12.978 0.068   -15.161 1.00 37.09 ? 323 HOH A O   1 
HETATM 1488 O  O   . HOH D 4 .   ? -9.834  -1.595  -17.280 1.00 37.61 ? 324 HOH A O   1 
HETATM 1489 O  O   . HOH D 4 .   ? -12.460 6.570   10.838  1.00 25.63 ? 325 HOH A O   1 
HETATM 1490 O  O   . HOH D 4 .   ? -5.428  -4.876  15.076  1.00 28.04 ? 326 HOH A O   1 
HETATM 1491 O  O   . HOH D 4 .   ? 0.268   13.886  -16.191 1.00 28.80 ? 327 HOH A O   1 
HETATM 1492 O  O   . HOH D 4 .   ? -8.628  -15.143 8.332   1.00 28.72 ? 328 HOH A O   1 
HETATM 1493 O  O   . HOH D 4 .   ? -10.688 10.883  -16.552 1.00 36.70 ? 329 HOH A O   1 
HETATM 1494 O  O   . HOH D 4 .   ? -13.345 4.481   -1.041  1.00 28.69 ? 330 HOH A O   1 
HETATM 1495 O  O   . HOH D 4 .   ? -7.145  -4.538  -9.509  1.00 36.14 ? 331 HOH A O   1 
HETATM 1496 O  O   . HOH D 4 .   ? 0.770   -16.513 15.915  1.00 39.18 ? 332 HOH A O   1 
HETATM 1497 O  O   . HOH D 4 .   ? -3.788  15.423  -14.960 1.00 16.58 ? 333 HOH A O   1 
HETATM 1498 O  O   . HOH D 4 .   ? -2.691  14.593  -17.319 1.00 25.93 ? 334 HOH A O   1 
HETATM 1499 O  O   . HOH D 4 .   ? -11.192 13.836  -15.691 1.00 33.44 ? 335 HOH A O   1 
HETATM 1500 O  O   . HOH D 4 .   ? -14.788 7.011   9.756   1.00 41.82 ? 336 HOH A O   1 
HETATM 1501 O  O   . HOH D 4 .   ? 5.834   11.644  2.610   1.00 34.04 ? 337 HOH A O   1 
HETATM 1502 O  O   . HOH D 4 .   ? 16.432  -3.794  -3.840  1.00 31.01 ? 338 HOH A O   1 
HETATM 1503 O  O   . HOH D 4 .   ? -12.113 13.934  2.418   1.00 30.24 ? 339 HOH A O   1 
HETATM 1504 O  O   . HOH D 4 .   ? 9.460   4.903   7.359   1.00 28.87 ? 340 HOH A O   1 
HETATM 1505 O  O   . HOH D 4 .   ? -16.880 0.037   9.620   1.00 31.90 ? 341 HOH A O   1 
HETATM 1506 O  O   . HOH D 4 .   ? -14.110 9.460   10.575  1.00 41.87 ? 342 HOH A O   1 
HETATM 1507 O  O   . HOH D 4 .   ? -15.901 9.971   12.420  1.00 43.74 ? 343 HOH A O   1 
HETATM 1508 O  O   . HOH D 4 .   ? 2.970   -12.011 -9.079  1.00 41.69 ? 344 HOH A O   1 
# 
loop_
_pdbx_poly_seq_scheme.asym_id 
_pdbx_poly_seq_scheme.entity_id 
_pdbx_poly_seq_scheme.seq_id 
_pdbx_poly_seq_scheme.mon_id 
_pdbx_poly_seq_scheme.ndb_seq_num 
_pdbx_poly_seq_scheme.pdb_seq_num 
_pdbx_poly_seq_scheme.auth_seq_num 
_pdbx_poly_seq_scheme.pdb_mon_id 
_pdbx_poly_seq_scheme.auth_mon_id 
_pdbx_poly_seq_scheme.pdb_strand_id 
_pdbx_poly_seq_scheme.pdb_ins_code 
_pdbx_poly_seq_scheme.hetero 
A 1 1   MET 1   1   ?   ?   ?   A . n 
A 1 2   SER 2   2   2   SER SER A . n 
A 1 3   ILE 3   3   3   ILE ILE A . n 
A 1 4   SER 4   4   4   SER SER A . n 
A 1 5   ILE 5   5   5   ILE ILE A . n 
A 1 6   SER 6   6   6   SER SER A . n 
A 1 7   TYR 7   7   7   TYR TYR A . n 
A 1 8   SER 8   8   8   SER SER A . n 
A 1 9   THR 9   9   9   THR THR A . n 
A 1 10  THR 10  10  10  THR THR A . n 
A 1 11  TYR 11  11  11  TYR TYR A . n 
A 1 12  SER 12  12  12  SER SER A . n 
A 1 13  GLY 13  13  13  GLY GLY A . n 
A 1 14  TRP 14  14  14  TRP TRP A . n 
A 1 15  THR 15  15  15  THR THR A . n 
A 1 16  VAL 16  16  16  VAL VAL A . n 
A 1 17  ALA 17  17  17  ALA ALA A . n 
A 1 18  ASP 18  18  18  ASP ASP A . n 
A 1 19  TYR 19  19  19  TYR TYR A . n 
A 1 20  LEU 20  20  20  LEU LEU A . n 
A 1 21  ALA 21  21  21  ALA ALA A . n 
A 1 22  ASP 22  22  22  ASP ASP A . n 
A 1 23  TRP 23  23  23  TRP TRP A . n 
A 1 24  SER 24  24  24  SER SER A . n 
A 1 25  ALA 25  25  25  ALA ALA A . n 
A 1 26  TYR 26  26  26  TYR TYR A . n 
A 1 27  PHE 27  27  27  PHE PHE A . n 
A 1 28  GLY 28  28  28  GLY GLY A . n 
A 1 29  ASP 29  29  29  ASP ASP A . n 
A 1 30  VAL 30  30  30  VAL VAL A . n 
A 1 31  ASN 31  31  31  ASN ASN A . n 
A 1 32  HIS 32  32  32  HIS HIS A . n 
A 1 33  ARG 33  33  33  ARG ARG A . n 
A 1 34  PRO 34  34  34  PRO PRO A . n 
A 1 35  GLY 35  35  35  GLY GLY A . n 
A 1 36  GLN 36  36  36  GLN GLN A . n 
A 1 37  VAL 37  37  37  VAL VAL A . n 
A 1 38  VAL 38  38  38  VAL VAL A . n 
A 1 39  ASP 39  39  39  ASP ASP A . n 
A 1 40  GLY 40  40  40  GLY GLY A . n 
A 1 41  SER 41  41  41  SER SER A . n 
A 1 42  ASN 42  42  42  ASN ASN A . n 
A 1 43  THR 43  43  43  THR THR A . n 
A 1 44  GLY 44  44  44  GLY GLY A . n 
A 1 45  GLY 45  45  45  GLY GLY A . n 
A 1 46  PHE 46  46  46  PHE PHE A . n 
A 1 47  ASN 47  47  47  ASN ASN A . n 
A 1 48  PRO 48  48  48  PRO PRO A . n 
A 1 49  GLY 49  49  49  GLY GLY A . n 
A 1 50  PRO 50  50  50  PRO PRO A . n 
A 1 51  PHE 51  51  51  PHE PHE A . n 
A 1 52  ASP 52  52  52  ASP ASP A . n 
A 1 53  GLY 53  53  53  GLY GLY A . n 
A 1 54  SER 54  54  54  SER SER A . n 
A 1 55  GLN 55  55  55  GLN GLN A . n 
A 1 56  TYR 56  56  56  TYR TYR A . n 
A 1 57  ALA 57  57  57  ALA ALA A . n 
A 1 58  LEU 58  58  58  LEU LEU A . n 
A 1 59  LYS 59  59  59  LYS LYS A . n 
A 1 60  SER 60  60  60  SER SER A . n 
A 1 61  THR 61  61  61  THR THR A . n 
A 1 62  ALA 62  62  62  ALA ALA A . n 
A 1 63  SER 63  63  63  SER SER A . n 
A 1 64  ASP 64  64  64  ASP ASP A . n 
A 1 65  ALA 65  65  65  ALA ALA A . n 
A 1 66  ALA 66  66  66  ALA ALA A . n 
A 1 67  PHE 67  67  67  PHE PHE A . n 
A 1 68  ILE 68  68  68  ILE ILE A . n 
A 1 69  ALA 69  69  69  ALA ALA A . n 
A 1 70  GLY 70  70  70  GLY GLY A . n 
A 1 71  GLY 71  71  71  GLY GLY A . n 
A 1 72  ASP 72  72  72  ASP ASP A . n 
A 1 73  LEU 73  73  73  LEU LEU A . n 
A 1 74  HIS 74  74  74  HIS HIS A . n 
A 1 75  TYR 75  75  75  TYR TYR A . n 
A 1 76  THR 76  76  76  THR THR A . n 
A 1 77  LEU 77  77  77  LEU LEU A . n 
A 1 78  PHE 78  78  78  PHE PHE A . n 
A 1 79  SER 79  79  79  SER SER A . n 
A 1 80  ASN 80  80  80  ASN ASN A . n 
A 1 81  PRO 81  81  81  PRO PRO A . n 
A 1 82  SER 82  82  82  SER SER A . n 
A 1 83  HIS 83  83  83  HIS HIS A . n 
A 1 84  THR 84  84  84  THR THR A . n 
A 1 85  LEU 85  85  85  LEU LEU A . n 
A 1 86  TRP 86  86  86  TRP TRP A . n 
A 1 87  GLY 87  87  87  GLY GLY A . n 
A 1 88  LYS 88  88  88  LYS LYS A . n 
A 1 89  LEU 89  89  89  LEU LEU A . n 
A 1 90  ASP 90  90  90  ASP ASP A . n 
A 1 91  SER 91  91  91  SER SER A . n 
A 1 92  ILE 92  92  92  ILE ILE A . n 
A 1 93  ALA 93  93  93  ALA ALA A . n 
A 1 94  LEU 94  94  94  LEU LEU A . n 
A 1 95  GLY 95  95  95  GLY GLY A . n 
A 1 96  ASP 96  96  96  ASP ASP A . n 
A 1 97  THR 97  97  97  THR THR A . n 
A 1 98  LEU 98  98  98  LEU LEU A . n 
A 1 99  THR 99  99  99  THR THR A . n 
A 1 100 GLY 100 100 100 GLY GLY A . n 
A 1 101 GLY 101 101 101 GLY GLY A . n 
A 1 102 ALA 102 102 102 ALA ALA A . n 
A 1 103 SER 103 103 103 SER SER A . n 
A 1 104 SER 104 104 104 SER SER A . n 
A 1 105 GLY 105 105 105 GLY GLY A . n 
A 1 106 GLY 106 106 106 GLY GLY A . n 
A 1 107 TYR 107 107 107 TYR TYR A . n 
A 1 108 ALA 108 108 108 ALA ALA A . n 
A 1 109 LEU 109 109 109 LEU LEU A . n 
A 1 110 ASP 110 110 110 ASP ASP A . n 
A 1 111 SER 111 111 111 SER SER A . n 
A 1 112 GLN 112 112 112 GLN GLN A . n 
A 1 113 GLU 113 113 113 GLU GLU A . n 
A 1 114 VAL 114 114 114 VAL VAL A . n 
A 1 115 SER 115 115 115 SER SER A . n 
A 1 116 PHE 116 116 116 PHE PHE A . n 
A 1 117 SER 117 117 117 SER SER A . n 
A 1 118 ASN 118 118 118 ASN ASN A . n 
A 1 119 LEU 119 119 119 LEU LEU A . n 
A 1 120 GLY 120 120 120 GLY GLY A . n 
A 1 121 LEU 121 121 121 LEU LEU A . n 
A 1 122 ASP 122 122 122 ASP ASP A . n 
A 1 123 SER 123 123 123 SER SER A . n 
A 1 124 PRO 124 124 124 PRO PRO A . n 
A 1 125 ILE 125 125 125 ILE ILE A . n 
A 1 126 ALA 126 126 126 ALA ALA A . n 
A 1 127 GLN 127 127 127 GLN GLN A . n 
A 1 128 GLY 128 128 128 GLY GLY A . n 
A 1 129 ARG 129 129 129 ARG ARG A . n 
A 1 130 ASP 130 130 130 ASP ASP A . n 
A 1 131 GLY 131 131 131 GLY GLY A . n 
A 1 132 THR 132 132 132 THR THR A . n 
A 1 133 VAL 133 133 133 VAL VAL A . n 
A 1 134 HIS 134 134 134 HIS HIS A . n 
A 1 135 LYS 135 135 135 LYS LYS A . n 
A 1 136 VAL 136 136 136 VAL VAL A . n 
A 1 137 VAL 137 137 137 VAL VAL A . n 
A 1 138 TYR 138 138 138 TYR TYR A . n 
A 1 139 GLY 139 139 139 GLY GLY A . n 
A 1 140 LEU 140 140 140 LEU LEU A . n 
A 1 141 MET 141 141 141 MET MET A . n 
A 1 142 SER 142 142 142 SER SER A . n 
A 1 143 GLY 143 143 143 GLY GLY A . n 
A 1 144 ASP 144 144 144 ASP ASP A . n 
A 1 145 SER 145 145 145 SER SER A . n 
A 1 146 SER 146 146 146 SER SER A . n 
A 1 147 ALA 147 147 147 ALA ALA A . n 
A 1 148 LEU 148 148 148 LEU LEU A . n 
A 1 149 GLN 149 149 149 GLN GLN A . n 
A 1 150 GLY 150 150 150 GLY GLY A . n 
A 1 151 GLN 151 151 151 GLN GLN A . n 
A 1 152 ILE 152 152 152 ILE ILE A . n 
A 1 153 ASP 153 153 153 ASP ASP A . n 
A 1 154 ALA 154 154 154 ALA ALA A . n 
A 1 155 LEU 155 155 155 LEU LEU A . n 
A 1 156 LEU 156 156 156 LEU LEU A . n 
A 1 157 LYS 157 157 157 LYS LYS A . n 
A 1 158 ALA 158 158 158 ALA ALA A . n 
A 1 159 VAL 159 159 159 VAL VAL A . n 
A 1 160 ASP 160 160 160 ASP ASP A . n 
A 1 161 PRO 161 161 161 PRO PRO A . n 
A 1 162 SER 162 162 162 SER SER A . n 
A 1 163 LEU 163 163 163 LEU LEU A . n 
A 1 164 SER 164 164 164 SER SER A . n 
A 1 165 ILE 165 165 165 ILE ILE A . n 
A 1 166 ASN 166 166 166 ASN ASN A . n 
A 1 167 SER 167 167 167 SER SER A . n 
A 1 168 THR 168 168 168 THR THR A . n 
A 1 169 PHE 169 169 169 PHE PHE A . n 
A 1 170 ASP 170 170 170 ASP ASP A . n 
A 1 171 GLN 171 171 171 GLN GLN A . n 
A 1 172 LEU 172 172 172 LEU LEU A . n 
A 1 173 ALA 173 173 173 ALA ALA A . n 
A 1 174 ALA 174 174 174 ALA ALA A . n 
A 1 175 ALA 175 175 175 ALA ALA A . n 
A 1 176 GLY 176 176 176 GLY GLY A . n 
A 1 177 VAL 177 177 177 VAL VAL A . n 
A 1 178 ALA 178 178 178 ALA ALA A . n 
A 1 179 HIS 179 179 179 HIS HIS A . n 
A 1 180 ALA 180 180 180 ALA ALA A . n 
A 1 181 THR 181 181 181 THR THR A . n 
A 1 182 PRO 182 182 182 PRO PRO A . n 
A 1 183 ALA 183 183 183 ALA ALA A . n 
A 1 184 ALA 184 184 ?   ?   ?   A . n 
# 
loop_
_pdbx_nonpoly_scheme.asym_id 
_pdbx_nonpoly_scheme.entity_id 
_pdbx_nonpoly_scheme.mon_id 
_pdbx_nonpoly_scheme.ndb_seq_num 
_pdbx_nonpoly_scheme.pdb_seq_num 
_pdbx_nonpoly_scheme.auth_seq_num 
_pdbx_nonpoly_scheme.pdb_mon_id 
_pdbx_nonpoly_scheme.auth_mon_id 
_pdbx_nonpoly_scheme.pdb_strand_id 
_pdbx_nonpoly_scheme.pdb_ins_code 
B 2 NA  1   185 1   NA  NA  A . 
C 3 PO4 1   186 1   PO4 PO4 A . 
D 4 HOH 1   187 1   HOH HOH A . 
D 4 HOH 2   188 2   HOH HOH A . 
D 4 HOH 3   189 3   HOH HOH A . 
D 4 HOH 4   190 4   HOH HOH A . 
D 4 HOH 5   191 5   HOH HOH A . 
D 4 HOH 6   192 6   HOH HOH A . 
D 4 HOH 7   193 7   HOH HOH A . 
D 4 HOH 8   194 8   HOH HOH A . 
D 4 HOH 9   195 9   HOH HOH A . 
D 4 HOH 10  196 10  HOH HOH A . 
D 4 HOH 11  197 11  HOH HOH A . 
D 4 HOH 12  198 12  HOH HOH A . 
D 4 HOH 13  199 13  HOH HOH A . 
D 4 HOH 14  200 14  HOH HOH A . 
D 4 HOH 15  201 15  HOH HOH A . 
D 4 HOH 16  202 16  HOH HOH A . 
D 4 HOH 17  203 17  HOH HOH A . 
D 4 HOH 18  204 18  HOH HOH A . 
D 4 HOH 19  205 19  HOH HOH A . 
D 4 HOH 20  206 20  HOH HOH A . 
D 4 HOH 21  207 21  HOH HOH A . 
D 4 HOH 22  208 22  HOH HOH A . 
D 4 HOH 23  209 23  HOH HOH A . 
D 4 HOH 24  210 24  HOH HOH A . 
D 4 HOH 25  211 25  HOH HOH A . 
D 4 HOH 26  212 26  HOH HOH A . 
D 4 HOH 27  213 27  HOH HOH A . 
D 4 HOH 28  214 28  HOH HOH A . 
D 4 HOH 29  215 29  HOH HOH A . 
D 4 HOH 30  216 30  HOH HOH A . 
D 4 HOH 31  217 31  HOH HOH A . 
D 4 HOH 32  218 32  HOH HOH A . 
D 4 HOH 33  219 33  HOH HOH A . 
D 4 HOH 34  220 34  HOH HOH A . 
D 4 HOH 35  221 35  HOH HOH A . 
D 4 HOH 36  222 36  HOH HOH A . 
D 4 HOH 37  223 37  HOH HOH A . 
D 4 HOH 38  224 38  HOH HOH A . 
D 4 HOH 39  225 39  HOH HOH A . 
D 4 HOH 40  226 40  HOH HOH A . 
D 4 HOH 41  227 41  HOH HOH A . 
D 4 HOH 42  228 42  HOH HOH A . 
D 4 HOH 43  229 43  HOH HOH A . 
D 4 HOH 44  230 44  HOH HOH A . 
D 4 HOH 45  231 45  HOH HOH A . 
D 4 HOH 46  232 46  HOH HOH A . 
D 4 HOH 47  233 47  HOH HOH A . 
D 4 HOH 48  234 48  HOH HOH A . 
D 4 HOH 49  235 49  HOH HOH A . 
D 4 HOH 50  236 50  HOH HOH A . 
D 4 HOH 51  237 51  HOH HOH A . 
D 4 HOH 52  238 52  HOH HOH A . 
D 4 HOH 53  239 53  HOH HOH A . 
D 4 HOH 54  240 54  HOH HOH A . 
D 4 HOH 55  241 55  HOH HOH A . 
D 4 HOH 56  242 56  HOH HOH A . 
D 4 HOH 57  243 57  HOH HOH A . 
D 4 HOH 58  244 58  HOH HOH A . 
D 4 HOH 59  245 59  HOH HOH A . 
D 4 HOH 60  246 60  HOH HOH A . 
D 4 HOH 61  247 61  HOH HOH A . 
D 4 HOH 62  248 62  HOH HOH A . 
D 4 HOH 63  249 63  HOH HOH A . 
D 4 HOH 64  250 64  HOH HOH A . 
D 4 HOH 65  251 65  HOH HOH A . 
D 4 HOH 66  252 66  HOH HOH A . 
D 4 HOH 67  253 67  HOH HOH A . 
D 4 HOH 68  254 68  HOH HOH A . 
D 4 HOH 69  255 69  HOH HOH A . 
D 4 HOH 70  256 70  HOH HOH A . 
D 4 HOH 71  257 71  HOH HOH A . 
D 4 HOH 72  258 72  HOH HOH A . 
D 4 HOH 73  259 73  HOH HOH A . 
D 4 HOH 74  260 74  HOH HOH A . 
D 4 HOH 75  261 75  HOH HOH A . 
D 4 HOH 76  262 76  HOH HOH A . 
D 4 HOH 77  263 77  HOH HOH A . 
D 4 HOH 78  264 78  HOH HOH A . 
D 4 HOH 79  265 79  HOH HOH A . 
D 4 HOH 80  266 80  HOH HOH A . 
D 4 HOH 81  267 81  HOH HOH A . 
D 4 HOH 82  268 82  HOH HOH A . 
D 4 HOH 83  269 83  HOH HOH A . 
D 4 HOH 84  270 84  HOH HOH A . 
D 4 HOH 85  271 85  HOH HOH A . 
D 4 HOH 86  272 86  HOH HOH A . 
D 4 HOH 87  273 87  HOH HOH A . 
D 4 HOH 88  274 88  HOH HOH A . 
D 4 HOH 89  275 89  HOH HOH A . 
D 4 HOH 90  276 90  HOH HOH A . 
D 4 HOH 91  277 91  HOH HOH A . 
D 4 HOH 92  278 92  HOH HOH A . 
D 4 HOH 93  279 93  HOH HOH A . 
D 4 HOH 94  280 94  HOH HOH A . 
D 4 HOH 95  281 95  HOH HOH A . 
D 4 HOH 96  282 96  HOH HOH A . 
D 4 HOH 97  283 97  HOH HOH A . 
D 4 HOH 98  284 98  HOH HOH A . 
D 4 HOH 99  285 99  HOH HOH A . 
D 4 HOH 100 286 100 HOH HOH A . 
D 4 HOH 101 287 101 HOH HOH A . 
D 4 HOH 102 288 102 HOH HOH A . 
D 4 HOH 103 289 103 HOH HOH A . 
D 4 HOH 104 290 104 HOH HOH A . 
D 4 HOH 105 291 105 HOH HOH A . 
D 4 HOH 106 292 106 HOH HOH A . 
D 4 HOH 107 293 107 HOH HOH A . 
D 4 HOH 108 294 108 HOH HOH A . 
D 4 HOH 109 295 109 HOH HOH A . 
D 4 HOH 110 296 110 HOH HOH A . 
D 4 HOH 111 297 111 HOH HOH A . 
D 4 HOH 112 298 112 HOH HOH A . 
D 4 HOH 113 299 113 HOH HOH A . 
D 4 HOH 114 300 114 HOH HOH A . 
D 4 HOH 115 301 115 HOH HOH A . 
D 4 HOH 116 302 116 HOH HOH A . 
D 4 HOH 117 303 117 HOH HOH A . 
D 4 HOH 118 304 118 HOH HOH A . 
D 4 HOH 119 305 119 HOH HOH A . 
D 4 HOH 120 306 120 HOH HOH A . 
D 4 HOH 121 307 121 HOH HOH A . 
D 4 HOH 122 308 122 HOH HOH A . 
D 4 HOH 123 309 123 HOH HOH A . 
D 4 HOH 124 310 124 HOH HOH A . 
D 4 HOH 125 311 125 HOH HOH A . 
D 4 HOH 126 312 126 HOH HOH A . 
D 4 HOH 127 313 127 HOH HOH A . 
D 4 HOH 128 314 128 HOH HOH A . 
D 4 HOH 129 315 129 HOH HOH A . 
D 4 HOH 130 316 130 HOH HOH A . 
D 4 HOH 131 317 131 HOH HOH A . 
D 4 HOH 132 318 132 HOH HOH A . 
D 4 HOH 133 319 133 HOH HOH A . 
D 4 HOH 134 320 134 HOH HOH A . 
D 4 HOH 135 321 135 HOH HOH A . 
D 4 HOH 136 322 136 HOH HOH A . 
D 4 HOH 137 323 137 HOH HOH A . 
D 4 HOH 138 324 138 HOH HOH A . 
D 4 HOH 139 325 139 HOH HOH A . 
D 4 HOH 140 326 140 HOH HOH A . 
D 4 HOH 141 327 141 HOH HOH A . 
D 4 HOH 142 328 142 HOH HOH A . 
D 4 HOH 143 329 143 HOH HOH A . 
D 4 HOH 144 330 144 HOH HOH A . 
D 4 HOH 145 331 145 HOH HOH A . 
D 4 HOH 146 332 146 HOH HOH A . 
D 4 HOH 147 333 147 HOH HOH A . 
D 4 HOH 148 334 148 HOH HOH A . 
D 4 HOH 149 335 149 HOH HOH A . 
D 4 HOH 150 336 150 HOH HOH A . 
D 4 HOH 151 337 151 HOH HOH A . 
D 4 HOH 152 338 152 HOH HOH A . 
D 4 HOH 153 339 153 HOH HOH A . 
D 4 HOH 154 340 154 HOH HOH A . 
D 4 HOH 155 341 155 HOH HOH A . 
D 4 HOH 156 342 156 HOH HOH A . 
D 4 HOH 157 343 157 HOH HOH A . 
D 4 HOH 158 344 158 HOH HOH A . 
# 
_pdbx_struct_assembly.id                   1 
_pdbx_struct_assembly.details              author_and_software_defined_assembly 
_pdbx_struct_assembly.method_details       PISA 
_pdbx_struct_assembly.oligomeric_details   monomeric 
_pdbx_struct_assembly.oligomeric_count     1 
# 
_pdbx_struct_assembly_gen.assembly_id       1 
_pdbx_struct_assembly_gen.oper_expression   1 
_pdbx_struct_assembly_gen.asym_id_list      A,B,C,D 
# 
_pdbx_struct_oper_list.id                   1 
_pdbx_struct_oper_list.type                 'identity operation' 
_pdbx_struct_oper_list.name                 1_555 
_pdbx_struct_oper_list.symmetry_operation   x,y,z 
_pdbx_struct_oper_list.matrix[1][1]         1.0000000000 
_pdbx_struct_oper_list.matrix[1][2]         0.0000000000 
_pdbx_struct_oper_list.matrix[1][3]         0.0000000000 
_pdbx_struct_oper_list.vector[1]            0.0000000000 
_pdbx_struct_oper_list.matrix[2][1]         0.0000000000 
_pdbx_struct_oper_list.matrix[2][2]         1.0000000000 
_pdbx_struct_oper_list.matrix[2][3]         0.0000000000 
_pdbx_struct_oper_list.vector[2]            0.0000000000 
_pdbx_struct_oper_list.matrix[3][1]         0.0000000000 
_pdbx_struct_oper_list.matrix[3][2]         0.0000000000 
_pdbx_struct_oper_list.matrix[3][3]         1.0000000000 
_pdbx_struct_oper_list.vector[3]            0.0000000000 
# 
loop_
_pdbx_struct_conn_angle.id 
_pdbx_struct_conn_angle.ptnr1_label_atom_id 
_pdbx_struct_conn_angle.ptnr1_label_alt_id 
_pdbx_struct_conn_angle.ptnr1_label_asym_id 
_pdbx_struct_conn_angle.ptnr1_label_comp_id 
_pdbx_struct_conn_angle.ptnr1_label_seq_id 
_pdbx_struct_conn_angle.ptnr1_auth_atom_id 
_pdbx_struct_conn_angle.ptnr1_auth_asym_id 
_pdbx_struct_conn_angle.ptnr1_auth_comp_id 
_pdbx_struct_conn_angle.ptnr1_auth_seq_id 
_pdbx_struct_conn_angle.ptnr1_PDB_ins_code 
_pdbx_struct_conn_angle.ptnr1_symmetry 
_pdbx_struct_conn_angle.ptnr2_label_atom_id 
_pdbx_struct_conn_angle.ptnr2_label_alt_id 
_pdbx_struct_conn_angle.ptnr2_label_asym_id 
_pdbx_struct_conn_angle.ptnr2_label_comp_id 
_pdbx_struct_conn_angle.ptnr2_label_seq_id 
_pdbx_struct_conn_angle.ptnr2_auth_atom_id 
_pdbx_struct_conn_angle.ptnr2_auth_asym_id 
_pdbx_struct_conn_angle.ptnr2_auth_comp_id 
_pdbx_struct_conn_angle.ptnr2_auth_seq_id 
_pdbx_struct_conn_angle.ptnr2_PDB_ins_code 
_pdbx_struct_conn_angle.ptnr2_symmetry 
_pdbx_struct_conn_angle.ptnr3_label_atom_id 
_pdbx_struct_conn_angle.ptnr3_label_alt_id 
_pdbx_struct_conn_angle.ptnr3_label_asym_id 
_pdbx_struct_conn_angle.ptnr3_label_comp_id 
_pdbx_struct_conn_angle.ptnr3_label_seq_id 
_pdbx_struct_conn_angle.ptnr3_auth_atom_id 
_pdbx_struct_conn_angle.ptnr3_auth_asym_id 
_pdbx_struct_conn_angle.ptnr3_auth_comp_id 
_pdbx_struct_conn_angle.ptnr3_auth_seq_id 
_pdbx_struct_conn_angle.ptnr3_PDB_ins_code 
_pdbx_struct_conn_angle.ptnr3_symmetry 
_pdbx_struct_conn_angle.value 
_pdbx_struct_conn_angle.value_esd 
1  O   ? A VAL 37 ? A VAL 37  ? 1_555 NA ? B NA . ? A NA 185 ? 1_555 OD1 ? A ASP 39 ? A ASP 39  ? 1_555 97.2  ? 
2  O   ? A VAL 37 ? A VAL 37  ? 1_555 NA ? B NA . ? A NA 185 ? 1_555 OD2 ? A ASP 64 ? A ASP 64  ? 1_555 78.4  ? 
3  OD1 ? A ASP 39 ? A ASP 39  ? 1_555 NA ? B NA . ? A NA 185 ? 1_555 OD2 ? A ASP 64 ? A ASP 64  ? 1_555 79.5  ? 
4  O   ? A VAL 37 ? A VAL 37  ? 1_555 NA ? B NA . ? A NA 185 ? 1_555 O   ? D HOH .  ? A HOH 232 ? 1_555 100.1 ? 
5  OD1 ? A ASP 39 ? A ASP 39  ? 1_555 NA ? B NA . ? A NA 185 ? 1_555 O   ? D HOH .  ? A HOH 232 ? 1_555 160.8 ? 
6  OD2 ? A ASP 64 ? A ASP 64  ? 1_555 NA ? B NA . ? A NA 185 ? 1_555 O   ? D HOH .  ? A HOH 232 ? 1_555 95.9  ? 
7  O   ? A VAL 37 ? A VAL 37  ? 1_555 NA ? B NA . ? A NA 185 ? 1_555 O   ? D HOH .  ? A HOH 242 ? 1_555 75.6  ? 
8  OD1 ? A ASP 39 ? A ASP 39  ? 1_555 NA ? B NA . ? A NA 185 ? 1_555 O   ? D HOH .  ? A HOH 242 ? 1_555 116.2 ? 
9  OD2 ? A ASP 64 ? A ASP 64  ? 1_555 NA ? B NA . ? A NA 185 ? 1_555 O   ? D HOH .  ? A HOH 242 ? 1_555 151.0 ? 
10 O   ? D HOH .  ? A HOH 232 ? 1_555 NA ? B NA . ? A NA 185 ? 1_555 O   ? D HOH .  ? A HOH 242 ? 1_555 76.4  ? 
11 O   ? A VAL 37 ? A VAL 37  ? 1_555 NA ? B NA . ? A NA 185 ? 1_555 O   ? D HOH .  ? A HOH 325 ? 1_555 152.6 ? 
12 OD1 ? A ASP 39 ? A ASP 39  ? 1_555 NA ? B NA . ? A NA 185 ? 1_555 O   ? D HOH .  ? A HOH 325 ? 1_555 68.4  ? 
13 OD2 ? A ASP 64 ? A ASP 64  ? 1_555 NA ? B NA . ? A NA 185 ? 1_555 O   ? D HOH .  ? A HOH 325 ? 1_555 76.1  ? 
14 O   ? D HOH .  ? A HOH 232 ? 1_555 NA ? B NA . ? A NA 185 ? 1_555 O   ? D HOH .  ? A HOH 325 ? 1_555 92.4  ? 
15 O   ? D HOH .  ? A HOH 242 ? 1_555 NA ? B NA . ? A NA 185 ? 1_555 O   ? D HOH .  ? A HOH 325 ? 1_555 131.5 ? 
16 O   ? A VAL 37 ? A VAL 37  ? 1_555 NA ? B NA . ? A NA 185 ? 1_555 O   ? D HOH .  ? A HOH 342 ? 1_555 119.5 ? 
17 OD1 ? A ASP 39 ? A ASP 39  ? 1_555 NA ? B NA . ? A NA 185 ? 1_555 O   ? D HOH .  ? A HOH 342 ? 1_555 75.5  ? 
18 OD2 ? A ASP 64 ? A ASP 64  ? 1_555 NA ? B NA . ? A NA 185 ? 1_555 O   ? D HOH .  ? A HOH 342 ? 1_555 150.7 ? 
19 O   ? D HOH .  ? A HOH 232 ? 1_555 NA ? B NA . ? A NA 185 ? 1_555 O   ? D HOH .  ? A HOH 342 ? 1_555 102.7 ? 
20 O   ? D HOH .  ? A HOH 242 ? 1_555 NA ? B NA . ? A NA 185 ? 1_555 O   ? D HOH .  ? A HOH 342 ? 1_555 57.1  ? 
21 O   ? D HOH .  ? A HOH 325 ? 1_555 NA ? B NA . ? A NA 185 ? 1_555 O   ? D HOH .  ? A HOH 342 ? 1_555 80.7  ? 
# 
loop_
_pdbx_audit_revision_history.ordinal 
_pdbx_audit_revision_history.data_content_type 
_pdbx_audit_revision_history.major_revision 
_pdbx_audit_revision_history.minor_revision 
_pdbx_audit_revision_history.revision_date 
1 'Structure model' 1 0 2010-07-28 
2 'Structure model' 1 1 2011-07-13 
3 'Structure model' 1 2 2017-11-08 
4 'Structure model' 1 3 2023-09-06 
# 
_pdbx_audit_revision_details.ordinal             1 
_pdbx_audit_revision_details.revision_ordinal    1 
_pdbx_audit_revision_details.data_content_type   'Structure model' 
_pdbx_audit_revision_details.provider            repository 
_pdbx_audit_revision_details.type                'Initial release' 
_pdbx_audit_revision_details.description         ? 
_pdbx_audit_revision_details.details             ? 
# 
loop_
_pdbx_audit_revision_group.ordinal 
_pdbx_audit_revision_group.revision_ordinal 
_pdbx_audit_revision_group.data_content_type 
_pdbx_audit_revision_group.group 
1 2 'Structure model' 'Version format compliance' 
2 3 'Structure model' Advisory                    
3 3 'Structure model' 'Refinement description'    
4 4 'Structure model' Advisory                    
5 4 'Structure model' 'Data collection'           
6 4 'Structure model' 'Database references'       
7 4 'Structure model' 'Derived calculations'      
8 4 'Structure model' 'Refinement description'    
# 
loop_
_pdbx_audit_revision_category.ordinal 
_pdbx_audit_revision_category.revision_ordinal 
_pdbx_audit_revision_category.data_content_type 
_pdbx_audit_revision_category.category 
1  3 'Structure model' pdbx_unobs_or_zero_occ_atoms  
2  3 'Structure model' software                      
3  4 'Structure model' chem_comp_atom                
4  4 'Structure model' chem_comp_bond                
5  4 'Structure model' database_2                    
6  4 'Structure model' pdbx_initial_refinement_model 
7  4 'Structure model' pdbx_struct_conn_angle        
8  4 'Structure model' pdbx_unobs_or_zero_occ_atoms  
9  4 'Structure model' struct_conn                   
10 4 'Structure model' struct_site                   
# 
loop_
_pdbx_audit_revision_item.ordinal 
_pdbx_audit_revision_item.revision_ordinal 
_pdbx_audit_revision_item.data_content_type 
_pdbx_audit_revision_item.item 
1  4 'Structure model' '_database_2.pdbx_DOI'                        
2  4 'Structure model' '_database_2.pdbx_database_accession'         
3  4 'Structure model' '_pdbx_struct_conn_angle.ptnr1_auth_comp_id'  
4  4 'Structure model' '_pdbx_struct_conn_angle.ptnr1_auth_seq_id'   
5  4 'Structure model' '_pdbx_struct_conn_angle.ptnr1_label_asym_id' 
6  4 'Structure model' '_pdbx_struct_conn_angle.ptnr1_label_atom_id' 
7  4 'Structure model' '_pdbx_struct_conn_angle.ptnr1_label_comp_id' 
8  4 'Structure model' '_pdbx_struct_conn_angle.ptnr1_label_seq_id'  
9  4 'Structure model' '_pdbx_struct_conn_angle.ptnr3_auth_comp_id'  
10 4 'Structure model' '_pdbx_struct_conn_angle.ptnr3_auth_seq_id'   
11 4 'Structure model' '_pdbx_struct_conn_angle.ptnr3_label_asym_id' 
12 4 'Structure model' '_pdbx_struct_conn_angle.ptnr3_label_atom_id' 
13 4 'Structure model' '_pdbx_struct_conn_angle.ptnr3_label_comp_id' 
14 4 'Structure model' '_pdbx_struct_conn_angle.ptnr3_label_seq_id'  
15 4 'Structure model' '_pdbx_struct_conn_angle.value'               
16 4 'Structure model' '_struct_conn.pdbx_dist_value'                
17 4 'Structure model' '_struct_conn.ptnr1_auth_comp_id'             
18 4 'Structure model' '_struct_conn.ptnr1_auth_seq_id'              
19 4 'Structure model' '_struct_conn.ptnr1_label_asym_id'            
20 4 'Structure model' '_struct_conn.ptnr1_label_atom_id'            
21 4 'Structure model' '_struct_conn.ptnr1_label_comp_id'            
22 4 'Structure model' '_struct_conn.ptnr1_label_seq_id'             
23 4 'Structure model' '_struct_conn.ptnr2_auth_comp_id'             
24 4 'Structure model' '_struct_conn.ptnr2_auth_seq_id'              
25 4 'Structure model' '_struct_conn.ptnr2_label_asym_id'            
26 4 'Structure model' '_struct_conn.ptnr2_label_atom_id'            
27 4 'Structure model' '_struct_conn.ptnr2_label_comp_id'            
28 4 'Structure model' '_struct_site.pdbx_auth_asym_id'              
29 4 'Structure model' '_struct_site.pdbx_auth_comp_id'              
30 4 'Structure model' '_struct_site.pdbx_auth_seq_id'               
# 
_pdbx_phasing_MR.entry_id                     3MOK 
_pdbx_phasing_MR.method_rotation              ? 
_pdbx_phasing_MR.method_translation           ? 
_pdbx_phasing_MR.model_details                ? 
_pdbx_phasing_MR.R_factor                     ? 
_pdbx_phasing_MR.R_rigid_body                 ? 
_pdbx_phasing_MR.correlation_coeff_Fo_to_Fc   ? 
_pdbx_phasing_MR.correlation_coeff_Io_to_Ic   ? 
_pdbx_phasing_MR.d_res_high_rotation          1.780 
_pdbx_phasing_MR.d_res_low_rotation           26.470 
_pdbx_phasing_MR.d_res_high_translation       1.780 
_pdbx_phasing_MR.d_res_low_translation        26.470 
_pdbx_phasing_MR.packing                      ? 
_pdbx_phasing_MR.reflns_percent_rotation      ? 
_pdbx_phasing_MR.reflns_percent_translation   ? 
_pdbx_phasing_MR.sigma_F_rotation             ? 
_pdbx_phasing_MR.sigma_F_translation          ? 
_pdbx_phasing_MR.sigma_I_rotation             ? 
_pdbx_phasing_MR.sigma_I_translation          ? 
# 
_phasing.method   MR 
# 
loop_
_software.pdbx_ordinal 
_software.name 
_software.version 
_software.date 
_software.type 
_software.contact_author 
_software.contact_author_email 
_software.classification 
_software.location 
_software.language 
_software.citation_id 
1 DENZO       .               ?               package 'Zbyszek Otwinowski' hkl@hkl-xray.com       'data reduction'  
http://www.hkl-xray.com/                     ?          ? 
2 SCALEPACK   .               ?               package 'Zbyszek Otwinowski' hkl@hkl-xray.com       'data scaling'    
http://www.hkl-xray.com/                     ?          ? 
3 MOLREP      .               ?               program 'Alexei Vaguine'     alexei@ysbl.york.ac.uk phasing           
http://www.ccp4.ac.uk/dist/html/molrep.html  Fortran_77 ? 
4 REFMAC      refmac_5.5.0109 24/04/2001      program 'Garib N. Murshudov' garib@ysbl.york.ac.uk  refinement        
http://www.ccp4.ac.uk/dist/html/refmac5.html Fortran_77 ? 
5 PDB_EXTRACT 3.100           'Jan. 22, 2010' package PDB                  help@deposit.rcsb.org  'data extraction' 
http://sw-tools.pdb.org/apps/PDB_EXTRACT/    C++        ? 
6 HKL-2000    .               ?               ?       ?                    ?                      'data reduction'  ? ?          ? 
7 HKL-2000    .               ?               ?       ?                    ?                      'data scaling'    ? ?          ? 
# 
loop_
_pdbx_validate_torsion.id 
_pdbx_validate_torsion.PDB_model_num 
_pdbx_validate_torsion.auth_comp_id 
_pdbx_validate_torsion.auth_asym_id 
_pdbx_validate_torsion.auth_seq_id 
_pdbx_validate_torsion.PDB_ins_code 
_pdbx_validate_torsion.label_alt_id 
_pdbx_validate_torsion.phi 
_pdbx_validate_torsion.psi 
1 1 ASP A 39 ? ? -148.63 23.41   
2 1 LEU A 77 ? ? 59.83   -117.57 
3 1 THR A 97 ? ? 80.43   133.48  
# 
loop_
_pdbx_unobs_or_zero_occ_atoms.id 
_pdbx_unobs_or_zero_occ_atoms.PDB_model_num 
_pdbx_unobs_or_zero_occ_atoms.polymer_flag 
_pdbx_unobs_or_zero_occ_atoms.occupancy_flag 
_pdbx_unobs_or_zero_occ_atoms.auth_asym_id 
_pdbx_unobs_or_zero_occ_atoms.auth_comp_id 
_pdbx_unobs_or_zero_occ_atoms.auth_seq_id 
_pdbx_unobs_or_zero_occ_atoms.PDB_ins_code 
_pdbx_unobs_or_zero_occ_atoms.auth_atom_id 
_pdbx_unobs_or_zero_occ_atoms.label_alt_id 
_pdbx_unobs_or_zero_occ_atoms.label_asym_id 
_pdbx_unobs_or_zero_occ_atoms.label_comp_id 
_pdbx_unobs_or_zero_occ_atoms.label_seq_id 
_pdbx_unobs_or_zero_occ_atoms.label_atom_id 
1 1 Y 0 A SER 103 ? CA A A SER 103 CA 
2 1 Y 0 A SER 103 ? CB A A SER 103 CB 
3 1 Y 0 A SER 103 ? OG A A SER 103 OG 
# 
loop_
_pdbx_unobs_or_zero_occ_residues.id 
_pdbx_unobs_or_zero_occ_residues.PDB_model_num 
_pdbx_unobs_or_zero_occ_residues.polymer_flag 
_pdbx_unobs_or_zero_occ_residues.occupancy_flag 
_pdbx_unobs_or_zero_occ_residues.auth_asym_id 
_pdbx_unobs_or_zero_occ_residues.auth_comp_id 
_pdbx_unobs_or_zero_occ_residues.auth_seq_id 
_pdbx_unobs_or_zero_occ_residues.PDB_ins_code 
_pdbx_unobs_or_zero_occ_residues.label_asym_id 
_pdbx_unobs_or_zero_occ_residues.label_comp_id 
_pdbx_unobs_or_zero_occ_residues.label_seq_id 
1 1 Y 1 A MET 1   ? A MET 1   
2 1 Y 1 A ALA 184 ? A ALA 184 
# 
loop_
_chem_comp_atom.comp_id 
_chem_comp_atom.atom_id 
_chem_comp_atom.type_symbol 
_chem_comp_atom.pdbx_aromatic_flag 
_chem_comp_atom.pdbx_stereo_config 
_chem_comp_atom.pdbx_ordinal 
ALA N    N  N N 1   
ALA CA   C  N S 2   
ALA C    C  N N 3   
ALA O    O  N N 4   
ALA CB   C  N N 5   
ALA OXT  O  N N 6   
ALA H    H  N N 7   
ALA H2   H  N N 8   
ALA HA   H  N N 9   
ALA HB1  H  N N 10  
ALA HB2  H  N N 11  
ALA HB3  H  N N 12  
ALA HXT  H  N N 13  
ARG N    N  N N 14  
ARG CA   C  N S 15  
ARG C    C  N N 16  
ARG O    O  N N 17  
ARG CB   C  N N 18  
ARG CG   C  N N 19  
ARG CD   C  N N 20  
ARG NE   N  N N 21  
ARG CZ   C  N N 22  
ARG NH1  N  N N 23  
ARG NH2  N  N N 24  
ARG OXT  O  N N 25  
ARG H    H  N N 26  
ARG H2   H  N N 27  
ARG HA   H  N N 28  
ARG HB2  H  N N 29  
ARG HB3  H  N N 30  
ARG HG2  H  N N 31  
ARG HG3  H  N N 32  
ARG HD2  H  N N 33  
ARG HD3  H  N N 34  
ARG HE   H  N N 35  
ARG HH11 H  N N 36  
ARG HH12 H  N N 37  
ARG HH21 H  N N 38  
ARG HH22 H  N N 39  
ARG HXT  H  N N 40  
ASN N    N  N N 41  
ASN CA   C  N S 42  
ASN C    C  N N 43  
ASN O    O  N N 44  
ASN CB   C  N N 45  
ASN CG   C  N N 46  
ASN OD1  O  N N 47  
ASN ND2  N  N N 48  
ASN OXT  O  N N 49  
ASN H    H  N N 50  
ASN H2   H  N N 51  
ASN HA   H  N N 52  
ASN HB2  H  N N 53  
ASN HB3  H  N N 54  
ASN HD21 H  N N 55  
ASN HD22 H  N N 56  
ASN HXT  H  N N 57  
ASP N    N  N N 58  
ASP CA   C  N S 59  
ASP C    C  N N 60  
ASP O    O  N N 61  
ASP CB   C  N N 62  
ASP CG   C  N N 63  
ASP OD1  O  N N 64  
ASP OD2  O  N N 65  
ASP OXT  O  N N 66  
ASP H    H  N N 67  
ASP H2   H  N N 68  
ASP HA   H  N N 69  
ASP HB2  H  N N 70  
ASP HB3  H  N N 71  
ASP HD2  H  N N 72  
ASP HXT  H  N N 73  
GLN N    N  N N 74  
GLN CA   C  N S 75  
GLN C    C  N N 76  
GLN O    O  N N 77  
GLN CB   C  N N 78  
GLN CG   C  N N 79  
GLN CD   C  N N 80  
GLN OE1  O  N N 81  
GLN NE2  N  N N 82  
GLN OXT  O  N N 83  
GLN H    H  N N 84  
GLN H2   H  N N 85  
GLN HA   H  N N 86  
GLN HB2  H  N N 87  
GLN HB3  H  N N 88  
GLN HG2  H  N N 89  
GLN HG3  H  N N 90  
GLN HE21 H  N N 91  
GLN HE22 H  N N 92  
GLN HXT  H  N N 93  
GLU N    N  N N 94  
GLU CA   C  N S 95  
GLU C    C  N N 96  
GLU O    O  N N 97  
GLU CB   C  N N 98  
GLU CG   C  N N 99  
GLU CD   C  N N 100 
GLU OE1  O  N N 101 
GLU OE2  O  N N 102 
GLU OXT  O  N N 103 
GLU H    H  N N 104 
GLU H2   H  N N 105 
GLU HA   H  N N 106 
GLU HB2  H  N N 107 
GLU HB3  H  N N 108 
GLU HG2  H  N N 109 
GLU HG3  H  N N 110 
GLU HE2  H  N N 111 
GLU HXT  H  N N 112 
GLY N    N  N N 113 
GLY CA   C  N N 114 
GLY C    C  N N 115 
GLY O    O  N N 116 
GLY OXT  O  N N 117 
GLY H    H  N N 118 
GLY H2   H  N N 119 
GLY HA2  H  N N 120 
GLY HA3  H  N N 121 
GLY HXT  H  N N 122 
HIS N    N  N N 123 
HIS CA   C  N S 124 
HIS C    C  N N 125 
HIS O    O  N N 126 
HIS CB   C  N N 127 
HIS CG   C  Y N 128 
HIS ND1  N  Y N 129 
HIS CD2  C  Y N 130 
HIS CE1  C  Y N 131 
HIS NE2  N  Y N 132 
HIS OXT  O  N N 133 
HIS H    H  N N 134 
HIS H2   H  N N 135 
HIS HA   H  N N 136 
HIS HB2  H  N N 137 
HIS HB3  H  N N 138 
HIS HD1  H  N N 139 
HIS HD2  H  N N 140 
HIS HE1  H  N N 141 
HIS HE2  H  N N 142 
HIS HXT  H  N N 143 
HOH O    O  N N 144 
HOH H1   H  N N 145 
HOH H2   H  N N 146 
ILE N    N  N N 147 
ILE CA   C  N S 148 
ILE C    C  N N 149 
ILE O    O  N N 150 
ILE CB   C  N S 151 
ILE CG1  C  N N 152 
ILE CG2  C  N N 153 
ILE CD1  C  N N 154 
ILE OXT  O  N N 155 
ILE H    H  N N 156 
ILE H2   H  N N 157 
ILE HA   H  N N 158 
ILE HB   H  N N 159 
ILE HG12 H  N N 160 
ILE HG13 H  N N 161 
ILE HG21 H  N N 162 
ILE HG22 H  N N 163 
ILE HG23 H  N N 164 
ILE HD11 H  N N 165 
ILE HD12 H  N N 166 
ILE HD13 H  N N 167 
ILE HXT  H  N N 168 
LEU N    N  N N 169 
LEU CA   C  N S 170 
LEU C    C  N N 171 
LEU O    O  N N 172 
LEU CB   C  N N 173 
LEU CG   C  N N 174 
LEU CD1  C  N N 175 
LEU CD2  C  N N 176 
LEU OXT  O  N N 177 
LEU H    H  N N 178 
LEU H2   H  N N 179 
LEU HA   H  N N 180 
LEU HB2  H  N N 181 
LEU HB3  H  N N 182 
LEU HG   H  N N 183 
LEU HD11 H  N N 184 
LEU HD12 H  N N 185 
LEU HD13 H  N N 186 
LEU HD21 H  N N 187 
LEU HD22 H  N N 188 
LEU HD23 H  N N 189 
LEU HXT  H  N N 190 
LYS N    N  N N 191 
LYS CA   C  N S 192 
LYS C    C  N N 193 
LYS O    O  N N 194 
LYS CB   C  N N 195 
LYS CG   C  N N 196 
LYS CD   C  N N 197 
LYS CE   C  N N 198 
LYS NZ   N  N N 199 
LYS OXT  O  N N 200 
LYS H    H  N N 201 
LYS H2   H  N N 202 
LYS HA   H  N N 203 
LYS HB2  H  N N 204 
LYS HB3  H  N N 205 
LYS HG2  H  N N 206 
LYS HG3  H  N N 207 
LYS HD2  H  N N 208 
LYS HD3  H  N N 209 
LYS HE2  H  N N 210 
LYS HE3  H  N N 211 
LYS HZ1  H  N N 212 
LYS HZ2  H  N N 213 
LYS HZ3  H  N N 214 
LYS HXT  H  N N 215 
MET N    N  N N 216 
MET CA   C  N S 217 
MET C    C  N N 218 
MET O    O  N N 219 
MET CB   C  N N 220 
MET CG   C  N N 221 
MET SD   S  N N 222 
MET CE   C  N N 223 
MET OXT  O  N N 224 
MET H    H  N N 225 
MET H2   H  N N 226 
MET HA   H  N N 227 
MET HB2  H  N N 228 
MET HB3  H  N N 229 
MET HG2  H  N N 230 
MET HG3  H  N N 231 
MET HE1  H  N N 232 
MET HE2  H  N N 233 
MET HE3  H  N N 234 
MET HXT  H  N N 235 
NA  NA   NA N N 236 
PHE N    N  N N 237 
PHE CA   C  N S 238 
PHE C    C  N N 239 
PHE O    O  N N 240 
PHE CB   C  N N 241 
PHE CG   C  Y N 242 
PHE CD1  C  Y N 243 
PHE CD2  C  Y N 244 
PHE CE1  C  Y N 245 
PHE CE2  C  Y N 246 
PHE CZ   C  Y N 247 
PHE OXT  O  N N 248 
PHE H    H  N N 249 
PHE H2   H  N N 250 
PHE HA   H  N N 251 
PHE HB2  H  N N 252 
PHE HB3  H  N N 253 
PHE HD1  H  N N 254 
PHE HD2  H  N N 255 
PHE HE1  H  N N 256 
PHE HE2  H  N N 257 
PHE HZ   H  N N 258 
PHE HXT  H  N N 259 
PO4 P    P  N N 260 
PO4 O1   O  N N 261 
PO4 O2   O  N N 262 
PO4 O3   O  N N 263 
PO4 O4   O  N N 264 
PRO N    N  N N 265 
PRO CA   C  N S 266 
PRO C    C  N N 267 
PRO O    O  N N 268 
PRO CB   C  N N 269 
PRO CG   C  N N 270 
PRO CD   C  N N 271 
PRO OXT  O  N N 272 
PRO H    H  N N 273 
PRO HA   H  N N 274 
PRO HB2  H  N N 275 
PRO HB3  H  N N 276 
PRO HG2  H  N N 277 
PRO HG3  H  N N 278 
PRO HD2  H  N N 279 
PRO HD3  H  N N 280 
PRO HXT  H  N N 281 
SER N    N  N N 282 
SER CA   C  N S 283 
SER C    C  N N 284 
SER O    O  N N 285 
SER CB   C  N N 286 
SER OG   O  N N 287 
SER OXT  O  N N 288 
SER H    H  N N 289 
SER H2   H  N N 290 
SER HA   H  N N 291 
SER HB2  H  N N 292 
SER HB3  H  N N 293 
SER HG   H  N N 294 
SER HXT  H  N N 295 
THR N    N  N N 296 
THR CA   C  N S 297 
THR C    C  N N 298 
THR O    O  N N 299 
THR CB   C  N R 300 
THR OG1  O  N N 301 
THR CG2  C  N N 302 
THR OXT  O  N N 303 
THR H    H  N N 304 
THR H2   H  N N 305 
THR HA   H  N N 306 
THR HB   H  N N 307 
THR HG1  H  N N 308 
THR HG21 H  N N 309 
THR HG22 H  N N 310 
THR HG23 H  N N 311 
THR HXT  H  N N 312 
TRP N    N  N N 313 
TRP CA   C  N S 314 
TRP C    C  N N 315 
TRP O    O  N N 316 
TRP CB   C  N N 317 
TRP CG   C  Y N 318 
TRP CD1  C  Y N 319 
TRP CD2  C  Y N 320 
TRP NE1  N  Y N 321 
TRP CE2  C  Y N 322 
TRP CE3  C  Y N 323 
TRP CZ2  C  Y N 324 
TRP CZ3  C  Y N 325 
TRP CH2  C  Y N 326 
TRP OXT  O  N N 327 
TRP H    H  N N 328 
TRP H2   H  N N 329 
TRP HA   H  N N 330 
TRP HB2  H  N N 331 
TRP HB3  H  N N 332 
TRP HD1  H  N N 333 
TRP HE1  H  N N 334 
TRP HE3  H  N N 335 
TRP HZ2  H  N N 336 
TRP HZ3  H  N N 337 
TRP HH2  H  N N 338 
TRP HXT  H  N N 339 
TYR N    N  N N 340 
TYR CA   C  N S 341 
TYR C    C  N N 342 
TYR O    O  N N 343 
TYR CB   C  N N 344 
TYR CG   C  Y N 345 
TYR CD1  C  Y N 346 
TYR CD2  C  Y N 347 
TYR CE1  C  Y N 348 
TYR CE2  C  Y N 349 
TYR CZ   C  Y N 350 
TYR OH   O  N N 351 
TYR OXT  O  N N 352 
TYR H    H  N N 353 
TYR H2   H  N N 354 
TYR HA   H  N N 355 
TYR HB2  H  N N 356 
TYR HB3  H  N N 357 
TYR HD1  H  N N 358 
TYR HD2  H  N N 359 
TYR HE1  H  N N 360 
TYR HE2  H  N N 361 
TYR HH   H  N N 362 
TYR HXT  H  N N 363 
VAL N    N  N N 364 
VAL CA   C  N S 365 
VAL C    C  N N 366 
VAL O    O  N N 367 
VAL CB   C  N N 368 
VAL CG1  C  N N 369 
VAL CG2  C  N N 370 
VAL OXT  O  N N 371 
VAL H    H  N N 372 
VAL H2   H  N N 373 
VAL HA   H  N N 374 
VAL HB   H  N N 375 
VAL HG11 H  N N 376 
VAL HG12 H  N N 377 
VAL HG13 H  N N 378 
VAL HG21 H  N N 379 
VAL HG22 H  N N 380 
VAL HG23 H  N N 381 
VAL HXT  H  N N 382 
# 
loop_
_chem_comp_bond.comp_id 
_chem_comp_bond.atom_id_1 
_chem_comp_bond.atom_id_2 
_chem_comp_bond.value_order 
_chem_comp_bond.pdbx_aromatic_flag 
_chem_comp_bond.pdbx_stereo_config 
_chem_comp_bond.pdbx_ordinal 
ALA N   CA   sing N N 1   
ALA N   H    sing N N 2   
ALA N   H2   sing N N 3   
ALA CA  C    sing N N 4   
ALA CA  CB   sing N N 5   
ALA CA  HA   sing N N 6   
ALA C   O    doub N N 7   
ALA C   OXT  sing N N 8   
ALA CB  HB1  sing N N 9   
ALA CB  HB2  sing N N 10  
ALA CB  HB3  sing N N 11  
ALA OXT HXT  sing N N 12  
ARG N   CA   sing N N 13  
ARG N   H    sing N N 14  
ARG N   H2   sing N N 15  
ARG CA  C    sing N N 16  
ARG CA  CB   sing N N 17  
ARG CA  HA   sing N N 18  
ARG C   O    doub N N 19  
ARG C   OXT  sing N N 20  
ARG CB  CG   sing N N 21  
ARG CB  HB2  sing N N 22  
ARG CB  HB3  sing N N 23  
ARG CG  CD   sing N N 24  
ARG CG  HG2  sing N N 25  
ARG CG  HG3  sing N N 26  
ARG CD  NE   sing N N 27  
ARG CD  HD2  sing N N 28  
ARG CD  HD3  sing N N 29  
ARG NE  CZ   sing N N 30  
ARG NE  HE   sing N N 31  
ARG CZ  NH1  sing N N 32  
ARG CZ  NH2  doub N N 33  
ARG NH1 HH11 sing N N 34  
ARG NH1 HH12 sing N N 35  
ARG NH2 HH21 sing N N 36  
ARG NH2 HH22 sing N N 37  
ARG OXT HXT  sing N N 38  
ASN N   CA   sing N N 39  
ASN N   H    sing N N 40  
ASN N   H2   sing N N 41  
ASN CA  C    sing N N 42  
ASN CA  CB   sing N N 43  
ASN CA  HA   sing N N 44  
ASN C   O    doub N N 45  
ASN C   OXT  sing N N 46  
ASN CB  CG   sing N N 47  
ASN CB  HB2  sing N N 48  
ASN CB  HB3  sing N N 49  
ASN CG  OD1  doub N N 50  
ASN CG  ND2  sing N N 51  
ASN ND2 HD21 sing N N 52  
ASN ND2 HD22 sing N N 53  
ASN OXT HXT  sing N N 54  
ASP N   CA   sing N N 55  
ASP N   H    sing N N 56  
ASP N   H2   sing N N 57  
ASP CA  C    sing N N 58  
ASP CA  CB   sing N N 59  
ASP CA  HA   sing N N 60  
ASP C   O    doub N N 61  
ASP C   OXT  sing N N 62  
ASP CB  CG   sing N N 63  
ASP CB  HB2  sing N N 64  
ASP CB  HB3  sing N N 65  
ASP CG  OD1  doub N N 66  
ASP CG  OD2  sing N N 67  
ASP OD2 HD2  sing N N 68  
ASP OXT HXT  sing N N 69  
GLN N   CA   sing N N 70  
GLN N   H    sing N N 71  
GLN N   H2   sing N N 72  
GLN CA  C    sing N N 73  
GLN CA  CB   sing N N 74  
GLN CA  HA   sing N N 75  
GLN C   O    doub N N 76  
GLN C   OXT  sing N N 77  
GLN CB  CG   sing N N 78  
GLN CB  HB2  sing N N 79  
GLN CB  HB3  sing N N 80  
GLN CG  CD   sing N N 81  
GLN CG  HG2  sing N N 82  
GLN CG  HG3  sing N N 83  
GLN CD  OE1  doub N N 84  
GLN CD  NE2  sing N N 85  
GLN NE2 HE21 sing N N 86  
GLN NE2 HE22 sing N N 87  
GLN OXT HXT  sing N N 88  
GLU N   CA   sing N N 89  
GLU N   H    sing N N 90  
GLU N   H2   sing N N 91  
GLU CA  C    sing N N 92  
GLU CA  CB   sing N N 93  
GLU CA  HA   sing N N 94  
GLU C   O    doub N N 95  
GLU C   OXT  sing N N 96  
GLU CB  CG   sing N N 97  
GLU CB  HB2  sing N N 98  
GLU CB  HB3  sing N N 99  
GLU CG  CD   sing N N 100 
GLU CG  HG2  sing N N 101 
GLU CG  HG3  sing N N 102 
GLU CD  OE1  doub N N 103 
GLU CD  OE2  sing N N 104 
GLU OE2 HE2  sing N N 105 
GLU OXT HXT  sing N N 106 
GLY N   CA   sing N N 107 
GLY N   H    sing N N 108 
GLY N   H2   sing N N 109 
GLY CA  C    sing N N 110 
GLY CA  HA2  sing N N 111 
GLY CA  HA3  sing N N 112 
GLY C   O    doub N N 113 
GLY C   OXT  sing N N 114 
GLY OXT HXT  sing N N 115 
HIS N   CA   sing N N 116 
HIS N   H    sing N N 117 
HIS N   H2   sing N N 118 
HIS CA  C    sing N N 119 
HIS CA  CB   sing N N 120 
HIS CA  HA   sing N N 121 
HIS C   O    doub N N 122 
HIS C   OXT  sing N N 123 
HIS CB  CG   sing N N 124 
HIS CB  HB2  sing N N 125 
HIS CB  HB3  sing N N 126 
HIS CG  ND1  sing Y N 127 
HIS CG  CD2  doub Y N 128 
HIS ND1 CE1  doub Y N 129 
HIS ND1 HD1  sing N N 130 
HIS CD2 NE2  sing Y N 131 
HIS CD2 HD2  sing N N 132 
HIS CE1 NE2  sing Y N 133 
HIS CE1 HE1  sing N N 134 
HIS NE2 HE2  sing N N 135 
HIS OXT HXT  sing N N 136 
HOH O   H1   sing N N 137 
HOH O   H2   sing N N 138 
ILE N   CA   sing N N 139 
ILE N   H    sing N N 140 
ILE N   H2   sing N N 141 
ILE CA  C    sing N N 142 
ILE CA  CB   sing N N 143 
ILE CA  HA   sing N N 144 
ILE C   O    doub N N 145 
ILE C   OXT  sing N N 146 
ILE CB  CG1  sing N N 147 
ILE CB  CG2  sing N N 148 
ILE CB  HB   sing N N 149 
ILE CG1 CD1  sing N N 150 
ILE CG1 HG12 sing N N 151 
ILE CG1 HG13 sing N N 152 
ILE CG2 HG21 sing N N 153 
ILE CG2 HG22 sing N N 154 
ILE CG2 HG23 sing N N 155 
ILE CD1 HD11 sing N N 156 
ILE CD1 HD12 sing N N 157 
ILE CD1 HD13 sing N N 158 
ILE OXT HXT  sing N N 159 
LEU N   CA   sing N N 160 
LEU N   H    sing N N 161 
LEU N   H2   sing N N 162 
LEU CA  C    sing N N 163 
LEU CA  CB   sing N N 164 
LEU CA  HA   sing N N 165 
LEU C   O    doub N N 166 
LEU C   OXT  sing N N 167 
LEU CB  CG   sing N N 168 
LEU CB  HB2  sing N N 169 
LEU CB  HB3  sing N N 170 
LEU CG  CD1  sing N N 171 
LEU CG  CD2  sing N N 172 
LEU CG  HG   sing N N 173 
LEU CD1 HD11 sing N N 174 
LEU CD1 HD12 sing N N 175 
LEU CD1 HD13 sing N N 176 
LEU CD2 HD21 sing N N 177 
LEU CD2 HD22 sing N N 178 
LEU CD2 HD23 sing N N 179 
LEU OXT HXT  sing N N 180 
LYS N   CA   sing N N 181 
LYS N   H    sing N N 182 
LYS N   H2   sing N N 183 
LYS CA  C    sing N N 184 
LYS CA  CB   sing N N 185 
LYS CA  HA   sing N N 186 
LYS C   O    doub N N 187 
LYS C   OXT  sing N N 188 
LYS CB  CG   sing N N 189 
LYS CB  HB2  sing N N 190 
LYS CB  HB3  sing N N 191 
LYS CG  CD   sing N N 192 
LYS CG  HG2  sing N N 193 
LYS CG  HG3  sing N N 194 
LYS CD  CE   sing N N 195 
LYS CD  HD2  sing N N 196 
LYS CD  HD3  sing N N 197 
LYS CE  NZ   sing N N 198 
LYS CE  HE2  sing N N 199 
LYS CE  HE3  sing N N 200 
LYS NZ  HZ1  sing N N 201 
LYS NZ  HZ2  sing N N 202 
LYS NZ  HZ3  sing N N 203 
LYS OXT HXT  sing N N 204 
MET N   CA   sing N N 205 
MET N   H    sing N N 206 
MET N   H2   sing N N 207 
MET CA  C    sing N N 208 
MET CA  CB   sing N N 209 
MET CA  HA   sing N N 210 
MET C   O    doub N N 211 
MET C   OXT  sing N N 212 
MET CB  CG   sing N N 213 
MET CB  HB2  sing N N 214 
MET CB  HB3  sing N N 215 
MET CG  SD   sing N N 216 
MET CG  HG2  sing N N 217 
MET CG  HG3  sing N N 218 
MET SD  CE   sing N N 219 
MET CE  HE1  sing N N 220 
MET CE  HE2  sing N N 221 
MET CE  HE3  sing N N 222 
MET OXT HXT  sing N N 223 
PHE N   CA   sing N N 224 
PHE N   H    sing N N 225 
PHE N   H2   sing N N 226 
PHE CA  C    sing N N 227 
PHE CA  CB   sing N N 228 
PHE CA  HA   sing N N 229 
PHE C   O    doub N N 230 
PHE C   OXT  sing N N 231 
PHE CB  CG   sing N N 232 
PHE CB  HB2  sing N N 233 
PHE CB  HB3  sing N N 234 
PHE CG  CD1  doub Y N 235 
PHE CG  CD2  sing Y N 236 
PHE CD1 CE1  sing Y N 237 
PHE CD1 HD1  sing N N 238 
PHE CD2 CE2  doub Y N 239 
PHE CD2 HD2  sing N N 240 
PHE CE1 CZ   doub Y N 241 
PHE CE1 HE1  sing N N 242 
PHE CE2 CZ   sing Y N 243 
PHE CE2 HE2  sing N N 244 
PHE CZ  HZ   sing N N 245 
PHE OXT HXT  sing N N 246 
PO4 P   O1   doub N N 247 
PO4 P   O2   sing N N 248 
PO4 P   O3   sing N N 249 
PO4 P   O4   sing N N 250 
PRO N   CA   sing N N 251 
PRO N   CD   sing N N 252 
PRO N   H    sing N N 253 
PRO CA  C    sing N N 254 
PRO CA  CB   sing N N 255 
PRO CA  HA   sing N N 256 
PRO C   O    doub N N 257 
PRO C   OXT  sing N N 258 
PRO CB  CG   sing N N 259 
PRO CB  HB2  sing N N 260 
PRO CB  HB3  sing N N 261 
PRO CG  CD   sing N N 262 
PRO CG  HG2  sing N N 263 
PRO CG  HG3  sing N N 264 
PRO CD  HD2  sing N N 265 
PRO CD  HD3  sing N N 266 
PRO OXT HXT  sing N N 267 
SER N   CA   sing N N 268 
SER N   H    sing N N 269 
SER N   H2   sing N N 270 
SER CA  C    sing N N 271 
SER CA  CB   sing N N 272 
SER CA  HA   sing N N 273 
SER C   O    doub N N 274 
SER C   OXT  sing N N 275 
SER CB  OG   sing N N 276 
SER CB  HB2  sing N N 277 
SER CB  HB3  sing N N 278 
SER OG  HG   sing N N 279 
SER OXT HXT  sing N N 280 
THR N   CA   sing N N 281 
THR N   H    sing N N 282 
THR N   H2   sing N N 283 
THR CA  C    sing N N 284 
THR CA  CB   sing N N 285 
THR CA  HA   sing N N 286 
THR C   O    doub N N 287 
THR C   OXT  sing N N 288 
THR CB  OG1  sing N N 289 
THR CB  CG2  sing N N 290 
THR CB  HB   sing N N 291 
THR OG1 HG1  sing N N 292 
THR CG2 HG21 sing N N 293 
THR CG2 HG22 sing N N 294 
THR CG2 HG23 sing N N 295 
THR OXT HXT  sing N N 296 
TRP N   CA   sing N N 297 
TRP N   H    sing N N 298 
TRP N   H2   sing N N 299 
TRP CA  C    sing N N 300 
TRP CA  CB   sing N N 301 
TRP CA  HA   sing N N 302 
TRP C   O    doub N N 303 
TRP C   OXT  sing N N 304 
TRP CB  CG   sing N N 305 
TRP CB  HB2  sing N N 306 
TRP CB  HB3  sing N N 307 
TRP CG  CD1  doub Y N 308 
TRP CG  CD2  sing Y N 309 
TRP CD1 NE1  sing Y N 310 
TRP CD1 HD1  sing N N 311 
TRP CD2 CE2  doub Y N 312 
TRP CD2 CE3  sing Y N 313 
TRP NE1 CE2  sing Y N 314 
TRP NE1 HE1  sing N N 315 
TRP CE2 CZ2  sing Y N 316 
TRP CE3 CZ3  doub Y N 317 
TRP CE3 HE3  sing N N 318 
TRP CZ2 CH2  doub Y N 319 
TRP CZ2 HZ2  sing N N 320 
TRP CZ3 CH2  sing Y N 321 
TRP CZ3 HZ3  sing N N 322 
TRP CH2 HH2  sing N N 323 
TRP OXT HXT  sing N N 324 
TYR N   CA   sing N N 325 
TYR N   H    sing N N 326 
TYR N   H2   sing N N 327 
TYR CA  C    sing N N 328 
TYR CA  CB   sing N N 329 
TYR CA  HA   sing N N 330 
TYR C   O    doub N N 331 
TYR C   OXT  sing N N 332 
TYR CB  CG   sing N N 333 
TYR CB  HB2  sing N N 334 
TYR CB  HB3  sing N N 335 
TYR CG  CD1  doub Y N 336 
TYR CG  CD2  sing Y N 337 
TYR CD1 CE1  sing Y N 338 
TYR CD1 HD1  sing N N 339 
TYR CD2 CE2  doub Y N 340 
TYR CD2 HD2  sing N N 341 
TYR CE1 CZ   doub Y N 342 
TYR CE1 HE1  sing N N 343 
TYR CE2 CZ   sing Y N 344 
TYR CE2 HE2  sing N N 345 
TYR CZ  OH   sing N N 346 
TYR OH  HH   sing N N 347 
TYR OXT HXT  sing N N 348 
VAL N   CA   sing N N 349 
VAL N   H    sing N N 350 
VAL N   H2   sing N N 351 
VAL CA  C    sing N N 352 
VAL CA  CB   sing N N 353 
VAL CA  HA   sing N N 354 
VAL C   O    doub N N 355 
VAL C   OXT  sing N N 356 
VAL CB  CG1  sing N N 357 
VAL CB  CG2  sing N N 358 
VAL CB  HB   sing N N 359 
VAL CG1 HG11 sing N N 360 
VAL CG1 HG12 sing N N 361 
VAL CG1 HG13 sing N N 362 
VAL CG2 HG21 sing N N 363 
VAL CG2 HG22 sing N N 364 
VAL CG2 HG23 sing N N 365 
VAL OXT HXT  sing N N 366 
# 
loop_
_pdbx_entity_nonpoly.entity_id 
_pdbx_entity_nonpoly.name 
_pdbx_entity_nonpoly.comp_id 
2 'SODIUM ION'    NA  
3 'PHOSPHATE ION' PO4 
4 water           HOH 
# 
_pdbx_initial_refinement_model.id               1 
_pdbx_initial_refinement_model.entity_id_list   ? 
_pdbx_initial_refinement_model.type             'experimental model' 
_pdbx_initial_refinement_model.source_name      PDB 
_pdbx_initial_refinement_model.accession_code   3ELL 
_pdbx_initial_refinement_model.details          'PDB ENTRY 3ELL' 
# 
